data_2M4N
#
_entry.id   2M4N
#
_entity_poly.entity_id   1
_entity_poly.type   'polypeptide(L)'
_entity_poly.pdbx_seq_one_letter_code
;SMFGGSLKVYGGEIVPTRPYVSILAEINENADRILGAALEKYGLEHSKDDFILVEVSNDDDRKSMSDLREIDGRPIPPTE
CPLFEMTARSGNGENGFDSFLAIKRKPH
;
_entity_poly.pdbx_strand_id   A
#
# COMPACT_ATOMS: atom_id res chain seq x y z
N SER A 1 -12.19 -17.05 4.31
CA SER A 1 -11.51 -15.78 4.06
C SER A 1 -12.24 -15.00 2.98
N MET A 2 -12.03 -13.69 2.95
CA MET A 2 -12.67 -12.84 1.97
C MET A 2 -11.71 -11.80 1.45
N PHE A 3 -11.83 -11.47 0.16
CA PHE A 3 -11.04 -10.41 -0.44
C PHE A 3 -11.40 -9.08 0.21
N GLY A 4 -12.70 -8.86 0.40
CA GLY A 4 -13.18 -7.66 1.05
C GLY A 4 -13.53 -6.56 0.06
N GLY A 5 -12.65 -6.34 -0.90
CA GLY A 5 -12.87 -5.30 -1.88
C GLY A 5 -12.36 -3.97 -1.39
N SER A 6 -11.78 -3.97 -0.22
CA SER A 6 -11.25 -2.78 0.38
C SER A 6 -9.84 -3.04 0.88
N LEU A 7 -9.00 -2.03 0.84
CA LEU A 7 -7.63 -2.18 1.26
C LEU A 7 -7.29 -1.32 2.44
N LYS A 8 -6.53 -1.89 3.35
CA LYS A 8 -6.01 -1.16 4.47
C LYS A 8 -4.75 -0.45 4.01
N VAL A 9 -4.86 0.83 3.84
CA VAL A 9 -3.80 1.62 3.28
C VAL A 9 -3.15 2.50 4.34
N TYR A 10 -1.84 2.44 4.42
CA TYR A 10 -1.09 3.20 5.40
C TYR A 10 -0.30 4.32 4.74
N GLY A 11 -0.60 5.55 5.14
CA GLY A 11 0.03 6.72 4.56
C GLY A 11 0.46 7.72 5.62
N GLY A 12 0.80 7.20 6.80
CA GLY A 12 1.19 8.06 7.92
C GLY A 12 2.39 8.95 7.62
N GLU A 13 3.27 8.48 6.76
CA GLU A 13 4.44 9.26 6.37
C GLU A 13 4.03 10.54 5.62
N ILE A 14 2.88 10.49 4.99
CA ILE A 14 2.36 11.63 4.25
C ILE A 14 1.49 12.49 5.17
N VAL A 15 0.55 11.83 5.84
CA VAL A 15 -0.35 12.51 6.75
C VAL A 15 -0.43 11.75 8.08
N PRO A 16 0.36 12.19 9.08
CA PRO A 16 0.44 11.53 10.40
C PRO A 16 -0.90 11.41 11.11
N THR A 17 -1.77 12.40 10.93
CA THR A 17 -3.08 12.40 11.59
C THR A 17 -4.03 11.33 10.98
N ARG A 18 -3.70 10.84 9.80
CA ARG A 18 -4.49 9.80 9.17
C ARG A 18 -3.56 8.71 8.64
N PRO A 19 -2.93 7.94 9.54
CA PRO A 19 -1.96 6.92 9.17
C PRO A 19 -2.59 5.76 8.41
N TYR A 20 -3.81 5.44 8.75
CA TYR A 20 -4.52 4.35 8.12
C TYR A 20 -5.80 4.83 7.48
N VAL A 21 -6.00 4.43 6.25
CA VAL A 21 -7.19 4.77 5.53
C VAL A 21 -7.70 3.55 4.78
N SER A 22 -8.95 3.55 4.48
CA SER A 22 -9.57 2.44 3.80
C SER A 22 -10.00 2.84 2.40
N ILE A 23 -9.55 2.10 1.41
CA ILE A 23 -9.88 2.43 0.03
C ILE A 23 -10.54 1.25 -0.66
N LEU A 24 -11.26 1.52 -1.72
CA LEU A 24 -11.89 0.49 -2.51
C LEU A 24 -11.00 0.15 -3.69
N ALA A 25 -10.80 -1.13 -3.93
CA ALA A 25 -9.94 -1.57 -5.03
C ALA A 25 -10.19 -3.03 -5.39
N GLU A 26 -10.29 -3.30 -6.67
CA GLU A 26 -10.41 -4.64 -7.16
C GLU A 26 -9.04 -5.18 -7.49
N ILE A 27 -8.91 -6.48 -7.58
CA ILE A 27 -7.61 -7.07 -7.84
C ILE A 27 -7.08 -6.75 -9.25
N ASN A 28 -7.98 -6.47 -10.17
CA ASN A 28 -7.59 -6.26 -11.56
C ASN A 28 -7.21 -4.80 -11.86
N GLU A 29 -7.20 -3.95 -10.84
CA GLU A 29 -6.84 -2.56 -11.06
C GLU A 29 -5.38 -2.31 -10.74
N ASN A 30 -4.76 -1.44 -11.50
CA ASN A 30 -3.35 -1.13 -11.31
C ASN A 30 -3.14 -0.23 -10.13
N ALA A 31 -1.89 -0.05 -9.75
CA ALA A 31 -1.52 0.78 -8.64
C ALA A 31 -1.95 2.22 -8.85
N ASP A 32 -2.11 2.64 -10.10
CA ASP A 32 -2.55 4.02 -10.39
C ASP A 32 -3.91 4.29 -9.77
N ARG A 33 -4.83 3.37 -9.96
CA ARG A 33 -6.15 3.49 -9.42
C ARG A 33 -6.13 3.34 -7.90
N ILE A 34 -5.37 2.37 -7.41
CA ILE A 34 -5.27 2.12 -5.98
C ILE A 34 -4.62 3.32 -5.26
N LEU A 35 -3.54 3.81 -5.85
CA LEU A 35 -2.83 4.96 -5.33
C LEU A 35 -3.71 6.19 -5.41
N GLY A 36 -4.38 6.33 -6.54
CA GLY A 36 -5.26 7.44 -6.75
C GLY A 36 -6.41 7.45 -5.79
N ALA A 37 -6.93 6.28 -5.45
CA ALA A 37 -8.02 6.16 -4.50
C ALA A 37 -7.58 6.65 -3.12
N ALA A 38 -6.46 6.14 -2.65
CA ALA A 38 -5.93 6.50 -1.34
C ALA A 38 -5.51 7.96 -1.31
N LEU A 39 -4.85 8.37 -2.36
CA LEU A 39 -4.36 9.73 -2.49
C LEU A 39 -5.53 10.71 -2.55
N GLU A 40 -6.61 10.27 -3.20
CA GLU A 40 -7.83 11.05 -3.30
C GLU A 40 -8.42 11.27 -1.91
N LYS A 41 -8.29 10.26 -1.05
CA LYS A 41 -8.79 10.36 0.32
C LYS A 41 -8.06 11.47 1.05
N TYR A 42 -6.77 11.62 0.77
CA TYR A 42 -5.99 12.68 1.36
C TYR A 42 -6.16 13.99 0.57
N GLY A 43 -6.83 13.90 -0.57
CA GLY A 43 -7.07 15.08 -1.40
C GLY A 43 -5.80 15.59 -2.05
N LEU A 44 -4.86 14.69 -2.31
CA LEU A 44 -3.58 15.07 -2.87
C LEU A 44 -3.32 14.40 -4.21
N GLU A 45 -4.39 14.00 -4.93
CA GLU A 45 -4.23 13.26 -6.18
C GLU A 45 -3.42 14.03 -7.24
N HIS A 46 -3.49 15.35 -7.18
CA HIS A 46 -2.75 16.19 -8.12
C HIS A 46 -1.25 16.00 -7.98
N SER A 47 -0.82 15.60 -6.80
CA SER A 47 0.58 15.40 -6.49
C SER A 47 0.95 13.90 -6.54
N LYS A 48 0.25 13.15 -7.40
CA LYS A 48 0.42 11.69 -7.46
C LYS A 48 1.83 11.27 -7.84
N ASP A 49 2.49 11.99 -8.73
CA ASP A 49 3.83 11.61 -9.20
C ASP A 49 4.85 11.61 -8.07
N ASP A 50 4.52 12.29 -6.99
CA ASP A 50 5.41 12.38 -5.84
C ASP A 50 5.28 11.14 -4.95
N PHE A 51 4.28 10.29 -5.24
CA PHE A 51 4.04 9.13 -4.41
C PHE A 51 3.87 7.86 -5.25
N ILE A 52 4.24 6.74 -4.66
CA ILE A 52 4.06 5.42 -5.28
C ILE A 52 3.63 4.43 -4.21
N LEU A 53 3.26 3.25 -4.61
CA LEU A 53 2.81 2.25 -3.66
C LEU A 53 3.92 1.28 -3.37
N VAL A 54 4.01 0.87 -2.13
CA VAL A 54 5.02 -0.06 -1.70
C VAL A 54 4.43 -1.17 -0.86
N GLU A 55 4.85 -2.39 -1.12
CA GLU A 55 4.38 -3.53 -0.36
C GLU A 55 5.24 -3.70 0.86
N VAL A 56 4.63 -3.57 2.00
CA VAL A 56 5.34 -3.70 3.25
C VAL A 56 4.90 -4.97 3.93
N SER A 57 5.84 -5.80 4.26
CA SER A 57 5.53 -7.02 4.93
C SER A 57 5.45 -6.78 6.41
N ASN A 58 4.58 -7.50 7.06
CA ASN A 58 4.37 -7.35 8.48
C ASN A 58 5.65 -7.68 9.26
N ASP A 59 6.40 -8.66 8.78
CA ASP A 59 7.62 -9.12 9.44
C ASP A 59 8.89 -8.41 8.95
N ASP A 60 8.75 -7.30 8.22
CA ASP A 60 9.94 -6.57 7.73
C ASP A 60 10.70 -5.90 8.85
N ASP A 61 10.15 -5.96 10.06
CA ASP A 61 10.78 -5.36 11.24
C ASP A 61 12.11 -6.06 11.56
N ARG A 62 12.23 -7.31 11.12
CA ARG A 62 13.47 -8.07 11.30
C ARG A 62 14.54 -7.58 10.33
N LYS A 63 14.12 -7.33 9.10
CA LYS A 63 14.99 -6.89 8.02
C LYS A 63 15.52 -5.49 8.30
N SER A 64 14.61 -4.63 8.66
CA SER A 64 14.93 -3.26 8.92
C SER A 64 14.33 -2.84 10.25
N MET A 65 15.12 -2.16 11.05
CA MET A 65 14.65 -1.70 12.34
C MET A 65 13.73 -0.49 12.17
N SER A 66 13.51 -0.12 10.91
CA SER A 66 12.62 0.96 10.55
C SER A 66 11.17 0.61 10.92
N ASP A 67 10.91 -0.70 11.01
CA ASP A 67 9.59 -1.23 11.35
C ASP A 67 8.57 -0.85 10.29
N LEU A 68 7.31 -0.97 10.63
CA LEU A 68 6.24 -0.62 9.72
C LEU A 68 5.97 0.89 9.82
N ARG A 69 6.67 1.53 10.75
CA ARG A 69 6.49 2.97 11.03
C ARG A 69 6.86 3.86 9.86
N GLU A 70 8.09 3.71 9.35
CA GLU A 70 8.56 4.57 8.27
C GLU A 70 8.22 3.98 6.90
N ILE A 71 7.77 2.73 6.91
CA ILE A 71 7.43 2.01 5.68
C ILE A 71 8.68 1.66 4.86
N ASP A 72 8.80 0.41 4.56
CA ASP A 72 9.88 -0.09 3.71
C ASP A 72 9.36 -1.26 2.92
N GLY A 73 9.44 -1.19 1.61
CA GLY A 73 8.91 -2.25 0.79
C GLY A 73 9.36 -2.15 -0.64
N ARG A 74 8.80 -2.98 -1.50
CA ARG A 74 9.18 -2.99 -2.89
C ARG A 74 8.44 -1.89 -3.64
N PRO A 75 9.15 -1.11 -4.47
CA PRO A 75 8.54 -0.03 -5.26
C PRO A 75 7.54 -0.57 -6.27
N ILE A 76 6.31 -0.13 -6.16
CA ILE A 76 5.27 -0.53 -7.07
C ILE A 76 4.67 0.68 -7.76
N PRO A 77 5.14 0.95 -8.99
CA PRO A 77 4.64 2.05 -9.81
C PRO A 77 3.16 1.89 -10.18
N PRO A 78 2.51 3.00 -10.55
CA PRO A 78 1.07 3.04 -10.88
C PRO A 78 0.67 2.04 -11.97
N THR A 79 1.59 1.74 -12.86
CA THR A 79 1.29 0.86 -13.98
C THR A 79 1.34 -0.64 -13.61
N GLU A 80 1.66 -0.95 -12.37
CA GLU A 80 1.70 -2.34 -11.92
C GLU A 80 0.49 -2.67 -11.05
N CYS A 81 -0.04 -3.89 -11.19
CA CYS A 81 -1.15 -4.35 -10.36
C CYS A 81 -0.66 -5.36 -9.30
N PRO A 82 -0.31 -4.87 -8.10
CA PRO A 82 0.30 -5.70 -7.03
C PRO A 82 -0.64 -6.75 -6.42
N LEU A 83 -1.94 -6.53 -6.51
CA LEU A 83 -2.92 -7.40 -5.86
C LEU A 83 -2.88 -8.83 -6.39
N PHE A 84 -2.47 -8.98 -7.64
CA PHE A 84 -2.36 -10.29 -8.26
C PHE A 84 -1.43 -11.19 -7.47
N GLU A 85 -0.27 -10.69 -7.15
CA GLU A 85 0.71 -11.44 -6.41
C GLU A 85 0.33 -11.55 -4.93
N MET A 86 -0.23 -10.48 -4.40
CA MET A 86 -0.66 -10.44 -3.00
C MET A 86 -1.71 -11.52 -2.72
N THR A 87 -2.84 -11.42 -3.38
CA THR A 87 -3.95 -12.32 -3.16
C THR A 87 -3.63 -13.76 -3.59
N ALA A 88 -2.68 -13.91 -4.54
CA ALA A 88 -2.28 -15.22 -5.03
C ALA A 88 -1.76 -16.11 -3.90
N ARG A 89 -0.68 -15.68 -3.27
CA ARG A 89 -0.13 -16.41 -2.14
C ARG A 89 -1.08 -16.31 -0.94
N SER A 90 -1.61 -15.11 -0.74
CA SER A 90 -2.55 -14.78 0.34
C SER A 90 -2.05 -15.16 1.73
N GLY A 91 -0.74 -15.25 1.87
CA GLY A 91 -0.16 -15.55 3.14
C GLY A 91 1.32 -15.31 3.12
N ASN A 92 1.95 -15.40 4.29
CA ASN A 92 3.40 -15.23 4.44
C ASN A 92 3.83 -13.80 4.15
N GLY A 93 4.22 -13.08 5.20
CA GLY A 93 4.67 -11.71 5.05
C GLY A 93 5.94 -11.61 4.23
N GLU A 94 5.78 -11.37 2.95
CA GLU A 94 6.87 -11.30 2.01
C GLU A 94 6.32 -10.92 0.64
N ASN A 95 5.63 -11.87 0.05
CA ASN A 95 5.00 -11.69 -1.23
C ASN A 95 3.65 -12.36 -1.19
N GLY A 96 2.77 -11.78 -0.40
CA GLY A 96 1.46 -12.34 -0.23
C GLY A 96 0.50 -11.35 0.36
N PHE A 97 -0.67 -11.83 0.74
CA PHE A 97 -1.72 -10.98 1.25
C PHE A 97 -1.52 -10.71 2.74
N ASP A 98 -0.48 -11.32 3.31
CA ASP A 98 -0.09 -11.03 4.68
C ASP A 98 0.73 -9.75 4.72
N SER A 99 1.04 -9.26 3.53
CA SER A 99 1.73 -8.00 3.36
C SER A 99 0.70 -6.96 3.01
N PHE A 100 0.93 -5.73 3.39
CA PHE A 100 -0.02 -4.69 3.07
C PHE A 100 0.58 -3.73 2.08
N LEU A 101 -0.26 -2.93 1.49
CA LEU A 101 0.17 -1.99 0.51
C LEU A 101 0.09 -0.59 1.08
N ALA A 102 1.21 0.10 1.10
CA ALA A 102 1.28 1.43 1.67
C ALA A 102 1.76 2.43 0.64
N ILE A 103 1.75 3.69 1.01
CA ILE A 103 2.17 4.74 0.09
C ILE A 103 3.52 5.31 0.54
N LYS A 104 4.44 5.39 -0.39
CA LYS A 104 5.76 5.93 -0.11
C LYS A 104 6.03 7.07 -1.04
N ARG A 105 6.95 7.90 -0.69
CA ARG A 105 7.33 8.95 -1.57
C ARG A 105 8.30 8.43 -2.60
N LYS A 106 7.87 8.48 -3.83
CA LYS A 106 8.68 8.08 -4.97
C LYS A 106 10.09 8.74 -4.97
N PRO A 107 10.15 10.05 -4.91
CA PRO A 107 11.41 10.78 -4.83
C PRO A 107 11.97 10.75 -3.42
N HIS A 108 13.26 10.87 -3.30
CA HIS A 108 13.92 10.83 -2.00
C HIS A 108 14.92 11.95 -1.88
N SER A 1 -10.05 -16.03 2.56
CA SER A 1 -9.56 -16.75 1.37
C SER A 1 -10.06 -16.09 0.08
N MET A 2 -10.86 -15.04 0.22
CA MET A 2 -11.40 -14.32 -0.92
C MET A 2 -10.85 -12.90 -0.96
N PHE A 3 -11.20 -12.18 -2.00
CA PHE A 3 -10.77 -10.81 -2.14
C PHE A 3 -11.73 -9.89 -1.40
N GLY A 4 -11.22 -9.17 -0.41
CA GLY A 4 -12.04 -8.31 0.42
C GLY A 4 -12.65 -7.13 -0.32
N GLY A 5 -11.91 -6.56 -1.24
CA GLY A 5 -12.40 -5.41 -1.98
C GLY A 5 -11.95 -4.11 -1.34
N SER A 6 -12.11 -4.02 -0.04
CA SER A 6 -11.67 -2.87 0.70
C SER A 6 -10.30 -3.14 1.28
N LEU A 7 -9.43 -2.16 1.23
CA LEU A 7 -8.09 -2.33 1.73
C LEU A 7 -7.72 -1.33 2.79
N LYS A 8 -7.00 -1.80 3.78
CA LYS A 8 -6.44 -0.96 4.80
C LYS A 8 -5.13 -0.43 4.26
N VAL A 9 -5.12 0.83 3.95
CA VAL A 9 -3.99 1.42 3.27
C VAL A 9 -3.27 2.43 4.16
N TYR A 10 -1.96 2.29 4.22
CA TYR A 10 -1.14 3.14 5.05
C TYR A 10 -0.72 4.40 4.30
N GLY A 11 -1.09 5.54 4.86
CA GLY A 11 -0.83 6.83 4.25
C GLY A 11 0.17 7.62 5.05
N GLY A 12 1.09 6.91 5.70
CA GLY A 12 2.10 7.53 6.53
C GLY A 12 2.90 8.60 5.81
N GLU A 13 3.62 9.40 6.59
CA GLU A 13 4.39 10.56 6.10
C GLU A 13 3.45 11.69 5.68
N ILE A 14 2.43 11.36 4.91
CA ILE A 14 1.47 12.33 4.42
C ILE A 14 0.71 13.00 5.58
N VAL A 15 0.17 12.19 6.49
CA VAL A 15 -0.58 12.70 7.63
C VAL A 15 -0.30 11.86 8.89
N PRO A 16 0.40 12.44 9.88
CA PRO A 16 0.75 11.72 11.11
C PRO A 16 -0.47 11.37 11.99
N THR A 17 -1.56 12.11 11.84
CA THR A 17 -2.75 11.84 12.63
C THR A 17 -3.69 10.87 11.90
N ARG A 18 -3.29 10.45 10.71
CA ARG A 18 -4.08 9.52 9.93
C ARG A 18 -3.16 8.59 9.12
N PRO A 19 -2.51 7.64 9.80
CA PRO A 19 -1.61 6.69 9.16
C PRO A 19 -2.33 5.67 8.28
N TYR A 20 -3.62 5.47 8.55
CA TYR A 20 -4.39 4.49 7.79
C TYR A 20 -5.70 5.05 7.27
N VAL A 21 -6.04 4.62 6.08
CA VAL A 21 -7.29 4.98 5.43
C VAL A 21 -7.83 3.74 4.74
N SER A 22 -9.10 3.76 4.44
CA SER A 22 -9.74 2.62 3.81
C SER A 22 -10.08 2.94 2.36
N ILE A 23 -9.76 2.04 1.45
CA ILE A 23 -10.03 2.26 0.05
C ILE A 23 -10.77 1.09 -0.54
N LEU A 24 -11.37 1.32 -1.69
CA LEU A 24 -12.03 0.26 -2.42
C LEU A 24 -11.27 0.01 -3.71
N ALA A 25 -10.84 -1.21 -3.91
CA ALA A 25 -10.06 -1.55 -5.08
C ALA A 25 -10.48 -2.89 -5.65
N GLU A 26 -10.27 -3.06 -6.93
CA GLU A 26 -10.57 -4.29 -7.61
C GLU A 26 -9.27 -4.96 -8.00
N ILE A 27 -9.24 -6.28 -7.98
CA ILE A 27 -8.00 -7.01 -8.28
C ILE A 27 -7.56 -6.86 -9.73
N ASN A 28 -8.51 -6.63 -10.61
CA ASN A 28 -8.21 -6.48 -12.03
C ASN A 28 -7.85 -5.03 -12.37
N GLU A 29 -7.57 -4.25 -11.34
CA GLU A 29 -7.22 -2.86 -11.52
C GLU A 29 -5.74 -2.64 -11.28
N ASN A 30 -5.21 -1.57 -11.84
CA ASN A 30 -3.79 -1.28 -11.70
C ASN A 30 -3.52 -0.45 -10.46
N ALA A 31 -2.25 -0.33 -10.14
CA ALA A 31 -1.81 0.39 -8.96
C ALA A 31 -2.20 1.86 -9.00
N ASP A 32 -2.36 2.41 -10.20
CA ASP A 32 -2.74 3.83 -10.34
C ASP A 32 -4.08 4.13 -9.68
N ARG A 33 -5.06 3.26 -9.88
CA ARG A 33 -6.35 3.46 -9.30
C ARG A 33 -6.29 3.31 -7.79
N ILE A 34 -5.54 2.29 -7.35
CA ILE A 34 -5.38 2.02 -5.93
C ILE A 34 -4.66 3.18 -5.24
N LEU A 35 -3.60 3.64 -5.89
CA LEU A 35 -2.80 4.76 -5.39
C LEU A 35 -3.63 6.03 -5.34
N GLY A 36 -4.38 6.27 -6.40
CA GLY A 36 -5.19 7.46 -6.48
C GLY A 36 -6.32 7.47 -5.46
N ALA A 37 -6.89 6.31 -5.17
CA ALA A 37 -8.00 6.22 -4.23
C ALA A 37 -7.63 6.75 -2.84
N ALA A 38 -6.54 6.25 -2.28
CA ALA A 38 -6.08 6.69 -0.96
C ALA A 38 -5.52 8.10 -1.03
N LEU A 39 -4.84 8.37 -2.12
CA LEU A 39 -4.20 9.66 -2.35
C LEU A 39 -5.25 10.78 -2.39
N GLU A 40 -6.38 10.47 -2.99
CA GLU A 40 -7.50 11.38 -3.08
C GLU A 40 -8.02 11.75 -1.70
N LYS A 41 -8.00 10.79 -0.79
CA LYS A 41 -8.46 11.00 0.56
C LYS A 41 -7.61 12.04 1.27
N TYR A 42 -6.31 12.01 1.03
CA TYR A 42 -5.39 12.96 1.65
C TYR A 42 -5.31 14.24 0.82
N GLY A 43 -6.04 14.28 -0.30
CA GLY A 43 -6.10 15.47 -1.14
C GLY A 43 -4.89 15.70 -2.02
N LEU A 44 -4.06 14.69 -2.19
CA LEU A 44 -2.86 14.83 -2.98
C LEU A 44 -3.01 14.14 -4.35
N GLU A 45 -4.24 13.80 -4.69
CA GLU A 45 -4.54 13.10 -5.95
C GLU A 45 -4.14 13.92 -7.18
N HIS A 46 -4.00 15.22 -6.99
CA HIS A 46 -3.56 16.12 -8.05
C HIS A 46 -2.12 15.81 -8.45
N SER A 47 -1.32 15.43 -7.46
CA SER A 47 0.07 15.13 -7.68
C SER A 47 0.27 13.69 -8.19
N LYS A 48 0.27 12.73 -7.25
CA LYS A 48 0.47 11.29 -7.53
C LYS A 48 1.87 10.94 -8.05
N ASP A 49 2.41 11.77 -8.94
CA ASP A 49 3.71 11.52 -9.56
C ASP A 49 4.86 11.56 -8.57
N ASP A 50 4.58 12.02 -7.37
CA ASP A 50 5.58 12.10 -6.32
C ASP A 50 5.42 10.92 -5.35
N PHE A 51 4.45 10.05 -5.63
CA PHE A 51 4.15 8.95 -4.72
C PHE A 51 4.05 7.62 -5.47
N ILE A 52 4.34 6.53 -4.77
CA ILE A 52 4.22 5.17 -5.32
C ILE A 52 3.65 4.26 -4.25
N LEU A 53 3.33 3.03 -4.63
CA LEU A 53 2.81 2.07 -3.69
C LEU A 53 3.90 1.13 -3.26
N VAL A 54 3.99 0.88 -1.99
CA VAL A 54 4.97 -0.02 -1.48
C VAL A 54 4.31 -1.13 -0.69
N GLU A 55 4.63 -2.34 -1.01
CA GLU A 55 4.09 -3.48 -0.30
C GLU A 55 4.98 -3.73 0.89
N VAL A 56 4.39 -3.66 2.06
CA VAL A 56 5.12 -3.75 3.29
C VAL A 56 4.68 -4.94 4.11
N SER A 57 5.65 -5.70 4.55
CA SER A 57 5.40 -6.85 5.36
C SER A 57 4.99 -6.42 6.77
N ASN A 58 4.27 -7.28 7.46
CA ASN A 58 3.88 -7.01 8.82
C ASN A 58 4.98 -7.47 9.75
N ASP A 59 6.02 -7.98 9.13
CA ASP A 59 7.21 -8.47 9.79
C ASP A 59 8.27 -7.39 9.85
N ASP A 60 7.84 -6.14 9.70
CA ASP A 60 8.74 -4.97 9.64
C ASP A 60 9.58 -4.83 10.90
N ASP A 61 8.99 -5.14 12.04
CA ASP A 61 9.68 -5.00 13.34
C ASP A 61 10.89 -5.91 13.45
N ARG A 62 10.83 -7.03 12.76
CA ARG A 62 11.90 -8.01 12.83
C ARG A 62 12.75 -8.02 11.59
N LYS A 63 12.44 -7.15 10.66
CA LYS A 63 13.18 -7.08 9.42
C LYS A 63 13.95 -5.76 9.29
N SER A 64 13.24 -4.66 9.25
CA SER A 64 13.89 -3.37 9.20
C SER A 64 14.12 -2.84 10.61
N MET A 65 13.24 -3.27 11.53
CA MET A 65 13.29 -2.88 12.96
C MET A 65 12.96 -1.39 13.14
N SER A 66 12.90 -0.67 12.04
CA SER A 66 12.61 0.75 12.05
C SER A 66 11.12 0.99 12.24
N ASP A 67 10.35 -0.12 12.25
CA ASP A 67 8.91 -0.10 12.45
C ASP A 67 8.22 0.59 11.25
N LEU A 68 6.99 1.01 11.43
CA LEU A 68 6.22 1.64 10.37
C LEU A 68 6.61 3.11 10.23
N ARG A 69 7.49 3.56 11.12
CA ARG A 69 7.94 4.95 11.13
C ARG A 69 8.67 5.27 9.84
N GLU A 70 9.60 4.39 9.48
CA GLU A 70 10.39 4.57 8.28
C GLU A 70 9.65 4.00 7.09
N ILE A 71 8.78 3.01 7.38
CA ILE A 71 7.95 2.30 6.40
C ILE A 71 8.72 1.94 5.12
N ASP A 72 9.20 0.74 5.11
CA ASP A 72 9.97 0.24 3.99
C ASP A 72 9.25 -0.92 3.34
N GLY A 73 9.37 -1.01 2.03
CA GLY A 73 8.73 -2.06 1.30
C GLY A 73 9.29 -2.18 -0.10
N ARG A 74 8.56 -2.81 -0.98
CA ARG A 74 8.99 -2.94 -2.35
C ARG A 74 8.36 -1.84 -3.20
N PRO A 75 9.14 -1.20 -4.08
CA PRO A 75 8.64 -0.13 -4.93
C PRO A 75 7.70 -0.66 -6.02
N ILE A 76 6.44 -0.28 -5.92
CA ILE A 76 5.44 -0.70 -6.88
C ILE A 76 4.82 0.52 -7.55
N PRO A 77 5.28 0.83 -8.76
CA PRO A 77 4.75 1.95 -9.54
C PRO A 77 3.27 1.75 -9.91
N PRO A 78 2.56 2.85 -10.22
CA PRO A 78 1.13 2.83 -10.58
C PRO A 78 0.84 1.91 -11.77
N THR A 79 1.86 1.68 -12.57
CA THR A 79 1.76 0.88 -13.78
C THR A 79 1.49 -0.62 -13.48
N GLU A 80 1.84 -1.08 -12.29
CA GLU A 80 1.64 -2.50 -11.95
C GLU A 80 0.22 -2.83 -11.60
N CYS A 81 0.04 -4.10 -11.37
CA CYS A 81 -1.20 -4.67 -10.87
C CYS A 81 -0.80 -5.70 -9.83
N PRO A 82 -0.34 -5.22 -8.66
CA PRO A 82 0.28 -6.07 -7.64
C PRO A 82 -0.69 -7.07 -6.97
N LEU A 83 -2.00 -6.81 -7.09
CA LEU A 83 -3.01 -7.61 -6.38
C LEU A 83 -3.01 -9.08 -6.77
N PHE A 84 -2.87 -9.38 -8.05
CA PHE A 84 -2.83 -10.78 -8.49
C PHE A 84 -1.67 -11.51 -7.84
N GLU A 85 -0.54 -10.85 -7.80
CA GLU A 85 0.65 -11.42 -7.21
C GLU A 85 0.47 -11.56 -5.68
N MET A 86 -0.15 -10.55 -5.07
CA MET A 86 -0.41 -10.57 -3.62
C MET A 86 -1.35 -11.71 -3.23
N THR A 87 -2.43 -11.87 -3.97
CA THR A 87 -3.43 -12.89 -3.69
C THR A 87 -2.92 -14.30 -4.01
N ALA A 88 -2.16 -14.41 -5.09
CA ALA A 88 -1.62 -15.71 -5.53
C ALA A 88 -0.58 -16.26 -4.57
N ARG A 89 0.30 -15.40 -4.09
CA ARG A 89 1.39 -15.86 -3.22
C ARG A 89 0.97 -15.84 -1.75
N SER A 90 0.51 -14.67 -1.29
CA SER A 90 0.14 -14.49 0.12
C SER A 90 1.27 -14.98 1.06
N GLY A 91 0.95 -15.30 2.32
CA GLY A 91 1.99 -15.74 3.22
C GLY A 91 1.55 -15.76 4.66
N ASN A 92 2.43 -15.30 5.53
CA ASN A 92 2.12 -15.13 6.92
C ASN A 92 2.04 -13.65 7.22
N GLY A 93 3.07 -12.93 6.79
CA GLY A 93 3.08 -11.49 6.85
C GLY A 93 4.26 -10.95 6.10
N GLU A 94 4.74 -11.74 5.13
CA GLU A 94 5.94 -11.40 4.38
C GLU A 94 5.62 -10.55 3.16
N ASN A 95 5.47 -11.18 2.01
CA ASN A 95 5.19 -10.45 0.79
C ASN A 95 4.02 -11.05 0.06
N GLY A 96 2.85 -10.73 0.52
CA GLY A 96 1.65 -11.25 -0.11
C GLY A 96 0.40 -10.58 0.36
N PHE A 97 -0.71 -11.26 0.22
CA PHE A 97 -2.01 -10.74 0.64
C PHE A 97 -2.05 -10.57 2.16
N ASP A 98 -1.17 -11.29 2.84
CA ASP A 98 -1.03 -11.19 4.28
C ASP A 98 -0.31 -9.92 4.65
N SER A 99 0.23 -9.26 3.64
CA SER A 99 0.95 -8.01 3.83
C SER A 99 0.05 -6.85 3.44
N PHE A 100 0.43 -5.64 3.79
CA PHE A 100 -0.38 -4.49 3.45
C PHE A 100 0.32 -3.64 2.41
N LEU A 101 -0.44 -2.79 1.78
CA LEU A 101 0.09 -1.93 0.76
C LEU A 101 0.00 -0.48 1.22
N ALA A 102 1.10 0.24 1.13
CA ALA A 102 1.17 1.60 1.60
C ALA A 102 1.59 2.56 0.51
N ILE A 103 1.44 3.84 0.78
CA ILE A 103 1.86 4.88 -0.15
C ILE A 103 3.06 5.61 0.41
N LYS A 104 4.09 5.75 -0.39
CA LYS A 104 5.26 6.47 0.04
C LYS A 104 5.68 7.49 -0.98
N ARG A 105 6.47 8.41 -0.52
CA ARG A 105 6.97 9.47 -1.34
C ARG A 105 8.19 9.00 -2.10
N LYS A 106 8.02 8.74 -3.39
CA LYS A 106 9.12 8.29 -4.24
C LYS A 106 10.30 9.28 -4.17
N PRO A 107 11.53 8.81 -4.46
CA PRO A 107 12.71 9.67 -4.42
C PRO A 107 12.61 10.83 -5.38
N HIS A 108 13.24 11.91 -5.00
CA HIS A 108 13.23 13.14 -5.77
C HIS A 108 14.15 13.03 -6.98
N SER A 1 -7.83 -12.10 5.61
CA SER A 1 -7.78 -13.49 5.13
C SER A 1 -8.10 -13.56 3.65
N MET A 2 -9.32 -13.16 3.29
CA MET A 2 -9.76 -13.20 1.90
C MET A 2 -9.90 -11.81 1.33
N PHE A 3 -10.19 -11.72 0.04
CA PHE A 3 -10.32 -10.44 -0.63
C PHE A 3 -11.69 -9.84 -0.31
N GLY A 4 -11.70 -8.83 0.56
CA GLY A 4 -12.95 -8.20 0.94
C GLY A 4 -13.30 -7.01 0.06
N GLY A 5 -12.38 -6.63 -0.79
CA GLY A 5 -12.60 -5.50 -1.68
C GLY A 5 -11.97 -4.24 -1.14
N SER A 6 -11.88 -4.16 0.17
CA SER A 6 -11.27 -3.03 0.82
C SER A 6 -9.80 -3.33 1.12
N LEU A 7 -8.95 -2.34 0.92
CA LEU A 7 -7.54 -2.50 1.19
C LEU A 7 -7.10 -1.66 2.34
N LYS A 8 -6.26 -2.23 3.18
CA LYS A 8 -5.67 -1.53 4.27
C LYS A 8 -4.48 -0.77 3.73
N VAL A 9 -4.64 0.51 3.61
CA VAL A 9 -3.64 1.34 3.00
C VAL A 9 -3.02 2.28 4.03
N TYR A 10 -1.71 2.29 4.07
CA TYR A 10 -0.98 3.05 5.06
C TYR A 10 -0.40 4.33 4.50
N GLY A 11 -0.98 5.44 4.90
CA GLY A 11 -0.51 6.74 4.49
C GLY A 11 -0.11 7.58 5.68
N GLY A 12 -0.03 6.92 6.84
CA GLY A 12 0.30 7.58 8.08
C GLY A 12 1.66 8.20 8.06
N GLU A 13 2.53 7.68 7.21
CA GLU A 13 3.86 8.18 7.09
C GLU A 13 3.83 9.61 6.54
N ILE A 14 2.80 9.90 5.77
CA ILE A 14 2.60 11.22 5.21
C ILE A 14 1.68 12.04 6.12
N VAL A 15 0.53 11.46 6.46
CA VAL A 15 -0.45 12.12 7.31
C VAL A 15 -0.71 11.26 8.57
N PRO A 16 -0.04 11.59 9.68
CA PRO A 16 -0.14 10.85 10.95
C PRO A 16 -1.56 10.71 11.52
N THR A 17 -2.40 11.73 11.32
CA THR A 17 -3.78 11.68 11.86
C THR A 17 -4.61 10.57 11.18
N ARG A 18 -4.13 10.08 10.05
CA ARG A 18 -4.79 8.99 9.34
C ARG A 18 -3.77 7.92 8.94
N PRO A 19 -3.31 7.10 9.93
CA PRO A 19 -2.30 6.07 9.68
C PRO A 19 -2.74 5.07 8.64
N TYR A 20 -3.95 4.58 8.78
CA TYR A 20 -4.50 3.65 7.84
C TYR A 20 -5.78 4.18 7.26
N VAL A 21 -5.95 3.96 5.99
CA VAL A 21 -7.13 4.37 5.30
C VAL A 21 -7.67 3.20 4.54
N SER A 22 -8.94 3.24 4.27
CA SER A 22 -9.60 2.15 3.60
C SER A 22 -9.97 2.55 2.19
N ILE A 23 -9.55 1.77 1.23
CA ILE A 23 -9.88 2.06 -0.15
C ILE A 23 -10.52 0.85 -0.80
N LEU A 24 -11.28 1.09 -1.85
CA LEU A 24 -11.93 0.02 -2.58
C LEU A 24 -11.16 -0.21 -3.88
N ALA A 25 -10.68 -1.44 -4.07
CA ALA A 25 -9.87 -1.74 -5.25
C ALA A 25 -10.13 -3.15 -5.76
N GLU A 26 -9.85 -3.35 -7.03
CA GLU A 26 -10.02 -4.65 -7.67
C GLU A 26 -8.66 -5.25 -8.00
N ILE A 27 -8.56 -6.56 -7.96
CA ILE A 27 -7.28 -7.23 -8.21
C ILE A 27 -6.78 -7.01 -9.64
N ASN A 28 -7.70 -6.89 -10.57
CA ASN A 28 -7.35 -6.69 -11.96
C ASN A 28 -7.20 -5.21 -12.28
N GLU A 29 -7.22 -4.40 -11.25
CA GLU A 29 -7.12 -3.00 -11.40
C GLU A 29 -5.68 -2.55 -11.17
N ASN A 30 -5.27 -1.51 -11.87
CA ASN A 30 -3.90 -1.04 -11.81
C ASN A 30 -3.67 -0.11 -10.62
N ALA A 31 -2.40 0.09 -10.30
CA ALA A 31 -2.01 0.89 -9.16
C ALA A 31 -2.33 2.37 -9.35
N ASP A 32 -2.59 2.80 -10.59
CA ASP A 32 -2.99 4.20 -10.84
C ASP A 32 -4.29 4.47 -10.10
N ARG A 33 -5.21 3.52 -10.20
CA ARG A 33 -6.50 3.61 -9.54
C ARG A 33 -6.34 3.47 -8.05
N ILE A 34 -5.55 2.48 -7.64
CA ILE A 34 -5.35 2.19 -6.23
C ILE A 34 -4.66 3.36 -5.53
N LEU A 35 -3.62 3.89 -6.17
CA LEU A 35 -2.88 5.02 -5.64
C LEU A 35 -3.77 6.24 -5.56
N GLY A 36 -4.53 6.46 -6.63
CA GLY A 36 -5.41 7.61 -6.67
C GLY A 36 -6.50 7.55 -5.62
N ALA A 37 -7.03 6.36 -5.40
CA ALA A 37 -8.09 6.16 -4.42
C ALA A 37 -7.62 6.52 -3.02
N ALA A 38 -6.45 6.05 -2.66
CA ALA A 38 -5.87 6.31 -1.35
C ALA A 38 -5.37 7.75 -1.23
N LEU A 39 -4.68 8.19 -2.26
CA LEU A 39 -4.08 9.51 -2.28
C LEU A 39 -5.17 10.60 -2.22
N GLU A 40 -6.31 10.30 -2.84
CA GLU A 40 -7.46 11.21 -2.85
C GLU A 40 -7.96 11.45 -1.43
N LYS A 41 -7.95 10.41 -0.60
CA LYS A 41 -8.41 10.50 0.78
C LYS A 41 -7.57 11.51 1.55
N TYR A 42 -6.27 11.51 1.29
CA TYR A 42 -5.37 12.42 1.96
C TYR A 42 -5.35 13.80 1.29
N GLY A 43 -6.08 13.93 0.18
CA GLY A 43 -6.16 15.20 -0.52
C GLY A 43 -4.88 15.54 -1.26
N LEU A 44 -4.11 14.53 -1.60
CA LEU A 44 -2.83 14.73 -2.28
C LEU A 44 -2.86 14.18 -3.70
N GLU A 45 -4.07 13.96 -4.21
CA GLU A 45 -4.27 13.36 -5.55
C GLU A 45 -3.56 14.20 -6.62
N HIS A 46 -3.56 15.50 -6.43
CA HIS A 46 -2.90 16.44 -7.34
C HIS A 46 -1.40 16.15 -7.45
N SER A 47 -0.78 15.81 -6.32
CA SER A 47 0.65 15.58 -6.25
C SER A 47 1.01 14.11 -6.54
N LYS A 48 0.12 13.40 -7.22
CA LYS A 48 0.33 11.97 -7.53
C LYS A 48 1.60 11.75 -8.37
N ASP A 49 2.11 12.83 -8.93
CA ASP A 49 3.27 12.78 -9.80
C ASP A 49 4.50 12.27 -9.07
N ASP A 50 4.62 12.62 -7.80
CA ASP A 50 5.80 12.24 -7.03
C ASP A 50 5.55 11.09 -6.05
N PHE A 51 4.47 10.33 -6.23
CA PHE A 51 4.19 9.21 -5.32
C PHE A 51 3.96 7.88 -6.05
N ILE A 52 4.31 6.81 -5.36
CA ILE A 52 4.07 5.44 -5.82
C ILE A 52 3.61 4.59 -4.63
N LEU A 53 3.28 3.34 -4.87
CA LEU A 53 2.81 2.47 -3.81
C LEU A 53 3.92 1.54 -3.36
N VAL A 54 4.04 1.32 -2.08
CA VAL A 54 5.03 0.40 -1.55
C VAL A 54 4.35 -0.66 -0.69
N GLU A 55 4.61 -1.90 -1.00
CA GLU A 55 4.03 -3.01 -0.27
C GLU A 55 4.94 -3.38 0.90
N VAL A 56 4.39 -3.40 2.09
CA VAL A 56 5.20 -3.68 3.27
C VAL A 56 4.61 -4.82 4.08
N SER A 57 5.49 -5.69 4.56
CA SER A 57 5.09 -6.77 5.41
C SER A 57 4.45 -6.21 6.67
N ASN A 58 3.34 -6.79 7.07
CA ASN A 58 2.58 -6.33 8.22
C ASN A 58 3.24 -6.75 9.53
N ASP A 59 4.17 -7.67 9.44
CA ASP A 59 4.85 -8.18 10.61
C ASP A 59 5.93 -7.23 11.14
N ASP A 60 5.49 -6.36 12.06
CA ASP A 60 6.37 -5.38 12.75
C ASP A 60 7.06 -4.44 11.77
N ASP A 61 8.38 -4.34 11.86
CA ASP A 61 9.15 -3.47 10.97
C ASP A 61 9.01 -3.97 9.55
N ARG A 62 8.96 -5.30 9.46
CA ARG A 62 8.80 -6.07 8.24
C ARG A 62 9.45 -7.41 8.46
N LYS A 63 10.20 -7.50 9.56
CA LYS A 63 10.91 -8.71 9.91
C LYS A 63 10.43 -9.23 11.25
N SER A 64 10.71 -8.46 12.31
CA SER A 64 10.40 -8.88 13.68
C SER A 64 10.60 -7.73 14.66
N MET A 65 11.81 -7.17 14.70
CA MET A 65 12.12 -6.11 15.65
C MET A 65 12.97 -5.02 15.03
N SER A 66 12.48 -3.79 15.11
CA SER A 66 13.15 -2.59 14.62
C SER A 66 12.17 -1.44 14.57
N ASP A 67 10.90 -1.78 14.31
CA ASP A 67 9.81 -0.82 14.14
C ASP A 67 10.06 0.05 12.93
N LEU A 68 9.26 -0.16 11.90
CA LEU A 68 9.43 0.55 10.64
C LEU A 68 9.23 2.06 10.79
N ARG A 69 10.33 2.77 10.85
CA ARG A 69 10.29 4.21 10.86
C ARG A 69 10.49 4.72 9.46
N GLU A 70 11.60 4.35 8.87
CA GLU A 70 11.83 4.67 7.50
C GLU A 70 11.30 3.55 6.67
N ILE A 71 9.98 3.55 6.52
CA ILE A 71 9.26 2.51 5.82
C ILE A 71 9.79 2.34 4.39
N ASP A 72 10.16 1.13 4.07
CA ASP A 72 10.70 0.81 2.77
C ASP A 72 9.63 0.26 1.85
N GLY A 73 9.36 -1.02 1.96
CA GLY A 73 8.38 -1.66 1.14
C GLY A 73 8.87 -1.94 -0.25
N ARG A 74 8.07 -2.64 -1.02
CA ARG A 74 8.41 -2.94 -2.40
C ARG A 74 7.91 -1.83 -3.28
N PRO A 75 8.81 -1.10 -3.97
CA PRO A 75 8.42 0.00 -4.86
C PRO A 75 7.56 -0.49 -6.01
N ILE A 76 6.32 -0.07 -6.02
CA ILE A 76 5.36 -0.46 -7.01
C ILE A 76 4.82 0.76 -7.75
N PRO A 77 5.13 0.86 -9.05
CA PRO A 77 4.64 1.96 -9.89
C PRO A 77 3.14 1.85 -10.13
N PRO A 78 2.49 2.97 -10.50
CA PRO A 78 1.05 3.00 -10.78
C PRO A 78 0.66 2.03 -11.90
N THR A 79 1.59 1.81 -12.81
CA THR A 79 1.35 0.94 -13.95
C THR A 79 1.40 -0.57 -13.59
N GLU A 80 1.69 -0.87 -12.33
CA GLU A 80 1.76 -2.26 -11.86
C GLU A 80 0.44 -2.67 -11.17
N CYS A 81 0.19 -3.97 -11.10
CA CYS A 81 -0.95 -4.51 -10.39
C CYS A 81 -0.46 -5.48 -9.32
N PRO A 82 -0.12 -4.96 -8.13
CA PRO A 82 0.49 -5.74 -7.05
C PRO A 82 -0.45 -6.75 -6.39
N LEU A 83 -1.74 -6.58 -6.60
CA LEU A 83 -2.73 -7.43 -5.97
C LEU A 83 -2.62 -8.88 -6.41
N PHE A 84 -2.13 -9.10 -7.63
CA PHE A 84 -1.95 -10.44 -8.14
C PHE A 84 -1.00 -11.25 -7.26
N GLU A 85 0.14 -10.68 -6.92
CA GLU A 85 1.08 -11.37 -6.05
C GLU A 85 0.54 -11.47 -4.64
N MET A 86 -0.12 -10.42 -4.18
CA MET A 86 -0.69 -10.39 -2.84
C MET A 86 -1.69 -11.52 -2.64
N THR A 87 -2.71 -11.53 -3.47
CA THR A 87 -3.79 -12.49 -3.35
C THR A 87 -3.31 -13.92 -3.55
N ALA A 88 -2.40 -14.12 -4.49
CA ALA A 88 -1.82 -15.43 -4.75
C ALA A 88 -1.10 -15.97 -3.50
N ARG A 89 -0.48 -15.06 -2.77
CA ARG A 89 0.25 -15.41 -1.55
C ARG A 89 -0.57 -15.08 -0.29
N SER A 90 -1.88 -14.80 -0.48
CA SER A 90 -2.78 -14.40 0.63
C SER A 90 -2.60 -15.27 1.87
N GLY A 91 -2.52 -14.61 3.02
CA GLY A 91 -2.33 -15.30 4.26
C GLY A 91 -1.03 -14.96 4.93
N ASN A 92 0.01 -14.73 4.13
CA ASN A 92 1.31 -14.33 4.69
C ASN A 92 1.43 -12.83 4.67
N GLY A 93 1.87 -12.26 5.78
CA GLY A 93 1.98 -10.81 5.86
C GLY A 93 3.23 -10.29 5.24
N GLU A 94 4.14 -11.19 4.91
CA GLU A 94 5.40 -10.85 4.28
C GLU A 94 5.18 -10.16 2.92
N ASN A 95 4.87 -10.95 1.90
CA ASN A 95 4.62 -10.41 0.56
C ASN A 95 3.25 -10.86 0.07
N GLY A 96 2.43 -11.33 0.99
CA GLY A 96 1.11 -11.81 0.62
C GLY A 96 0.04 -10.79 0.89
N PHE A 97 -1.20 -11.20 0.74
CA PHE A 97 -2.36 -10.32 0.92
C PHE A 97 -2.62 -10.06 2.41
N ASP A 98 -1.78 -10.61 3.27
CA ASP A 98 -1.90 -10.36 4.69
C ASP A 98 -1.03 -9.14 5.04
N SER A 99 -0.49 -8.51 3.99
CA SER A 99 0.38 -7.34 4.12
C SER A 99 -0.45 -6.07 3.93
N PHE A 100 0.20 -4.94 4.02
CA PHE A 100 -0.47 -3.70 3.77
C PHE A 100 0.26 -2.93 2.69
N LEU A 101 -0.44 -2.03 2.06
CA LEU A 101 0.12 -1.26 0.99
C LEU A 101 0.18 0.21 1.40
N ALA A 102 1.34 0.80 1.29
CA ALA A 102 1.55 2.17 1.73
C ALA A 102 1.90 3.10 0.58
N ILE A 103 1.84 4.39 0.84
CA ILE A 103 2.15 5.39 -0.16
C ILE A 103 3.46 6.10 0.19
N LYS A 104 4.37 6.14 -0.76
CA LYS A 104 5.63 6.83 -0.59
C LYS A 104 5.95 7.63 -1.80
N ARG A 105 6.93 8.49 -1.68
CA ARG A 105 7.39 9.28 -2.79
C ARG A 105 8.17 8.40 -3.74
N LYS A 106 8.03 8.65 -5.03
CA LYS A 106 8.77 7.94 -6.04
C LYS A 106 10.29 8.18 -5.86
N PRO A 107 11.14 7.19 -6.24
CA PRO A 107 12.61 7.31 -6.09
C PRO A 107 13.17 8.56 -6.76
N HIS A 108 12.67 8.86 -7.95
CA HIS A 108 13.12 10.02 -8.69
C HIS A 108 11.96 10.60 -9.49
N SER A 1 -12.44 -15.19 1.90
CA SER A 1 -12.28 -14.66 3.26
C SER A 1 -11.45 -13.38 3.23
N MET A 2 -10.32 -13.40 2.54
CA MET A 2 -9.46 -12.23 2.45
C MET A 2 -9.91 -11.31 1.33
N PHE A 3 -9.18 -10.22 1.17
CA PHE A 3 -9.43 -9.19 0.15
C PHE A 3 -10.63 -8.35 0.55
N GLY A 4 -11.83 -8.92 0.47
CA GLY A 4 -13.03 -8.20 0.84
C GLY A 4 -13.51 -7.22 -0.22
N GLY A 5 -12.63 -6.33 -0.61
CA GLY A 5 -12.96 -5.31 -1.58
C GLY A 5 -12.37 -3.99 -1.20
N SER A 6 -12.38 -3.72 0.09
CA SER A 6 -11.76 -2.54 0.61
C SER A 6 -10.35 -2.87 1.11
N LEU A 7 -9.43 -1.98 0.82
CA LEU A 7 -8.05 -2.20 1.20
C LEU A 7 -7.64 -1.37 2.37
N LYS A 8 -6.88 -1.97 3.25
CA LYS A 8 -6.32 -1.30 4.38
C LYS A 8 -5.04 -0.62 3.90
N VAL A 9 -5.14 0.67 3.66
CA VAL A 9 -4.06 1.44 3.07
C VAL A 9 -3.35 2.29 4.11
N TYR A 10 -2.05 2.17 4.16
CA TYR A 10 -1.23 2.85 5.15
C TYR A 10 -0.57 4.11 4.55
N GLY A 11 -0.72 5.23 5.24
CA GLY A 11 -0.19 6.50 4.77
C GLY A 11 0.22 7.43 5.90
N GLY A 12 0.62 6.84 7.03
CA GLY A 12 0.98 7.61 8.21
C GLY A 12 2.12 8.59 7.96
N GLU A 13 2.98 8.24 7.03
CA GLU A 13 4.11 9.10 6.65
C GLU A 13 3.58 10.44 6.14
N ILE A 14 2.66 10.36 5.22
CA ILE A 14 2.07 11.54 4.61
C ILE A 14 1.19 12.29 5.61
N VAL A 15 0.34 11.55 6.30
CA VAL A 15 -0.56 12.13 7.29
C VAL A 15 -0.58 11.27 8.55
N PRO A 16 0.10 11.70 9.61
CA PRO A 16 0.19 10.94 10.86
C PRO A 16 -1.15 10.77 11.57
N THR A 17 -2.08 11.68 11.32
CA THR A 17 -3.37 11.59 11.98
C THR A 17 -4.28 10.57 11.28
N ARG A 18 -3.83 10.08 10.12
CA ARG A 18 -4.56 9.06 9.37
C ARG A 18 -3.60 7.94 8.94
N PRO A 19 -3.09 7.14 9.91
CA PRO A 19 -2.13 6.07 9.61
C PRO A 19 -2.69 5.03 8.64
N TYR A 20 -3.95 4.70 8.82
CA TYR A 20 -4.62 3.74 7.96
C TYR A 20 -5.92 4.31 7.40
N VAL A 21 -6.12 4.10 6.13
CA VAL A 21 -7.30 4.54 5.43
C VAL A 21 -7.88 3.38 4.67
N SER A 22 -9.10 3.49 4.27
CA SER A 22 -9.77 2.42 3.58
C SER A 22 -10.21 2.86 2.21
N ILE A 23 -9.79 2.12 1.20
CA ILE A 23 -10.15 2.45 -0.17
C ILE A 23 -10.84 1.26 -0.82
N LEU A 24 -11.57 1.51 -1.87
CA LEU A 24 -12.25 0.44 -2.57
C LEU A 24 -11.52 0.17 -3.89
N ALA A 25 -11.01 -1.04 -4.06
CA ALA A 25 -10.26 -1.39 -5.26
C ALA A 25 -10.37 -2.87 -5.55
N GLU A 26 -10.48 -3.21 -6.82
CA GLU A 26 -10.55 -4.59 -7.24
C GLU A 26 -9.17 -5.09 -7.62
N ILE A 27 -9.00 -6.40 -7.67
CA ILE A 27 -7.70 -6.98 -7.99
C ILE A 27 -7.24 -6.65 -9.40
N ASN A 28 -8.20 -6.41 -10.27
CA ASN A 28 -7.90 -6.10 -11.66
C ASN A 28 -7.60 -4.60 -11.86
N GLU A 29 -7.52 -3.88 -10.77
CA GLU A 29 -7.17 -2.48 -10.82
C GLU A 29 -5.68 -2.33 -10.66
N ASN A 30 -5.08 -1.45 -11.43
CA ASN A 30 -3.65 -1.25 -11.36
C ASN A 30 -3.31 -0.32 -10.21
N ALA A 31 -2.03 -0.18 -9.93
CA ALA A 31 -1.58 0.64 -8.83
C ALA A 31 -1.97 2.11 -9.01
N ASP A 32 -2.09 2.57 -10.26
CA ASP A 32 -2.48 3.96 -10.53
C ASP A 32 -3.89 4.22 -10.03
N ARG A 33 -4.76 3.25 -10.24
CA ARG A 33 -6.14 3.33 -9.82
C ARG A 33 -6.24 3.28 -8.31
N ILE A 34 -5.51 2.33 -7.74
CA ILE A 34 -5.46 2.13 -6.31
C ILE A 34 -4.83 3.34 -5.60
N LEU A 35 -3.73 3.83 -6.16
CA LEU A 35 -3.03 4.99 -5.64
C LEU A 35 -3.91 6.20 -5.70
N GLY A 36 -4.62 6.36 -6.80
CA GLY A 36 -5.51 7.47 -6.96
C GLY A 36 -6.60 7.48 -5.91
N ALA A 37 -7.17 6.32 -5.64
CA ALA A 37 -8.23 6.20 -4.64
C ALA A 37 -7.74 6.64 -3.28
N ALA A 38 -6.58 6.15 -2.89
CA ALA A 38 -6.02 6.46 -1.58
C ALA A 38 -5.50 7.90 -1.50
N LEU A 39 -4.78 8.32 -2.53
CA LEU A 39 -4.19 9.65 -2.56
C LEU A 39 -5.27 10.72 -2.58
N GLU A 40 -6.39 10.40 -3.23
CA GLU A 40 -7.55 11.29 -3.27
C GLU A 40 -8.06 11.56 -1.86
N LYS A 41 -8.00 10.54 -1.01
CA LYS A 41 -8.47 10.67 0.37
C LYS A 41 -7.63 11.68 1.13
N TYR A 42 -6.32 11.69 0.86
CA TYR A 42 -5.42 12.63 1.50
C TYR A 42 -5.44 13.99 0.80
N GLY A 43 -6.19 14.05 -0.31
CA GLY A 43 -6.31 15.31 -1.05
C GLY A 43 -5.04 15.72 -1.75
N LEU A 44 -4.22 14.75 -2.13
CA LEU A 44 -2.95 15.03 -2.77
C LEU A 44 -2.88 14.42 -4.16
N GLU A 45 -4.04 14.14 -4.77
CA GLU A 45 -4.10 13.47 -6.07
C GLU A 45 -3.37 14.26 -7.17
N HIS A 46 -3.38 15.58 -7.05
CA HIS A 46 -2.68 16.45 -8.02
C HIS A 46 -1.19 16.11 -8.07
N SER A 47 -0.62 15.81 -6.93
CA SER A 47 0.79 15.50 -6.81
C SER A 47 1.04 13.98 -6.89
N LYS A 48 0.20 13.27 -7.63
CA LYS A 48 0.28 11.81 -7.73
C LYS A 48 1.59 11.34 -8.33
N ASP A 49 2.14 12.14 -9.21
CA ASP A 49 3.37 11.79 -9.93
C ASP A 49 4.57 11.67 -9.00
N ASP A 50 4.42 12.16 -7.80
CA ASP A 50 5.50 12.15 -6.83
C ASP A 50 5.28 11.04 -5.78
N PHE A 51 4.24 10.22 -5.97
CA PHE A 51 3.93 9.15 -5.01
C PHE A 51 3.78 7.79 -5.70
N ILE A 52 4.13 6.73 -4.98
CA ILE A 52 3.99 5.36 -5.45
C ILE A 52 3.51 4.47 -4.32
N LEU A 53 3.14 3.25 -4.64
CA LEU A 53 2.66 2.32 -3.64
C LEU A 53 3.75 1.34 -3.26
N VAL A 54 3.85 1.04 -2.00
CA VAL A 54 4.78 0.04 -1.54
C VAL A 54 4.07 -0.93 -0.59
N GLU A 55 4.25 -2.21 -0.83
CA GLU A 55 3.68 -3.23 0.04
C GLU A 55 4.70 -3.65 1.07
N VAL A 56 4.33 -3.48 2.32
CA VAL A 56 5.22 -3.81 3.43
C VAL A 56 4.60 -4.91 4.27
N SER A 57 5.39 -5.91 4.57
CA SER A 57 4.93 -7.00 5.40
C SER A 57 5.00 -6.58 6.87
N ASN A 58 4.04 -7.00 7.67
CA ASN A 58 4.04 -6.65 9.09
C ASN A 58 4.93 -7.62 9.86
N ASP A 59 6.19 -7.61 9.52
CA ASP A 59 7.19 -8.44 10.18
C ASP A 59 8.38 -7.59 10.57
N ASP A 60 8.13 -6.30 10.75
CA ASP A 60 9.18 -5.35 11.09
C ASP A 60 9.82 -5.65 12.43
N ASP A 61 9.10 -6.38 13.28
CA ASP A 61 9.59 -6.73 14.62
C ASP A 61 10.84 -7.61 14.53
N ARG A 62 11.05 -8.17 13.36
CA ARG A 62 12.22 -9.02 13.12
C ARG A 62 13.24 -8.25 12.30
N LYS A 63 12.73 -7.37 11.45
CA LYS A 63 13.57 -6.56 10.58
C LYS A 63 14.40 -5.60 11.40
N SER A 64 13.76 -4.96 12.37
CA SER A 64 14.43 -4.09 13.24
C SER A 64 13.65 -4.02 14.54
N MET A 65 14.32 -3.67 15.62
CA MET A 65 13.61 -3.43 16.87
C MET A 65 13.16 -1.97 16.86
N SER A 66 13.08 -1.47 15.65
CA SER A 66 12.76 -0.10 15.35
C SER A 66 11.39 0.03 14.71
N ASP A 67 10.67 -1.08 14.58
CA ASP A 67 9.34 -1.09 13.93
C ASP A 67 9.52 -0.74 12.43
N LEU A 68 8.55 -0.08 11.83
CA LEU A 68 8.67 0.32 10.44
C LEU A 68 9.67 1.46 10.32
N ARG A 69 10.88 1.14 9.92
CA ARG A 69 11.91 2.14 9.80
C ARG A 69 11.99 2.67 8.39
N GLU A 70 11.61 3.93 8.25
CA GLU A 70 11.61 4.64 6.96
C GLU A 70 10.70 3.92 5.93
N ILE A 71 9.75 3.13 6.45
CA ILE A 71 8.78 2.33 5.67
C ILE A 71 9.37 1.77 4.37
N ASP A 72 9.94 0.60 4.50
CA ASP A 72 10.56 -0.08 3.37
C ASP A 72 9.66 -1.22 2.88
N GLY A 73 9.49 -1.30 1.58
CA GLY A 73 8.65 -2.34 1.01
C GLY A 73 8.99 -2.61 -0.41
N ARG A 74 8.10 -3.29 -1.12
CA ARG A 74 8.31 -3.59 -2.50
C ARG A 74 7.83 -2.40 -3.34
N PRO A 75 8.75 -1.75 -4.10
CA PRO A 75 8.40 -0.59 -4.93
C PRO A 75 7.40 -0.94 -6.02
N ILE A 76 6.22 -0.35 -5.93
CA ILE A 76 5.17 -0.63 -6.88
C ILE A 76 4.71 0.64 -7.59
N PRO A 77 5.18 0.86 -8.81
CA PRO A 77 4.73 1.97 -9.65
C PRO A 77 3.26 1.79 -10.06
N PRO A 78 2.59 2.89 -10.47
CA PRO A 78 1.16 2.89 -10.81
C PRO A 78 0.78 1.85 -11.87
N THR A 79 1.68 1.58 -12.78
CA THR A 79 1.42 0.65 -13.87
C THR A 79 1.27 -0.81 -13.39
N GLU A 80 1.80 -1.13 -12.21
CA GLU A 80 1.72 -2.51 -11.70
C GLU A 80 0.32 -2.93 -11.36
N CYS A 81 0.23 -4.17 -11.04
CA CYS A 81 -1.00 -4.80 -10.58
C CYS A 81 -0.66 -5.51 -9.27
N PRO A 82 -0.38 -4.74 -8.20
CA PRO A 82 0.19 -5.25 -6.94
C PRO A 82 -0.68 -6.34 -6.28
N LEU A 83 -1.97 -6.24 -6.44
CA LEU A 83 -2.90 -7.16 -5.81
C LEU A 83 -2.73 -8.58 -6.30
N PHE A 84 -2.42 -8.73 -7.57
CA PHE A 84 -2.17 -10.04 -8.15
C PHE A 84 -1.03 -10.73 -7.43
N GLU A 85 -0.11 -9.93 -6.92
CA GLU A 85 1.03 -10.45 -6.19
C GLU A 85 0.64 -10.86 -4.76
N MET A 86 -0.02 -9.97 -4.02
CA MET A 86 -0.43 -10.27 -2.65
C MET A 86 -1.41 -11.43 -2.59
N THR A 87 -2.36 -11.44 -3.49
CA THR A 87 -3.36 -12.47 -3.53
C THR A 87 -2.74 -13.84 -3.85
N ALA A 88 -1.83 -13.86 -4.82
CA ALA A 88 -1.18 -15.09 -5.26
C ALA A 88 -0.21 -15.66 -4.23
N ARG A 89 0.69 -14.82 -3.72
CA ARG A 89 1.70 -15.28 -2.77
C ARG A 89 1.15 -15.43 -1.36
N SER A 90 0.55 -14.35 -0.83
CA SER A 90 0.04 -14.31 0.55
C SER A 90 1.05 -14.87 1.59
N GLY A 91 0.60 -15.05 2.83
CA GLY A 91 1.47 -15.59 3.85
C GLY A 91 1.12 -15.11 5.23
N ASN A 92 2.08 -14.49 5.90
CA ASN A 92 1.90 -13.97 7.24
C ASN A 92 1.75 -12.44 7.22
N GLY A 93 1.79 -11.82 8.40
CA GLY A 93 1.61 -10.38 8.48
C GLY A 93 0.28 -10.01 9.12
N GLU A 94 -0.72 -10.87 8.90
CA GLU A 94 -2.08 -10.75 9.48
C GLU A 94 -2.87 -9.52 9.04
N ASN A 95 -2.18 -8.43 8.72
CA ASN A 95 -2.86 -7.21 8.24
C ASN A 95 -3.57 -7.47 6.93
N GLY A 96 -2.91 -8.19 6.05
CA GLY A 96 -3.50 -8.53 4.78
C GLY A 96 -2.58 -9.37 3.96
N PHE A 97 -3.09 -10.48 3.45
CA PHE A 97 -2.32 -11.42 2.60
C PHE A 97 -0.92 -11.68 3.17
N ASP A 98 0.09 -11.01 2.61
CA ASP A 98 1.46 -11.11 3.10
C ASP A 98 2.01 -9.74 3.43
N SER A 99 1.34 -8.70 2.96
CA SER A 99 1.81 -7.34 3.15
C SER A 99 0.62 -6.38 3.18
N PHE A 100 0.87 -5.17 3.62
CA PHE A 100 -0.14 -4.14 3.59
C PHE A 100 0.26 -3.13 2.55
N LEU A 101 -0.71 -2.47 1.97
CA LEU A 101 -0.44 -1.52 0.94
C LEU A 101 -0.28 -0.13 1.52
N ALA A 102 0.82 0.50 1.21
CA ALA A 102 1.11 1.81 1.72
C ALA A 102 1.54 2.77 0.62
N ILE A 103 1.43 4.05 0.88
CA ILE A 103 1.83 5.06 -0.07
C ILE A 103 3.14 5.68 0.36
N LYS A 104 4.12 5.64 -0.50
CA LYS A 104 5.38 6.25 -0.21
C LYS A 104 5.69 7.30 -1.22
N ARG A 105 6.50 8.22 -0.81
CA ARG A 105 6.89 9.29 -1.69
C ARG A 105 8.00 8.79 -2.59
N LYS A 106 7.64 8.60 -3.86
CA LYS A 106 8.57 8.16 -4.90
C LYS A 106 9.90 8.89 -4.80
N PRO A 107 10.99 8.15 -4.48
CA PRO A 107 12.35 8.72 -4.34
C PRO A 107 12.91 9.16 -5.67
N HIS A 108 12.28 8.69 -6.73
CA HIS A 108 12.66 9.00 -8.10
C HIS A 108 13.91 8.25 -8.48
N SER A 1 -10.69 -15.95 -0.11
CA SER A 1 -12.08 -16.10 0.38
C SER A 1 -12.65 -14.75 0.82
N MET A 2 -11.79 -13.83 1.21
CA MET A 2 -12.22 -12.53 1.67
C MET A 2 -12.05 -11.46 0.60
N PHE A 3 -10.85 -10.85 0.57
CA PHE A 3 -10.53 -9.72 -0.33
C PHE A 3 -11.40 -8.50 0.04
N GLY A 4 -12.69 -8.57 -0.28
CA GLY A 4 -13.63 -7.53 0.12
C GLY A 4 -13.69 -6.35 -0.83
N GLY A 5 -12.55 -5.96 -1.36
CA GLY A 5 -12.51 -4.83 -2.26
C GLY A 5 -12.04 -3.58 -1.55
N SER A 6 -12.05 -3.64 -0.24
CA SER A 6 -11.59 -2.54 0.58
C SER A 6 -10.18 -2.82 1.04
N LEU A 7 -9.27 -1.94 0.71
CA LEU A 7 -7.88 -2.14 1.07
C LEU A 7 -7.46 -1.27 2.21
N LYS A 8 -6.75 -1.88 3.13
CA LYS A 8 -6.19 -1.17 4.25
C LYS A 8 -4.91 -0.52 3.78
N VAL A 9 -4.99 0.75 3.51
CA VAL A 9 -3.90 1.47 2.93
C VAL A 9 -3.27 2.41 3.94
N TYR A 10 -1.96 2.32 4.05
CA TYR A 10 -1.21 3.07 5.03
C TYR A 10 -0.44 4.23 4.39
N GLY A 11 -0.96 5.44 4.56
CA GLY A 11 -0.29 6.61 4.03
C GLY A 11 0.88 7.02 4.90
N GLY A 12 0.72 6.80 6.21
CA GLY A 12 1.78 7.09 7.19
C GLY A 12 2.35 8.49 7.13
N GLU A 13 3.38 8.65 6.30
CA GLU A 13 4.13 9.91 6.18
C GLU A 13 3.26 11.05 5.69
N ILE A 14 2.37 10.73 4.78
CA ILE A 14 1.55 11.74 4.12
C ILE A 14 0.66 12.48 5.11
N VAL A 15 0.01 11.75 6.01
CA VAL A 15 -0.82 12.35 7.05
C VAL A 15 -0.72 11.54 8.34
N PRO A 16 0.01 12.06 9.35
CA PRO A 16 0.25 11.37 10.62
C PRO A 16 -1.01 11.17 11.47
N THR A 17 -2.02 11.98 11.25
CA THR A 17 -3.26 11.87 12.02
C THR A 17 -4.21 10.85 11.39
N ARG A 18 -3.84 10.37 10.20
CA ARG A 18 -4.62 9.34 9.53
C ARG A 18 -3.66 8.37 8.84
N PRO A 19 -2.89 7.60 9.63
CA PRO A 19 -1.89 6.67 9.09
C PRO A 19 -2.51 5.59 8.22
N TYR A 20 -3.73 5.20 8.56
CA TYR A 20 -4.44 4.18 7.82
C TYR A 20 -5.71 4.74 7.21
N VAL A 21 -5.98 4.35 6.00
CA VAL A 21 -7.16 4.76 5.30
C VAL A 21 -7.79 3.60 4.57
N SER A 22 -9.07 3.65 4.41
CA SER A 22 -9.81 2.60 3.74
C SER A 22 -10.16 3.03 2.32
N ILE A 23 -9.76 2.23 1.34
CA ILE A 23 -10.02 2.56 -0.04
C ILE A 23 -10.73 1.42 -0.74
N LEU A 24 -11.37 1.70 -1.86
CA LEU A 24 -12.02 0.69 -2.64
C LEU A 24 -11.25 0.48 -3.94
N ALA A 25 -10.85 -0.75 -4.19
CA ALA A 25 -10.12 -1.10 -5.40
C ALA A 25 -10.33 -2.58 -5.72
N GLU A 26 -10.31 -2.91 -7.00
CA GLU A 26 -10.48 -4.29 -7.41
C GLU A 26 -9.15 -4.88 -7.84
N ILE A 27 -9.05 -6.21 -7.77
CA ILE A 27 -7.82 -6.90 -8.13
C ILE A 27 -7.49 -6.75 -9.60
N ASN A 28 -8.51 -6.54 -10.41
CA ASN A 28 -8.34 -6.37 -11.84
C ASN A 28 -7.81 -4.97 -12.16
N GLU A 29 -7.67 -4.15 -11.14
CA GLU A 29 -7.19 -2.79 -11.32
C GLU A 29 -5.72 -2.69 -10.99
N ASN A 30 -5.09 -1.63 -11.45
CA ASN A 30 -3.67 -1.46 -11.25
C ASN A 30 -3.40 -0.66 -9.98
N ALA A 31 -2.13 -0.46 -9.68
CA ALA A 31 -1.71 0.30 -8.52
C ALA A 31 -2.20 1.74 -8.62
N ASP A 32 -2.48 2.18 -9.85
CA ASP A 32 -2.99 3.51 -10.12
C ASP A 32 -4.26 3.81 -9.33
N ARG A 33 -5.20 2.87 -9.33
CA ARG A 33 -6.44 3.05 -8.64
C ARG A 33 -6.22 3.04 -7.14
N ILE A 34 -5.39 2.12 -6.69
CA ILE A 34 -5.09 1.97 -5.28
C ILE A 34 -4.41 3.23 -4.75
N LEU A 35 -3.45 3.73 -5.50
CA LEU A 35 -2.75 4.95 -5.16
C LEU A 35 -3.69 6.15 -5.24
N GLY A 36 -4.49 6.19 -6.29
CA GLY A 36 -5.39 7.28 -6.51
C GLY A 36 -6.47 7.40 -5.47
N ALA A 37 -7.12 6.30 -5.14
CA ALA A 37 -8.20 6.30 -4.16
C ALA A 37 -7.70 6.77 -2.81
N ALA A 38 -6.57 6.23 -2.39
CA ALA A 38 -5.98 6.59 -1.10
C ALA A 38 -5.54 8.04 -1.08
N LEU A 39 -4.86 8.44 -2.13
CA LEU A 39 -4.33 9.79 -2.27
C LEU A 39 -5.48 10.79 -2.30
N GLU A 40 -6.57 10.39 -2.91
CA GLU A 40 -7.78 11.18 -3.00
C GLU A 40 -8.29 11.54 -1.62
N LYS A 41 -8.25 10.57 -0.70
CA LYS A 41 -8.74 10.76 0.64
C LYS A 41 -7.90 11.81 1.37
N TYR A 42 -6.59 11.74 1.18
CA TYR A 42 -5.68 12.70 1.78
C TYR A 42 -5.81 14.07 1.11
N GLY A 43 -6.16 14.06 -0.19
CA GLY A 43 -6.38 15.32 -0.90
C GLY A 43 -5.21 15.70 -1.81
N LEU A 44 -4.25 14.81 -1.95
CA LEU A 44 -3.09 15.08 -2.77
C LEU A 44 -3.23 14.45 -4.15
N GLU A 45 -4.47 14.10 -4.50
CA GLU A 45 -4.79 13.45 -5.77
C GLU A 45 -4.28 14.26 -6.99
N HIS A 46 -4.12 15.56 -6.80
CA HIS A 46 -3.66 16.44 -7.86
C HIS A 46 -2.18 16.23 -8.18
N SER A 47 -1.45 15.57 -7.29
CA SER A 47 -0.04 15.28 -7.49
C SER A 47 0.15 13.85 -8.01
N LYS A 48 0.13 12.89 -7.08
CA LYS A 48 0.22 11.44 -7.39
C LYS A 48 1.57 10.96 -7.89
N ASP A 49 2.14 11.64 -8.88
CA ASP A 49 3.42 11.18 -9.46
C ASP A 49 4.51 11.18 -8.40
N ASP A 50 4.42 12.13 -7.49
CA ASP A 50 5.38 12.26 -6.41
C ASP A 50 5.32 11.06 -5.43
N PHE A 51 4.30 10.21 -5.59
CA PHE A 51 4.13 9.09 -4.67
C PHE A 51 3.97 7.76 -5.42
N ILE A 52 4.40 6.69 -4.77
CA ILE A 52 4.25 5.34 -5.29
C ILE A 52 3.82 4.40 -4.17
N LEU A 53 3.54 3.15 -4.49
CA LEU A 53 3.11 2.20 -3.47
C LEU A 53 4.27 1.33 -3.04
N VAL A 54 4.30 1.00 -1.78
CA VAL A 54 5.34 0.15 -1.23
C VAL A 54 4.75 -1.00 -0.45
N GLU A 55 5.20 -2.20 -0.73
CA GLU A 55 4.74 -3.38 -0.01
C GLU A 55 5.60 -3.53 1.21
N VAL A 56 4.98 -3.51 2.36
CA VAL A 56 5.71 -3.57 3.61
C VAL A 56 5.22 -4.70 4.48
N SER A 57 6.16 -5.43 5.08
CA SER A 57 5.85 -6.53 5.93
C SER A 57 5.02 -6.07 7.11
N ASN A 58 4.01 -6.81 7.43
CA ASN A 58 3.17 -6.49 8.56
C ASN A 58 3.71 -7.20 9.80
N ASP A 59 4.77 -7.99 9.60
CA ASP A 59 5.43 -8.71 10.68
C ASP A 59 6.23 -7.74 11.57
N ASP A 60 6.92 -6.80 10.92
CA ASP A 60 7.70 -5.75 11.62
C ASP A 60 8.00 -4.59 10.67
N ASP A 61 8.37 -4.97 9.46
CA ASP A 61 8.73 -4.07 8.36
C ASP A 61 9.39 -4.93 7.34
N ARG A 62 10.31 -5.78 7.88
CA ARG A 62 11.11 -6.81 7.18
C ARG A 62 12.56 -6.77 7.65
N LYS A 63 12.78 -6.23 8.84
CA LYS A 63 14.14 -6.01 9.34
C LYS A 63 14.29 -6.43 10.78
N SER A 64 13.57 -5.75 11.65
CA SER A 64 13.66 -6.00 13.07
C SER A 64 12.37 -5.54 13.72
N MET A 65 12.18 -5.87 14.97
CA MET A 65 10.96 -5.53 15.65
C MET A 65 10.92 -4.04 16.05
N SER A 66 10.87 -3.18 15.06
CA SER A 66 10.69 -1.76 15.29
C SER A 66 9.23 -1.43 15.04
N ASP A 67 8.58 -2.36 14.34
CA ASP A 67 7.16 -2.29 14.02
C ASP A 67 6.82 -1.03 13.22
N LEU A 68 7.19 -1.05 11.94
CA LEU A 68 6.93 0.05 11.01
C LEU A 68 7.58 1.34 11.48
N ARG A 69 8.83 1.55 11.12
CA ARG A 69 9.53 2.76 11.52
C ARG A 69 9.48 3.81 10.42
N GLU A 70 10.29 3.63 9.39
CA GLU A 70 10.34 4.58 8.27
C GLU A 70 9.63 4.04 7.04
N ILE A 71 9.07 2.83 7.17
CA ILE A 71 8.36 2.15 6.08
C ILE A 71 9.31 1.82 4.94
N ASP A 72 9.80 0.63 4.91
CA ASP A 72 10.68 0.23 3.82
C ASP A 72 10.13 -0.99 3.11
N GLY A 73 9.58 -0.76 1.93
CA GLY A 73 9.02 -1.83 1.15
C GLY A 73 9.52 -1.83 -0.27
N ARG A 74 8.95 -2.68 -1.11
CA ARG A 74 9.35 -2.75 -2.50
C ARG A 74 8.64 -1.65 -3.29
N PRO A 75 9.33 -1.00 -4.24
CA PRO A 75 8.74 0.06 -5.07
C PRO A 75 7.73 -0.50 -6.07
N ILE A 76 6.48 -0.09 -5.92
CA ILE A 76 5.42 -0.53 -6.81
C ILE A 76 4.77 0.67 -7.50
N PRO A 77 5.13 0.91 -8.76
CA PRO A 77 4.56 1.99 -9.57
C PRO A 77 3.08 1.74 -9.92
N PRO A 78 2.32 2.82 -10.20
CA PRO A 78 0.88 2.73 -10.51
C PRO A 78 0.55 1.79 -11.67
N THR A 79 1.45 1.71 -12.65
CA THR A 79 1.23 0.87 -13.83
C THR A 79 1.23 -0.64 -13.48
N GLU A 80 1.75 -0.99 -12.32
CA GLU A 80 1.83 -2.37 -11.89
C GLU A 80 0.49 -2.87 -11.35
N CYS A 81 0.26 -4.17 -11.44
CA CYS A 81 -0.94 -4.80 -10.89
C CYS A 81 -0.50 -5.69 -9.71
N PRO A 82 -0.24 -5.09 -8.54
CA PRO A 82 0.30 -5.82 -7.39
C PRO A 82 -0.67 -6.83 -6.80
N LEU A 83 -1.96 -6.56 -6.91
CA LEU A 83 -2.97 -7.41 -6.30
C LEU A 83 -2.96 -8.82 -6.86
N PHE A 84 -2.76 -8.95 -8.16
CA PHE A 84 -2.73 -10.26 -8.81
C PHE A 84 -1.73 -11.18 -8.13
N GLU A 85 -0.50 -10.73 -8.03
CA GLU A 85 0.53 -11.51 -7.39
C GLU A 85 0.34 -11.56 -5.88
N MET A 86 -0.05 -10.43 -5.27
CA MET A 86 -0.19 -10.38 -3.81
C MET A 86 -1.23 -11.36 -3.27
N THR A 87 -2.38 -11.41 -3.91
CA THR A 87 -3.44 -12.29 -3.45
C THR A 87 -3.07 -13.78 -3.60
N ALA A 88 -2.58 -14.16 -4.78
CA ALA A 88 -2.22 -15.55 -5.05
C ALA A 88 -0.95 -15.99 -4.31
N ARG A 89 0.01 -15.11 -4.23
CA ARG A 89 1.32 -15.41 -3.62
C ARG A 89 1.31 -15.11 -2.12
N SER A 90 0.12 -14.83 -1.57
CA SER A 90 -0.03 -14.51 -0.14
C SER A 90 0.76 -15.48 0.76
N GLY A 91 1.68 -14.90 1.54
CA GLY A 91 2.51 -15.67 2.43
C GLY A 91 2.00 -15.65 3.86
N ASN A 92 2.85 -15.17 4.79
CA ASN A 92 2.50 -15.14 6.21
C ASN A 92 2.93 -13.85 6.93
N GLY A 93 3.35 -12.83 6.18
CA GLY A 93 3.74 -11.58 6.79
C GLY A 93 4.38 -10.60 5.81
N GLU A 94 5.15 -11.13 4.87
CA GLU A 94 5.80 -10.31 3.84
C GLU A 94 6.00 -11.10 2.55
N ASN A 95 5.09 -10.90 1.61
CA ASN A 95 5.18 -11.59 0.33
C ASN A 95 4.07 -11.12 -0.61
N GLY A 96 2.95 -10.73 -0.03
CA GLY A 96 1.85 -10.28 -0.83
C GLY A 96 0.68 -9.76 -0.01
N PHE A 97 -0.41 -10.51 -0.01
CA PHE A 97 -1.63 -10.11 0.71
C PHE A 97 -1.45 -10.27 2.21
N ASP A 98 -0.48 -11.09 2.58
CA ASP A 98 -0.10 -11.31 3.98
C ASP A 98 0.53 -10.06 4.52
N SER A 99 1.06 -9.28 3.62
CA SER A 99 1.67 -8.00 3.92
C SER A 99 0.68 -6.90 3.53
N PHE A 100 1.05 -5.66 3.76
CA PHE A 100 0.17 -4.58 3.40
C PHE A 100 0.83 -3.68 2.38
N LEU A 101 0.04 -2.84 1.76
CA LEU A 101 0.54 -1.97 0.76
C LEU A 101 0.38 -0.52 1.23
N ALA A 102 1.49 0.19 1.34
CA ALA A 102 1.50 1.56 1.82
C ALA A 102 1.94 2.52 0.74
N ILE A 103 1.94 3.81 1.06
CA ILE A 103 2.33 4.83 0.11
C ILE A 103 3.60 5.56 0.57
N LYS A 104 4.57 5.67 -0.31
CA LYS A 104 5.80 6.41 -0.04
C LYS A 104 6.06 7.34 -1.19
N ARG A 105 6.88 8.32 -0.96
CA ARG A 105 7.24 9.24 -2.00
C ARG A 105 8.17 8.57 -3.01
N LYS A 106 8.01 8.89 -4.28
CA LYS A 106 8.84 8.33 -5.35
C LYS A 106 10.36 8.55 -5.09
N PRO A 107 11.18 7.56 -5.48
CA PRO A 107 12.64 7.62 -5.32
C PRO A 107 13.29 8.82 -6.03
N HIS A 108 12.88 9.07 -7.27
CA HIS A 108 13.45 10.17 -8.05
C HIS A 108 12.36 11.04 -8.63
N SER A 1 -15.37 -12.33 2.01
CA SER A 1 -14.76 -13.49 1.33
C SER A 1 -14.46 -13.13 -0.11
N MET A 2 -13.49 -13.84 -0.72
CA MET A 2 -13.07 -13.58 -2.09
C MET A 2 -12.56 -12.15 -2.24
N PHE A 3 -11.36 -11.90 -1.72
CA PHE A 3 -10.71 -10.58 -1.76
C PHE A 3 -11.46 -9.58 -0.86
N GLY A 4 -12.65 -9.20 -1.26
CA GLY A 4 -13.45 -8.26 -0.51
C GLY A 4 -13.71 -6.99 -1.28
N GLY A 5 -12.73 -6.12 -1.31
CA GLY A 5 -12.85 -4.88 -2.04
C GLY A 5 -12.30 -3.70 -1.28
N SER A 6 -12.35 -3.77 0.04
CA SER A 6 -11.83 -2.69 0.85
C SER A 6 -10.44 -3.03 1.35
N LEU A 7 -9.49 -2.18 1.02
CA LEU A 7 -8.12 -2.40 1.38
C LEU A 7 -7.69 -1.51 2.52
N LYS A 8 -6.97 -2.10 3.45
CA LYS A 8 -6.37 -1.37 4.53
C LYS A 8 -5.08 -0.77 4.01
N VAL A 9 -5.12 0.51 3.74
CA VAL A 9 -4.02 1.17 3.11
C VAL A 9 -3.32 2.10 4.09
N TYR A 10 -2.01 1.94 4.18
CA TYR A 10 -1.20 2.71 5.10
C TYR A 10 -0.65 3.95 4.41
N GLY A 11 -1.04 5.11 4.92
CA GLY A 11 -0.62 6.36 4.34
C GLY A 11 0.29 7.13 5.25
N GLY A 12 1.02 6.38 6.08
CA GLY A 12 1.96 6.99 7.01
C GLY A 12 3.11 7.65 6.28
N GLU A 13 4.01 8.26 7.06
CA GLU A 13 5.17 8.99 6.52
C GLU A 13 4.70 10.29 5.90
N ILE A 14 3.95 10.16 4.83
CA ILE A 14 3.41 11.29 4.12
C ILE A 14 2.33 11.99 4.97
N VAL A 15 1.42 11.20 5.53
CA VAL A 15 0.32 11.75 6.33
C VAL A 15 0.32 11.16 7.75
N PRO A 16 1.11 11.76 8.66
CA PRO A 16 1.22 11.30 10.06
C PRO A 16 -0.12 11.31 10.80
N THR A 17 -0.97 12.27 10.47
CA THR A 17 -2.27 12.43 11.13
C THR A 17 -3.24 11.30 10.75
N ARG A 18 -2.98 10.61 9.64
CA ARG A 18 -3.83 9.51 9.20
C ARG A 18 -2.99 8.33 8.71
N PRO A 19 -2.50 7.50 9.64
CA PRO A 19 -1.66 6.35 9.29
C PRO A 19 -2.36 5.32 8.41
N TYR A 20 -3.67 5.18 8.56
CA TYR A 20 -4.41 4.20 7.77
C TYR A 20 -5.67 4.79 7.16
N VAL A 21 -5.97 4.33 5.96
CA VAL A 21 -7.18 4.72 5.26
C VAL A 21 -7.78 3.48 4.59
N SER A 22 -9.06 3.53 4.37
CA SER A 22 -9.76 2.41 3.76
C SER A 22 -10.14 2.79 2.34
N ILE A 23 -9.76 1.97 1.38
CA ILE A 23 -10.05 2.28 -0.02
C ILE A 23 -10.75 1.10 -0.67
N LEU A 24 -11.42 1.35 -1.76
CA LEU A 24 -12.05 0.30 -2.50
C LEU A 24 -11.35 0.13 -3.83
N ALA A 25 -10.87 -1.07 -4.09
CA ALA A 25 -10.14 -1.37 -5.30
C ALA A 25 -10.36 -2.81 -5.72
N GLU A 26 -10.42 -3.02 -7.01
CA GLU A 26 -10.55 -4.35 -7.56
C GLU A 26 -9.17 -4.93 -7.81
N ILE A 27 -9.05 -6.25 -7.77
CA ILE A 27 -7.75 -6.90 -7.96
C ILE A 27 -7.18 -6.67 -9.37
N ASN A 28 -8.03 -6.45 -10.33
CA ASN A 28 -7.58 -6.22 -11.70
C ASN A 28 -7.23 -4.76 -11.93
N GLU A 29 -7.25 -3.98 -10.87
CA GLU A 29 -6.92 -2.58 -10.94
C GLU A 29 -5.43 -2.39 -10.76
N ASN A 30 -4.89 -1.40 -11.43
CA ASN A 30 -3.49 -1.13 -11.34
C ASN A 30 -3.18 -0.27 -10.12
N ALA A 31 -1.91 -0.13 -9.81
CA ALA A 31 -1.47 0.64 -8.66
C ALA A 31 -1.95 2.08 -8.73
N ASP A 32 -2.16 2.58 -9.95
CA ASP A 32 -2.65 3.95 -10.12
C ASP A 32 -4.02 4.13 -9.47
N ARG A 33 -4.88 3.16 -9.64
CA ARG A 33 -6.22 3.23 -9.09
C ARG A 33 -6.16 3.11 -7.57
N ILE A 34 -5.35 2.18 -7.10
CA ILE A 34 -5.18 1.95 -5.67
C ILE A 34 -4.55 3.18 -5.01
N LEU A 35 -3.51 3.70 -5.64
CA LEU A 35 -2.80 4.88 -5.18
C LEU A 35 -3.73 6.08 -5.20
N GLY A 36 -4.46 6.21 -6.29
CA GLY A 36 -5.36 7.31 -6.48
C GLY A 36 -6.51 7.33 -5.51
N ALA A 37 -7.07 6.16 -5.21
CA ALA A 37 -8.21 6.10 -4.30
C ALA A 37 -7.84 6.61 -2.90
N ALA A 38 -6.71 6.15 -2.39
CA ALA A 38 -6.25 6.58 -1.07
C ALA A 38 -5.83 8.05 -1.10
N LEU A 39 -5.14 8.40 -2.16
CA LEU A 39 -4.63 9.75 -2.37
C LEU A 39 -5.80 10.73 -2.49
N GLU A 40 -6.88 10.25 -3.10
CA GLU A 40 -8.10 11.01 -3.27
C GLU A 40 -8.68 11.42 -1.92
N LYS A 41 -8.60 10.50 -0.96
CA LYS A 41 -9.15 10.75 0.36
C LYS A 41 -8.42 11.88 1.06
N TYR A 42 -7.12 12.02 0.77
CA TYR A 42 -6.33 13.10 1.36
C TYR A 42 -6.42 14.35 0.47
N GLY A 43 -7.11 14.22 -0.66
CA GLY A 43 -7.27 15.34 -1.58
C GLY A 43 -5.98 15.73 -2.27
N LEU A 44 -5.06 14.78 -2.35
CA LEU A 44 -3.74 15.05 -2.93
C LEU A 44 -3.56 14.32 -4.27
N GLU A 45 -4.67 13.88 -4.87
CA GLU A 45 -4.63 13.10 -6.12
C GLU A 45 -3.92 13.86 -7.26
N HIS A 46 -3.89 15.17 -7.16
CA HIS A 46 -3.26 16.00 -8.17
C HIS A 46 -1.74 16.00 -8.03
N SER A 47 -1.25 15.42 -6.94
CA SER A 47 0.17 15.33 -6.67
C SER A 47 0.64 13.87 -6.72
N LYS A 48 -0.14 13.03 -7.41
CA LYS A 48 0.12 11.59 -7.49
C LYS A 48 1.49 11.29 -8.09
N ASP A 49 1.95 12.19 -8.95
CA ASP A 49 3.23 12.02 -9.65
C ASP A 49 4.41 12.06 -8.69
N ASP A 50 4.16 12.43 -7.45
CA ASP A 50 5.22 12.53 -6.45
C ASP A 50 5.20 11.33 -5.51
N PHE A 51 4.25 10.42 -5.69
CA PHE A 51 4.11 9.28 -4.78
C PHE A 51 3.99 7.95 -5.53
N ILE A 52 4.37 6.86 -4.85
CA ILE A 52 4.25 5.51 -5.39
C ILE A 52 3.79 4.56 -4.26
N LEU A 53 3.51 3.32 -4.60
CA LEU A 53 3.07 2.35 -3.61
C LEU A 53 4.21 1.43 -3.22
N VAL A 54 4.26 1.07 -1.96
CA VAL A 54 5.25 0.13 -1.48
C VAL A 54 4.57 -1.01 -0.73
N GLU A 55 4.89 -2.23 -1.11
CA GLU A 55 4.26 -3.39 -0.49
C GLU A 55 5.06 -3.84 0.71
N VAL A 56 4.41 -3.90 1.86
CA VAL A 56 5.07 -4.27 3.10
C VAL A 56 4.30 -5.38 3.80
N SER A 57 4.99 -6.42 4.21
CA SER A 57 4.38 -7.53 4.93
C SER A 57 4.03 -7.12 6.35
N ASN A 58 2.99 -7.72 6.90
CA ASN A 58 2.56 -7.41 8.25
C ASN A 58 3.48 -8.04 9.27
N ASP A 59 4.71 -7.58 9.30
CA ASP A 59 5.68 -8.07 10.25
C ASP A 59 6.63 -6.97 10.72
N ASP A 60 6.73 -5.89 9.95
CA ASP A 60 7.65 -4.80 10.31
C ASP A 60 7.25 -4.16 11.63
N ASP A 61 5.96 -4.03 11.87
CA ASP A 61 5.49 -3.45 13.12
C ASP A 61 5.86 -4.35 14.27
N ARG A 62 5.79 -5.65 14.02
CA ARG A 62 6.15 -6.67 14.99
C ARG A 62 7.65 -6.73 15.24
N LYS A 63 8.40 -6.87 14.18
CA LYS A 63 9.83 -7.04 14.25
C LYS A 63 10.54 -5.78 14.72
N SER A 64 10.15 -4.66 14.16
CA SER A 64 10.70 -3.38 14.57
C SER A 64 10.18 -3.00 15.95
N MET A 65 8.94 -3.42 16.24
CA MET A 65 8.24 -3.17 17.52
C MET A 65 7.92 -1.67 17.69
N SER A 66 8.27 -0.89 16.69
CA SER A 66 8.05 0.53 16.70
C SER A 66 6.73 0.89 16.05
N ASP A 67 5.97 -0.13 15.66
CA ASP A 67 4.67 0.06 15.00
C ASP A 67 4.81 0.87 13.72
N LEU A 68 5.70 0.40 12.85
CA LEU A 68 5.98 1.05 11.55
C LEU A 68 6.53 2.47 11.72
N ARG A 69 7.74 2.56 12.25
CA ARG A 69 8.41 3.86 12.39
C ARG A 69 8.98 4.27 11.04
N GLU A 70 9.71 3.35 10.44
CA GLU A 70 10.30 3.53 9.14
C GLU A 70 9.72 2.48 8.22
N ILE A 71 9.20 2.90 7.08
CA ILE A 71 8.57 1.97 6.19
C ILE A 71 9.16 2.02 4.80
N ASP A 72 9.39 0.85 4.22
CA ASP A 72 9.91 0.74 2.88
C ASP A 72 9.78 -0.69 2.39
N GLY A 73 9.00 -0.88 1.35
CA GLY A 73 8.79 -2.20 0.81
C GLY A 73 9.21 -2.29 -0.64
N ARG A 74 8.46 -3.06 -1.42
CA ARG A 74 8.76 -3.20 -2.83
C ARG A 74 8.17 -2.00 -3.57
N PRO A 75 9.02 -1.22 -4.28
CA PRO A 75 8.56 -0.06 -5.02
C PRO A 75 7.64 -0.46 -6.17
N ILE A 76 6.41 -0.02 -6.08
CA ILE A 76 5.41 -0.36 -7.08
C ILE A 76 4.85 0.89 -7.72
N PRO A 77 5.29 1.18 -8.94
CA PRO A 77 4.75 2.31 -9.71
C PRO A 77 3.27 2.09 -10.08
N PRO A 78 2.56 3.18 -10.42
CA PRO A 78 1.12 3.13 -10.74
C PRO A 78 0.77 2.12 -11.84
N THR A 79 1.72 1.91 -12.72
CA THR A 79 1.53 1.05 -13.87
C THR A 79 1.23 -0.43 -13.47
N GLU A 80 1.98 -0.95 -12.50
CA GLU A 80 1.87 -2.37 -12.13
C GLU A 80 0.65 -2.65 -11.22
N CYS A 81 0.19 -3.91 -11.21
CA CYS A 81 -0.94 -4.34 -10.37
C CYS A 81 -0.47 -5.41 -9.35
N PRO A 82 -0.09 -4.97 -8.12
CA PRO A 82 0.48 -5.87 -7.08
C PRO A 82 -0.51 -6.85 -6.44
N LEU A 83 -1.81 -6.59 -6.56
CA LEU A 83 -2.82 -7.41 -5.87
C LEU A 83 -2.80 -8.86 -6.29
N PHE A 84 -2.50 -9.11 -7.55
CA PHE A 84 -2.42 -10.47 -8.06
C PHE A 84 -1.42 -11.28 -7.27
N GLU A 85 -0.27 -10.69 -7.04
CA GLU A 85 0.77 -11.35 -6.31
C GLU A 85 0.48 -11.37 -4.80
N MET A 86 -0.10 -10.29 -4.29
CA MET A 86 -0.46 -10.19 -2.87
C MET A 86 -1.46 -11.28 -2.46
N THR A 87 -2.50 -11.40 -3.26
CA THR A 87 -3.57 -12.35 -2.99
C THR A 87 -3.09 -13.80 -3.11
N ALA A 88 -2.11 -14.02 -3.97
CA ALA A 88 -1.58 -15.36 -4.21
C ALA A 88 -0.50 -15.74 -3.17
N ARG A 89 0.27 -14.75 -2.71
CA ARG A 89 1.36 -15.02 -1.79
C ARG A 89 0.83 -15.56 -0.46
N SER A 90 -0.22 -14.86 0.08
CA SER A 90 -0.90 -15.20 1.36
C SER A 90 -0.13 -16.16 2.26
N GLY A 91 0.75 -15.64 3.12
CA GLY A 91 1.52 -16.51 3.97
C GLY A 91 1.88 -15.92 5.33
N ASN A 92 2.80 -14.97 5.33
CA ASN A 92 3.34 -14.42 6.58
C ASN A 92 2.34 -13.53 7.31
N GLY A 93 2.07 -12.37 6.76
CA GLY A 93 1.14 -11.46 7.38
C GLY A 93 -0.28 -11.79 7.03
N GLU A 94 -0.93 -12.57 7.87
CA GLU A 94 -2.30 -13.00 7.61
C GLU A 94 -3.30 -11.85 7.82
N ASN A 95 -2.81 -10.72 8.31
CA ASN A 95 -3.66 -9.55 8.53
C ASN A 95 -4.21 -9.06 7.19
N GLY A 96 -3.36 -9.04 6.16
CA GLY A 96 -3.82 -8.70 4.85
C GLY A 96 -3.59 -9.85 3.89
N PHE A 97 -3.33 -9.54 2.64
CA PHE A 97 -3.02 -10.57 1.67
C PHE A 97 -1.54 -10.84 1.73
N ASP A 98 -1.12 -11.46 2.83
CA ASP A 98 0.30 -11.71 3.16
C ASP A 98 0.99 -10.41 3.51
N SER A 99 0.84 -9.45 2.66
CA SER A 99 1.41 -8.15 2.85
C SER A 99 0.36 -7.08 2.62
N PHE A 100 0.63 -5.90 3.10
CA PHE A 100 -0.26 -4.78 2.89
C PHE A 100 0.41 -3.80 1.96
N LEU A 101 -0.34 -2.87 1.45
CA LEU A 101 0.19 -1.95 0.52
C LEU A 101 0.14 -0.53 1.07
N ALA A 102 1.28 0.12 1.11
CA ALA A 102 1.40 1.45 1.68
C ALA A 102 1.81 2.47 0.63
N ILE A 103 1.71 3.73 0.99
CA ILE A 103 2.03 4.80 0.08
C ILE A 103 3.27 5.56 0.56
N LYS A 104 4.23 5.73 -0.32
CA LYS A 104 5.43 6.49 -0.03
C LYS A 104 5.69 7.49 -1.11
N ARG A 105 6.43 8.49 -0.75
CA ARG A 105 6.78 9.56 -1.68
C ARG A 105 8.10 9.26 -2.35
N LYS A 106 8.14 9.45 -3.64
CA LYS A 106 9.35 9.19 -4.39
C LYS A 106 10.46 10.18 -4.01
N PRO A 107 11.73 9.75 -4.13
CA PRO A 107 12.90 10.58 -3.84
C PRO A 107 13.16 11.60 -4.95
N HIS A 108 14.43 12.04 -5.05
CA HIS A 108 14.90 13.02 -6.04
C HIS A 108 13.98 14.24 -6.14
N SER A 1 -14.17 -14.08 2.26
CA SER A 1 -13.05 -14.36 3.16
C SER A 1 -11.77 -13.71 2.65
N MET A 2 -11.35 -14.08 1.44
CA MET A 2 -10.14 -13.55 0.85
C MET A 2 -10.41 -12.21 0.19
N PHE A 3 -9.45 -11.29 0.33
CA PHE A 3 -9.52 -9.94 -0.27
C PHE A 3 -10.45 -9.02 0.52
N GLY A 4 -11.60 -9.55 0.91
CA GLY A 4 -12.56 -8.79 1.69
C GLY A 4 -13.39 -7.85 0.84
N GLY A 5 -12.74 -6.89 0.22
CA GLY A 5 -13.45 -5.94 -0.61
C GLY A 5 -12.84 -4.56 -0.56
N SER A 6 -12.16 -4.25 0.52
CA SER A 6 -11.51 -2.97 0.67
C SER A 6 -10.10 -3.16 1.20
N LEU A 7 -9.23 -2.21 0.93
CA LEU A 7 -7.84 -2.33 1.33
C LEU A 7 -7.47 -1.42 2.48
N LYS A 8 -6.72 -1.98 3.39
CA LYS A 8 -6.18 -1.25 4.50
C LYS A 8 -4.89 -0.58 4.04
N VAL A 9 -4.95 0.71 3.88
CA VAL A 9 -3.87 1.47 3.27
C VAL A 9 -3.22 2.42 4.27
N TYR A 10 -1.90 2.43 4.30
CA TYR A 10 -1.14 3.24 5.24
C TYR A 10 -0.33 4.34 4.54
N GLY A 11 -0.55 5.58 4.96
CA GLY A 11 0.14 6.71 4.38
C GLY A 11 0.64 7.70 5.43
N GLY A 12 0.92 7.18 6.62
CA GLY A 12 1.37 8.01 7.74
C GLY A 12 2.68 8.74 7.48
N GLU A 13 3.49 8.23 6.57
CA GLU A 13 4.78 8.85 6.23
C GLU A 13 4.53 10.22 5.61
N ILE A 14 3.52 10.28 4.77
CA ILE A 14 3.16 11.51 4.09
C ILE A 14 2.24 12.36 4.95
N VAL A 15 1.20 11.73 5.46
CA VAL A 15 0.22 12.42 6.29
C VAL A 15 0.13 11.77 7.67
N PRO A 16 0.87 12.32 8.65
CA PRO A 16 0.92 11.78 10.01
C PRO A 16 -0.40 11.89 10.76
N THR A 17 -1.24 12.82 10.35
CA THR A 17 -2.52 13.02 11.01
C THR A 17 -3.53 11.94 10.60
N ARG A 18 -3.24 11.25 9.51
CA ARG A 18 -4.09 10.14 9.05
C ARG A 18 -3.20 8.98 8.59
N PRO A 19 -2.64 8.22 9.54
CA PRO A 19 -1.74 7.10 9.21
C PRO A 19 -2.43 5.99 8.43
N TYR A 20 -3.70 5.75 8.71
CA TYR A 20 -4.42 4.69 8.06
C TYR A 20 -5.66 5.19 7.34
N VAL A 21 -5.92 4.61 6.19
CA VAL A 21 -7.07 4.91 5.39
C VAL A 21 -7.58 3.63 4.73
N SER A 22 -8.83 3.63 4.37
CA SER A 22 -9.41 2.47 3.71
C SER A 22 -9.91 2.85 2.33
N ILE A 23 -9.57 2.05 1.34
CA ILE A 23 -9.93 2.35 -0.03
C ILE A 23 -10.66 1.16 -0.65
N LEU A 24 -11.40 1.42 -1.71
CA LEU A 24 -12.09 0.36 -2.40
C LEU A 24 -11.43 0.14 -3.75
N ALA A 25 -10.74 -0.97 -3.89
CA ALA A 25 -10.02 -1.30 -5.11
C ALA A 25 -10.23 -2.75 -5.46
N GLU A 26 -10.14 -3.07 -6.73
CA GLU A 26 -10.32 -4.44 -7.18
C GLU A 26 -8.98 -5.02 -7.58
N ILE A 27 -8.85 -6.35 -7.57
CA ILE A 27 -7.59 -7.00 -7.89
C ILE A 27 -7.18 -6.79 -9.34
N ASN A 28 -8.16 -6.63 -10.20
CA ASN A 28 -7.88 -6.46 -11.62
C ASN A 28 -7.57 -4.99 -11.96
N GLU A 29 -7.40 -4.19 -10.92
CA GLU A 29 -7.07 -2.80 -11.10
C GLU A 29 -5.59 -2.56 -10.87
N ASN A 30 -5.04 -1.60 -11.57
CA ASN A 30 -3.63 -1.30 -11.46
C ASN A 30 -3.35 -0.45 -10.22
N ALA A 31 -2.08 -0.31 -9.90
CA ALA A 31 -1.66 0.44 -8.72
C ALA A 31 -2.12 1.90 -8.76
N ASP A 32 -2.32 2.44 -9.96
CA ASP A 32 -2.76 3.83 -10.08
C ASP A 32 -4.13 4.02 -9.45
N ARG A 33 -5.01 3.05 -9.66
CA ARG A 33 -6.34 3.09 -9.10
C ARG A 33 -6.26 3.03 -7.58
N ILE A 34 -5.42 2.13 -7.08
CA ILE A 34 -5.21 1.95 -5.66
C ILE A 34 -4.58 3.21 -5.04
N LEU A 35 -3.57 3.72 -5.72
CA LEU A 35 -2.86 4.91 -5.29
C LEU A 35 -3.78 6.12 -5.28
N GLY A 36 -4.54 6.27 -6.35
CA GLY A 36 -5.44 7.39 -6.48
C GLY A 36 -6.56 7.38 -5.47
N ALA A 37 -7.09 6.20 -5.19
CA ALA A 37 -8.18 6.07 -4.24
C ALA A 37 -7.78 6.59 -2.87
N ALA A 38 -6.63 6.13 -2.38
CA ALA A 38 -6.11 6.56 -1.10
C ALA A 38 -5.64 8.01 -1.15
N LEU A 39 -5.00 8.36 -2.23
CA LEU A 39 -4.44 9.68 -2.44
C LEU A 39 -5.54 10.74 -2.42
N GLU A 40 -6.66 10.41 -3.03
CA GLU A 40 -7.81 11.28 -3.06
C GLU A 40 -8.31 11.56 -1.65
N LYS A 41 -8.24 10.55 -0.79
CA LYS A 41 -8.68 10.68 0.60
C LYS A 41 -7.80 11.70 1.33
N TYR A 42 -6.50 11.69 1.03
CA TYR A 42 -5.57 12.64 1.64
C TYR A 42 -5.64 14.01 0.96
N GLY A 43 -6.41 14.09 -0.13
CA GLY A 43 -6.58 15.34 -0.84
C GLY A 43 -5.37 15.70 -1.69
N LEU A 44 -4.58 14.70 -2.03
CA LEU A 44 -3.37 14.91 -2.83
C LEU A 44 -3.50 14.26 -4.21
N GLU A 45 -4.74 14.06 -4.64
CA GLU A 45 -5.06 13.38 -5.91
C GLU A 45 -4.33 14.01 -7.11
N HIS A 46 -4.26 15.33 -7.14
CA HIS A 46 -3.65 16.03 -8.26
C HIS A 46 -2.11 15.93 -8.24
N SER A 47 -1.57 15.45 -7.13
CA SER A 47 -0.13 15.34 -6.96
C SER A 47 0.32 13.88 -6.97
N LYS A 48 -0.43 13.03 -7.68
CA LYS A 48 -0.14 11.59 -7.71
C LYS A 48 1.24 11.30 -8.28
N ASP A 49 1.67 12.15 -9.19
CA ASP A 49 2.96 11.99 -9.88
C ASP A 49 4.14 12.11 -8.89
N ASP A 50 3.86 12.51 -7.67
CA ASP A 50 4.90 12.66 -6.65
C ASP A 50 4.93 11.48 -5.67
N PHE A 51 4.01 10.53 -5.83
CA PHE A 51 3.93 9.40 -4.90
C PHE A 51 3.82 8.07 -5.63
N ILE A 52 4.26 7.00 -4.96
CA ILE A 52 4.15 5.63 -5.48
C ILE A 52 3.72 4.71 -4.35
N LEU A 53 3.43 3.46 -4.66
CA LEU A 53 3.00 2.52 -3.65
C LEU A 53 4.15 1.62 -3.23
N VAL A 54 4.20 1.29 -1.97
CA VAL A 54 5.23 0.40 -1.47
C VAL A 54 4.61 -0.77 -0.73
N GLU A 55 5.06 -1.94 -1.04
CA GLU A 55 4.56 -3.14 -0.40
C GLU A 55 5.37 -3.40 0.86
N VAL A 56 4.69 -3.50 1.98
CA VAL A 56 5.36 -3.70 3.24
C VAL A 56 4.85 -4.98 3.90
N SER A 57 5.78 -5.83 4.33
CA SER A 57 5.42 -7.06 4.99
C SER A 57 4.93 -6.77 6.41
N ASN A 58 3.73 -7.21 6.71
CA ASN A 58 3.09 -6.88 7.98
C ASN A 58 3.51 -7.79 9.12
N ASP A 59 3.38 -9.09 8.92
CA ASP A 59 3.56 -10.06 10.03
C ASP A 59 4.95 -10.05 10.70
N ASP A 60 5.91 -9.34 10.13
CA ASP A 60 7.21 -9.19 10.81
C ASP A 60 6.96 -8.42 12.09
N ASP A 61 7.04 -9.13 13.23
CA ASP A 61 6.68 -8.59 14.55
C ASP A 61 5.17 -8.40 14.61
N ARG A 62 4.69 -7.56 13.70
CA ARG A 62 3.27 -7.25 13.55
C ARG A 62 3.12 -6.16 12.51
N LYS A 63 4.19 -5.39 12.28
CA LYS A 63 4.21 -4.32 11.29
C LYS A 63 5.65 -4.06 10.81
N SER A 64 6.17 -5.00 10.01
CA SER A 64 7.54 -4.96 9.51
C SER A 64 8.54 -5.18 10.65
N MET A 65 9.74 -5.63 10.31
CA MET A 65 10.80 -5.79 11.30
C MET A 65 11.13 -4.43 11.86
N SER A 66 10.75 -3.43 11.07
CA SER A 66 10.89 -2.04 11.39
C SER A 66 9.99 -1.64 12.56
N ASP A 67 9.04 -2.54 12.92
CA ASP A 67 8.01 -2.29 13.96
C ASP A 67 7.26 -0.99 13.70
N LEU A 68 7.06 -0.71 12.41
CA LEU A 68 6.36 0.51 11.93
C LEU A 68 7.07 1.80 12.40
N ARG A 69 8.28 1.66 12.91
CA ARG A 69 9.07 2.80 13.37
C ARG A 69 9.40 3.67 12.16
N GLU A 70 9.74 3.01 11.08
CA GLU A 70 9.98 3.65 9.81
C GLU A 70 9.37 2.76 8.74
N ILE A 71 8.75 3.35 7.74
CA ILE A 71 8.12 2.53 6.71
C ILE A 71 9.10 2.13 5.64
N ASP A 72 9.27 0.85 5.49
CA ASP A 72 10.13 0.30 4.49
C ASP A 72 9.33 -0.66 3.64
N GLY A 73 9.59 -0.67 2.35
CA GLY A 73 8.83 -1.52 1.48
C GLY A 73 9.40 -1.58 0.09
N ARG A 74 8.69 -2.26 -0.79
CA ARG A 74 9.15 -2.43 -2.15
C ARG A 74 8.47 -1.40 -3.05
N PRO A 75 9.26 -0.55 -3.74
CA PRO A 75 8.73 0.51 -4.62
C PRO A 75 7.97 -0.06 -5.81
N ILE A 76 6.69 0.23 -5.86
CA ILE A 76 5.83 -0.24 -6.92
C ILE A 76 5.19 0.96 -7.64
N PRO A 77 5.44 1.10 -8.93
CA PRO A 77 4.86 2.17 -9.75
C PRO A 77 3.35 1.94 -9.95
N PRO A 78 2.61 3.03 -10.27
CA PRO A 78 1.15 2.96 -10.50
C PRO A 78 0.78 2.01 -11.63
N THR A 79 1.69 1.83 -12.56
CA THR A 79 1.45 1.01 -13.73
C THR A 79 1.31 -0.49 -13.42
N GLU A 80 2.01 -0.97 -12.40
CA GLU A 80 2.01 -2.40 -12.06
C GLU A 80 0.78 -2.80 -11.21
N CYS A 81 0.45 -4.08 -11.21
CA CYS A 81 -0.68 -4.62 -10.44
C CYS A 81 -0.16 -5.62 -9.39
N PRO A 82 0.23 -5.13 -8.20
CA PRO A 82 0.82 -5.99 -7.15
C PRO A 82 -0.18 -6.94 -6.48
N LEU A 83 -1.48 -6.68 -6.65
CA LEU A 83 -2.51 -7.50 -6.01
C LEU A 83 -2.50 -8.94 -6.50
N PHE A 84 -2.27 -9.12 -7.80
CA PHE A 84 -2.28 -10.45 -8.39
C PHE A 84 -1.28 -11.37 -7.71
N GLU A 85 -0.07 -10.88 -7.50
CA GLU A 85 0.95 -11.68 -6.85
C GLU A 85 0.58 -11.96 -5.40
N MET A 86 0.08 -10.95 -4.71
CA MET A 86 -0.25 -11.11 -3.31
C MET A 86 -1.37 -12.13 -3.09
N THR A 87 -2.39 -12.07 -3.91
CA THR A 87 -3.52 -12.96 -3.76
C THR A 87 -3.26 -14.35 -4.37
N ALA A 88 -2.65 -14.40 -5.55
CA ALA A 88 -2.42 -15.68 -6.25
C ALA A 88 -1.56 -16.66 -5.46
N ARG A 89 -0.40 -16.20 -4.99
CA ARG A 89 0.46 -17.09 -4.21
C ARG A 89 0.14 -17.00 -2.74
N SER A 90 -0.35 -15.83 -2.32
CA SER A 90 -0.66 -15.54 -0.93
C SER A 90 0.57 -15.77 -0.05
N GLY A 91 0.37 -15.94 1.24
CA GLY A 91 1.49 -16.15 2.13
C GLY A 91 1.10 -16.86 3.39
N ASN A 92 2.10 -17.26 4.14
CA ASN A 92 1.88 -17.95 5.40
C ASN A 92 2.39 -17.07 6.55
N GLY A 93 2.62 -15.81 6.23
CA GLY A 93 3.14 -14.87 7.20
C GLY A 93 4.53 -14.43 6.84
N GLU A 94 4.74 -14.03 5.59
CA GLU A 94 6.06 -13.61 5.13
C GLU A 94 6.01 -12.82 3.83
N ASN A 95 5.95 -13.52 2.72
CA ASN A 95 5.95 -12.88 1.42
C ASN A 95 4.76 -13.33 0.61
N GLY A 96 3.65 -12.66 0.82
CA GLY A 96 2.46 -13.00 0.09
C GLY A 96 1.33 -12.03 0.31
N PHE A 97 0.29 -12.48 0.98
CA PHE A 97 -0.88 -11.65 1.23
C PHE A 97 -0.87 -11.18 2.67
N ASP A 98 0.21 -11.51 3.34
CA ASP A 98 0.41 -11.16 4.74
C ASP A 98 0.85 -9.73 4.83
N SER A 99 1.09 -9.15 3.69
CA SER A 99 1.60 -7.82 3.59
C SER A 99 0.51 -6.80 3.33
N PHE A 100 0.88 -5.54 3.35
CA PHE A 100 -0.03 -4.48 3.02
C PHE A 100 0.62 -3.54 2.03
N LEU A 101 -0.18 -2.74 1.40
CA LEU A 101 0.32 -1.83 0.43
C LEU A 101 0.16 -0.41 0.94
N ALA A 102 1.26 0.29 1.06
CA ALA A 102 1.27 1.62 1.61
C ALA A 102 1.69 2.64 0.57
N ILE A 103 1.63 3.90 0.95
CA ILE A 103 1.98 4.98 0.04
C ILE A 103 3.27 5.67 0.49
N LYS A 104 4.20 5.82 -0.43
CA LYS A 104 5.44 6.51 -0.16
C LYS A 104 5.67 7.56 -1.20
N ARG A 105 6.56 8.44 -0.89
CA ARG A 105 6.92 9.49 -1.81
C ARG A 105 7.97 8.96 -2.78
N LYS A 106 7.77 9.26 -4.05
CA LYS A 106 8.69 8.81 -5.11
C LYS A 106 10.17 9.10 -4.77
N PRO A 107 11.04 8.11 -4.96
CA PRO A 107 12.48 8.25 -4.68
C PRO A 107 13.15 9.26 -5.61
N HIS A 108 12.79 9.21 -6.88
CA HIS A 108 13.39 10.11 -7.86
C HIS A 108 12.32 10.99 -8.47
N SER A 1 -10.26 -16.59 1.43
CA SER A 1 -11.26 -16.96 0.41
C SER A 1 -11.67 -15.74 -0.42
N MET A 2 -12.06 -14.67 0.26
CA MET A 2 -12.53 -13.46 -0.39
C MET A 2 -11.44 -12.40 -0.34
N PHE A 3 -11.34 -11.60 -1.41
CA PHE A 3 -10.36 -10.53 -1.46
C PHE A 3 -10.62 -9.49 -0.35
N GLY A 4 -11.88 -9.08 -0.22
CA GLY A 4 -12.24 -8.14 0.83
C GLY A 4 -12.84 -6.85 0.30
N GLY A 5 -12.45 -6.46 -0.89
CA GLY A 5 -12.98 -5.27 -1.52
C GLY A 5 -12.34 -3.99 -0.99
N SER A 6 -12.41 -3.78 0.30
CA SER A 6 -11.83 -2.62 0.92
C SER A 6 -10.44 -2.95 1.44
N LEU A 7 -9.48 -2.09 1.16
CA LEU A 7 -8.12 -2.31 1.60
C LEU A 7 -7.70 -1.36 2.67
N LYS A 8 -6.91 -1.87 3.59
CA LYS A 8 -6.31 -1.06 4.62
C LYS A 8 -5.05 -0.45 4.05
N VAL A 9 -5.12 0.81 3.71
CA VAL A 9 -4.02 1.48 3.07
C VAL A 9 -3.31 2.39 4.06
N TYR A 10 -2.01 2.25 4.13
CA TYR A 10 -1.22 3.00 5.09
C TYR A 10 -0.63 4.27 4.47
N GLY A 11 -0.89 5.39 5.11
CA GLY A 11 -0.35 6.65 4.68
C GLY A 11 0.22 7.41 5.84
N GLY A 12 0.47 6.69 6.93
CA GLY A 12 0.99 7.28 8.16
C GLY A 12 2.36 7.90 7.99
N GLU A 13 3.09 7.47 6.98
CA GLU A 13 4.40 8.02 6.70
C GLU A 13 4.24 9.50 6.33
N ILE A 14 3.45 9.74 5.30
CA ILE A 14 3.19 11.08 4.82
C ILE A 14 2.32 11.86 5.81
N VAL A 15 1.27 11.22 6.32
CA VAL A 15 0.35 11.84 7.26
C VAL A 15 0.10 10.92 8.46
N PRO A 16 0.84 11.12 9.56
CA PRO A 16 0.71 10.29 10.78
C PRO A 16 -0.63 10.47 11.45
N THR A 17 -1.20 11.58 11.19
CA THR A 17 -2.47 11.94 11.71
C THR A 17 -3.58 11.06 11.09
N ARG A 18 -3.30 10.52 9.91
CA ARG A 18 -4.24 9.67 9.18
C ARG A 18 -3.50 8.39 8.74
N PRO A 19 -3.10 7.53 9.71
CA PRO A 19 -2.24 6.36 9.46
C PRO A 19 -2.82 5.35 8.48
N TYR A 20 -4.02 4.87 8.75
CA TYR A 20 -4.63 3.89 7.89
C TYR A 20 -5.93 4.42 7.30
N VAL A 21 -6.10 4.21 6.02
CA VAL A 21 -7.28 4.66 5.32
C VAL A 21 -7.91 3.48 4.58
N SER A 22 -9.14 3.62 4.22
CA SER A 22 -9.87 2.57 3.55
C SER A 22 -10.17 2.95 2.11
N ILE A 23 -9.82 2.07 1.18
CA ILE A 23 -10.05 2.33 -0.23
C ILE A 23 -10.83 1.18 -0.85
N LEU A 24 -11.41 1.43 -2.00
CA LEU A 24 -12.10 0.40 -2.73
C LEU A 24 -11.32 0.07 -4.00
N ALA A 25 -10.77 -1.11 -4.06
CA ALA A 25 -9.98 -1.53 -5.20
C ALA A 25 -10.07 -3.03 -5.37
N GLU A 26 -10.00 -3.48 -6.61
CA GLU A 26 -10.06 -4.89 -6.90
C GLU A 26 -8.76 -5.38 -7.50
N ILE A 27 -8.55 -6.70 -7.47
CA ILE A 27 -7.31 -7.30 -7.93
C ILE A 27 -7.02 -7.07 -9.41
N ASN A 28 -8.05 -6.84 -10.17
CA ASN A 28 -7.88 -6.63 -11.60
C ASN A 28 -7.56 -5.17 -11.90
N GLU A 29 -7.40 -4.38 -10.85
CA GLU A 29 -7.05 -2.99 -10.99
C GLU A 29 -5.58 -2.79 -10.74
N ASN A 30 -4.98 -1.85 -11.45
CA ASN A 30 -3.58 -1.58 -11.31
C ASN A 30 -3.32 -0.69 -10.10
N ALA A 31 -2.06 -0.48 -9.80
CA ALA A 31 -1.66 0.32 -8.66
C ALA A 31 -2.20 1.74 -8.73
N ASP A 32 -2.44 2.23 -9.94
CA ASP A 32 -2.99 3.59 -10.12
C ASP A 32 -4.35 3.75 -9.46
N ARG A 33 -5.20 2.74 -9.62
CA ARG A 33 -6.54 2.78 -9.04
C ARG A 33 -6.44 2.78 -7.52
N ILE A 34 -5.53 1.97 -7.00
CA ILE A 34 -5.28 1.89 -5.57
C ILE A 34 -4.69 3.21 -5.07
N LEU A 35 -3.74 3.73 -5.83
CA LEU A 35 -3.07 4.98 -5.51
C LEU A 35 -4.07 6.12 -5.49
N GLY A 36 -4.91 6.19 -6.51
CA GLY A 36 -5.87 7.27 -6.61
C GLY A 36 -6.90 7.29 -5.50
N ALA A 37 -7.38 6.11 -5.12
CA ALA A 37 -8.40 6.02 -4.09
C ALA A 37 -7.89 6.49 -2.73
N ALA A 38 -6.66 6.17 -2.41
CA ALA A 38 -6.08 6.55 -1.12
C ALA A 38 -5.51 7.95 -1.17
N LEU A 39 -4.84 8.26 -2.25
CA LEU A 39 -4.17 9.54 -2.42
C LEU A 39 -5.19 10.68 -2.41
N GLU A 40 -6.37 10.40 -2.97
CA GLU A 40 -7.47 11.36 -3.00
C GLU A 40 -7.86 11.74 -1.57
N LYS A 41 -7.90 10.76 -0.69
CA LYS A 41 -8.30 10.98 0.70
C LYS A 41 -7.31 11.91 1.40
N TYR A 42 -6.03 11.73 1.12
CA TYR A 42 -5.00 12.57 1.71
C TYR A 42 -4.89 13.92 0.99
N GLY A 43 -5.69 14.07 -0.08
CA GLY A 43 -5.72 15.33 -0.82
C GLY A 43 -4.47 15.57 -1.63
N LEU A 44 -3.84 14.50 -2.05
CA LEU A 44 -2.59 14.60 -2.81
C LEU A 44 -2.76 14.01 -4.21
N GLU A 45 -4.02 13.78 -4.58
CA GLU A 45 -4.39 13.15 -5.87
C GLU A 45 -3.91 13.99 -7.07
N HIS A 46 -3.80 15.29 -6.86
CA HIS A 46 -3.34 16.19 -7.91
C HIS A 46 -1.86 15.94 -8.23
N SER A 47 -1.18 15.20 -7.38
CA SER A 47 0.22 14.92 -7.56
C SER A 47 0.47 13.58 -8.30
N LYS A 48 0.57 12.47 -7.54
CA LYS A 48 0.92 11.12 -8.06
C LYS A 48 2.33 11.05 -8.64
N ASP A 49 2.74 12.08 -9.35
CA ASP A 49 4.09 12.13 -9.90
C ASP A 49 5.08 12.08 -8.75
N ASP A 50 4.63 12.57 -7.61
CA ASP A 50 5.42 12.61 -6.41
C ASP A 50 5.26 11.33 -5.55
N PHE A 51 4.21 10.54 -5.78
CA PHE A 51 3.98 9.37 -4.92
C PHE A 51 3.84 8.05 -5.70
N ILE A 52 4.22 6.97 -5.05
CA ILE A 52 4.08 5.62 -5.59
C ILE A 52 3.59 4.70 -4.49
N LEU A 53 3.37 3.44 -4.80
CA LEU A 53 2.91 2.50 -3.79
C LEU A 53 4.03 1.56 -3.40
N VAL A 54 4.09 1.22 -2.14
CA VAL A 54 5.07 0.28 -1.65
C VAL A 54 4.39 -0.83 -0.85
N GLU A 55 4.78 -2.05 -1.13
CA GLU A 55 4.22 -3.20 -0.45
C GLU A 55 5.00 -3.50 0.81
N VAL A 56 4.30 -3.47 1.94
CA VAL A 56 4.90 -3.74 3.23
C VAL A 56 3.99 -4.65 4.07
N SER A 57 4.55 -5.66 4.66
CA SER A 57 3.80 -6.52 5.57
C SER A 57 3.80 -5.88 6.94
N ASN A 58 2.75 -6.15 7.71
CA ASN A 58 2.65 -5.60 9.06
C ASN A 58 3.78 -6.13 9.92
N ASP A 59 4.05 -7.41 9.79
CA ASP A 59 5.12 -8.04 10.52
C ASP A 59 6.33 -8.18 9.65
N ASP A 60 7.35 -7.39 9.92
CA ASP A 60 8.56 -7.55 9.18
C ASP A 60 9.45 -8.54 9.92
N ASP A 61 10.35 -8.03 10.79
CA ASP A 61 11.28 -8.89 11.58
C ASP A 61 12.05 -9.82 10.62
N ARG A 62 12.07 -9.40 9.38
CA ARG A 62 12.63 -10.13 8.29
C ARG A 62 13.78 -9.36 7.69
N LYS A 63 13.49 -8.15 7.32
CA LYS A 63 14.42 -7.29 6.65
C LYS A 63 14.87 -6.19 7.59
N SER A 64 13.97 -5.73 8.44
CA SER A 64 14.26 -4.69 9.39
C SER A 64 13.34 -4.79 10.61
N MET A 65 13.83 -4.33 11.74
CA MET A 65 13.01 -4.29 12.96
C MET A 65 12.17 -3.03 12.96
N SER A 66 12.27 -2.28 11.88
CA SER A 66 11.51 -1.08 11.67
C SER A 66 10.02 -1.38 11.61
N ASP A 67 9.69 -2.48 10.89
CA ASP A 67 8.29 -2.87 10.63
C ASP A 67 7.60 -1.79 9.81
N LEU A 68 7.11 -0.78 10.50
CA LEU A 68 6.52 0.37 9.87
C LEU A 68 7.54 1.50 9.85
N ARG A 69 7.10 2.73 10.13
CA ARG A 69 7.98 3.90 10.20
C ARG A 69 8.63 4.25 8.86
N GLU A 70 9.71 3.54 8.52
CA GLU A 70 10.46 3.79 7.29
C GLU A 70 9.61 3.44 6.07
N ILE A 71 8.79 2.39 6.21
CA ILE A 71 7.81 1.98 5.18
C ILE A 71 8.47 1.80 3.79
N ASP A 72 9.73 1.43 3.83
CA ASP A 72 10.57 1.27 2.63
C ASP A 72 9.94 0.32 1.59
N GLY A 73 9.60 -0.89 2.04
CA GLY A 73 8.94 -1.88 1.16
C GLY A 73 9.60 -2.03 -0.20
N ARG A 74 8.79 -2.28 -1.22
CA ARG A 74 9.27 -2.37 -2.57
C ARG A 74 8.49 -1.41 -3.47
N PRO A 75 9.20 -0.56 -4.23
CA PRO A 75 8.58 0.42 -5.12
C PRO A 75 7.70 -0.22 -6.19
N ILE A 76 6.42 0.12 -6.15
CA ILE A 76 5.45 -0.37 -7.11
C ILE A 76 4.78 0.79 -7.84
N PRO A 77 5.21 1.06 -9.08
CA PRO A 77 4.60 2.11 -9.91
C PRO A 77 3.11 1.84 -10.21
N PRO A 78 2.34 2.90 -10.50
CA PRO A 78 0.89 2.82 -10.75
C PRO A 78 0.49 1.80 -11.82
N THR A 79 1.33 1.66 -12.81
CA THR A 79 1.05 0.78 -13.94
C THR A 79 0.89 -0.71 -13.55
N GLU A 80 1.74 -1.19 -12.68
CA GLU A 80 1.73 -2.60 -12.29
C GLU A 80 0.53 -2.92 -11.36
N CYS A 81 0.11 -4.18 -11.36
CA CYS A 81 -0.97 -4.65 -10.51
C CYS A 81 -0.41 -5.50 -9.35
N PRO A 82 -0.11 -4.86 -8.20
CA PRO A 82 0.52 -5.53 -7.05
C PRO A 82 -0.38 -6.55 -6.35
N LEU A 83 -1.67 -6.46 -6.58
CA LEU A 83 -2.61 -7.38 -5.95
C LEU A 83 -2.40 -8.78 -6.47
N PHE A 84 -2.02 -8.87 -7.74
CA PHE A 84 -1.69 -10.15 -8.38
C PHE A 84 -0.53 -10.83 -7.68
N GLU A 85 0.13 -10.12 -6.82
CA GLU A 85 1.22 -10.64 -6.05
C GLU A 85 0.75 -11.10 -4.68
N MET A 86 0.13 -10.18 -3.92
CA MET A 86 -0.31 -10.48 -2.56
C MET A 86 -1.36 -11.60 -2.53
N THR A 87 -2.37 -11.50 -3.37
CA THR A 87 -3.43 -12.49 -3.41
C THR A 87 -2.91 -13.85 -3.92
N ALA A 88 -2.05 -13.82 -4.93
CA ALA A 88 -1.51 -15.04 -5.49
C ALA A 88 -0.68 -15.83 -4.48
N ARG A 89 0.20 -15.13 -3.75
CA ARG A 89 1.05 -15.81 -2.78
C ARG A 89 0.27 -16.15 -1.50
N SER A 90 -0.41 -15.14 -0.93
CA SER A 90 -1.18 -15.28 0.30
C SER A 90 -0.42 -16.04 1.40
N GLY A 91 0.55 -15.37 1.99
CA GLY A 91 1.32 -15.95 3.07
C GLY A 91 0.73 -15.61 4.43
N ASN A 92 1.55 -15.05 5.31
CA ASN A 92 1.08 -14.65 6.64
C ASN A 92 1.94 -13.48 7.14
N GLY A 93 1.30 -12.48 7.72
CA GLY A 93 2.03 -11.32 8.23
C GLY A 93 1.13 -10.11 8.40
N GLU A 94 0.00 -10.13 7.70
CA GLU A 94 -0.98 -9.07 7.77
C GLU A 94 -2.31 -9.64 7.30
N ASN A 95 -3.41 -8.96 7.65
CA ASN A 95 -4.75 -9.40 7.28
C ASN A 95 -4.93 -9.35 5.76
N GLY A 96 -4.07 -8.59 5.09
CA GLY A 96 -4.13 -8.50 3.64
C GLY A 96 -3.41 -9.65 3.01
N PHE A 97 -3.89 -10.86 3.31
CA PHE A 97 -3.28 -12.11 2.85
C PHE A 97 -1.96 -12.33 3.59
N ASP A 98 -0.99 -11.51 3.28
CA ASP A 98 0.31 -11.56 3.93
C ASP A 98 0.93 -10.17 4.12
N SER A 99 0.43 -9.19 3.39
CA SER A 99 1.01 -7.86 3.42
C SER A 99 -0.02 -6.79 3.07
N PHE A 100 0.38 -5.54 3.17
CA PHE A 100 -0.49 -4.45 2.79
C PHE A 100 0.22 -3.52 1.83
N LEU A 101 -0.53 -2.67 1.20
CA LEU A 101 0.03 -1.76 0.24
C LEU A 101 -0.17 -0.33 0.72
N ALA A 102 0.90 0.45 0.73
CA ALA A 102 0.86 1.80 1.23
C ALA A 102 1.38 2.80 0.21
N ILE A 103 1.22 4.09 0.53
CA ILE A 103 1.66 5.16 -0.35
C ILE A 103 3.00 5.72 0.14
N LYS A 104 3.94 5.84 -0.76
CA LYS A 104 5.23 6.37 -0.42
C LYS A 104 5.62 7.47 -1.36
N ARG A 105 6.25 8.47 -0.82
CA ARG A 105 6.72 9.57 -1.61
C ARG A 105 8.04 9.20 -2.25
N LYS A 106 8.02 9.01 -3.57
CA LYS A 106 9.23 8.70 -4.33
C LYS A 106 10.34 9.75 -4.06
N PRO A 107 11.62 9.35 -4.19
CA PRO A 107 12.76 10.25 -3.90
C PRO A 107 13.07 11.22 -5.02
N HIS A 108 12.05 11.78 -5.53
CA HIS A 108 12.14 12.77 -6.60
C HIS A 108 11.84 14.16 -6.05
N SER A 1 -14.66 -15.53 -1.12
CA SER A 1 -13.48 -15.24 -1.93
C SER A 1 -12.41 -14.61 -1.08
N MET A 2 -11.17 -14.69 -1.55
CA MET A 2 -10.03 -14.16 -0.84
C MET A 2 -10.10 -12.63 -0.75
N PHE A 3 -10.51 -12.00 -1.84
CA PHE A 3 -10.56 -10.55 -1.90
C PHE A 3 -11.82 -10.02 -1.21
N GLY A 4 -11.63 -9.32 -0.10
CA GLY A 4 -12.74 -8.74 0.65
C GLY A 4 -13.36 -7.55 -0.07
N GLY A 5 -12.52 -6.74 -0.68
CA GLY A 5 -13.01 -5.57 -1.40
C GLY A 5 -12.32 -4.29 -0.95
N SER A 6 -12.23 -4.11 0.35
CA SER A 6 -11.61 -2.91 0.90
C SER A 6 -10.14 -3.17 1.25
N LEU A 7 -9.30 -2.19 0.97
CA LEU A 7 -7.87 -2.30 1.25
C LEU A 7 -7.46 -1.40 2.38
N LYS A 8 -6.66 -1.94 3.30
CA LYS A 8 -6.08 -1.15 4.36
C LYS A 8 -4.86 -0.49 3.81
N VAL A 9 -5.00 0.75 3.45
CA VAL A 9 -3.94 1.48 2.84
C VAL A 9 -3.27 2.37 3.85
N TYR A 10 -2.03 2.04 4.16
CA TYR A 10 -1.28 2.76 5.16
C TYR A 10 -0.66 4.03 4.59
N GLY A 11 -0.99 5.15 5.21
CA GLY A 11 -0.47 6.42 4.78
C GLY A 11 0.10 7.18 5.95
N GLY A 12 0.57 6.43 6.94
CA GLY A 12 1.11 7.02 8.16
C GLY A 12 2.31 7.89 7.90
N GLU A 13 3.10 7.54 6.91
CA GLU A 13 4.26 8.34 6.55
C GLU A 13 3.81 9.72 6.04
N ILE A 14 2.76 9.72 5.23
CA ILE A 14 2.22 10.97 4.69
C ILE A 14 1.56 11.80 5.80
N VAL A 15 0.69 11.15 6.58
CA VAL A 15 -0.05 11.82 7.66
C VAL A 15 -0.06 10.93 8.91
N PRO A 16 0.66 11.33 9.96
CA PRO A 16 0.78 10.52 11.19
C PRO A 16 -0.53 10.34 11.96
N THR A 17 -1.44 11.31 11.83
CA THR A 17 -2.70 11.25 12.57
C THR A 17 -3.71 10.32 11.86
N ARG A 18 -3.34 9.84 10.68
CA ARG A 18 -4.19 8.94 9.93
C ARG A 18 -3.35 7.85 9.28
N PRO A 19 -2.91 6.86 10.08
CA PRO A 19 -2.06 5.76 9.59
C PRO A 19 -2.73 4.91 8.51
N TYR A 20 -4.04 4.76 8.61
CA TYR A 20 -4.75 3.90 7.66
C TYR A 20 -5.95 4.57 7.04
N VAL A 21 -6.13 4.30 5.78
CA VAL A 21 -7.27 4.73 5.04
C VAL A 21 -7.82 3.53 4.29
N SER A 22 -9.09 3.56 3.98
CA SER A 22 -9.74 2.44 3.35
C SER A 22 -10.14 2.79 1.92
N ILE A 23 -9.69 1.99 0.96
CA ILE A 23 -10.02 2.23 -0.44
C ILE A 23 -10.64 0.97 -1.03
N LEU A 24 -11.24 1.09 -2.20
CA LEU A 24 -11.87 -0.01 -2.87
C LEU A 24 -11.10 -0.40 -4.12
N ALA A 25 -10.90 -1.70 -4.30
CA ALA A 25 -10.18 -2.22 -5.46
C ALA A 25 -10.75 -3.59 -5.83
N GLU A 26 -10.43 -4.07 -7.02
CA GLU A 26 -10.93 -5.37 -7.45
C GLU A 26 -9.78 -6.39 -7.49
N ILE A 27 -8.80 -6.11 -8.35
CA ILE A 27 -7.54 -6.87 -8.44
C ILE A 27 -6.72 -6.52 -9.70
N ASN A 28 -7.40 -6.41 -10.84
CA ASN A 28 -6.73 -6.09 -12.10
C ASN A 28 -6.36 -4.62 -12.13
N GLU A 29 -6.90 -3.89 -11.18
CA GLU A 29 -6.70 -2.48 -11.03
C GLU A 29 -5.24 -2.13 -10.92
N ASN A 30 -4.84 -1.14 -11.63
CA ASN A 30 -3.47 -0.72 -11.64
C ASN A 30 -3.21 0.20 -10.47
N ALA A 31 -1.96 0.33 -10.11
CA ALA A 31 -1.57 1.15 -8.99
C ALA A 31 -1.98 2.60 -9.19
N ASP A 32 -2.12 3.03 -10.44
CA ASP A 32 -2.57 4.39 -10.72
C ASP A 32 -3.96 4.64 -10.13
N ARG A 33 -4.87 3.70 -10.38
CA ARG A 33 -6.21 3.78 -9.88
C ARG A 33 -6.25 3.58 -8.37
N ILE A 34 -5.52 2.57 -7.91
CA ILE A 34 -5.47 2.24 -6.49
C ILE A 34 -4.84 3.39 -5.66
N LEU A 35 -3.74 3.93 -6.17
CA LEU A 35 -3.05 5.04 -5.53
C LEU A 35 -3.95 6.26 -5.54
N GLY A 36 -4.61 6.47 -6.66
CA GLY A 36 -5.48 7.61 -6.81
C GLY A 36 -6.60 7.62 -5.80
N ALA A 37 -7.17 6.46 -5.54
CA ALA A 37 -8.27 6.34 -4.60
C ALA A 37 -7.83 6.73 -3.18
N ALA A 38 -6.65 6.31 -2.80
CA ALA A 38 -6.13 6.61 -1.47
C ALA A 38 -5.60 8.04 -1.38
N LEU A 39 -4.83 8.42 -2.38
CA LEU A 39 -4.21 9.73 -2.44
C LEU A 39 -5.29 10.81 -2.50
N GLU A 40 -6.41 10.45 -3.14
CA GLU A 40 -7.61 11.29 -3.23
C GLU A 40 -8.11 11.66 -1.86
N LYS A 41 -8.12 10.69 -0.95
CA LYS A 41 -8.60 10.88 0.40
C LYS A 41 -7.78 11.92 1.13
N TYR A 42 -6.48 11.93 0.89
CA TYR A 42 -5.59 12.89 1.52
C TYR A 42 -5.56 14.21 0.74
N GLY A 43 -6.19 14.19 -0.44
CA GLY A 43 -6.26 15.38 -1.26
C GLY A 43 -4.95 15.72 -1.95
N LEU A 44 -4.09 14.74 -2.08
CA LEU A 44 -2.78 14.94 -2.69
C LEU A 44 -2.73 14.32 -4.08
N GLU A 45 -3.90 13.92 -4.62
CA GLU A 45 -3.96 13.28 -5.93
C GLU A 45 -3.39 14.17 -7.03
N HIS A 46 -3.49 15.48 -6.83
CA HIS A 46 -2.96 16.46 -7.77
C HIS A 46 -1.44 16.29 -7.91
N SER A 47 -0.82 15.77 -6.86
CA SER A 47 0.62 15.57 -6.81
C SER A 47 0.96 14.07 -6.88
N LYS A 48 0.14 13.30 -7.61
CA LYS A 48 0.31 11.85 -7.71
C LYS A 48 1.66 11.45 -8.31
N ASP A 49 2.19 12.29 -9.18
CA ASP A 49 3.44 12.00 -9.87
C ASP A 49 4.63 11.95 -8.91
N ASP A 50 4.43 12.36 -7.67
CA ASP A 50 5.50 12.33 -6.68
C ASP A 50 5.33 11.15 -5.70
N PHE A 51 4.29 10.36 -5.90
CA PHE A 51 3.99 9.25 -4.99
C PHE A 51 3.78 7.94 -5.74
N ILE A 52 4.08 6.83 -5.06
CA ILE A 52 3.83 5.49 -5.58
C ILE A 52 3.34 4.59 -4.45
N LEU A 53 3.08 3.33 -4.76
CA LEU A 53 2.62 2.39 -3.75
C LEU A 53 3.75 1.47 -3.35
N VAL A 54 3.73 1.01 -2.11
CA VAL A 54 4.71 0.05 -1.64
C VAL A 54 4.04 -1.03 -0.79
N GLU A 55 4.66 -2.19 -0.74
CA GLU A 55 4.17 -3.28 0.07
C GLU A 55 5.05 -3.52 1.25
N VAL A 56 4.45 -3.53 2.43
CA VAL A 56 5.15 -3.86 3.65
C VAL A 56 4.36 -4.92 4.37
N SER A 57 5.02 -5.92 4.86
CA SER A 57 4.34 -6.96 5.58
C SER A 57 4.38 -6.64 7.06
N ASN A 58 3.83 -7.51 7.86
CA ASN A 58 3.91 -7.34 9.28
C ASN A 58 5.22 -7.95 9.79
N ASP A 59 6.04 -8.38 8.83
CA ASP A 59 7.35 -8.95 9.12
C ASP A 59 8.41 -7.84 9.00
N ASP A 60 8.45 -7.18 7.86
CA ASP A 60 9.37 -6.06 7.67
C ASP A 60 8.85 -4.83 8.32
N ASP A 61 9.77 -3.87 8.53
CA ASP A 61 9.46 -2.60 9.16
C ASP A 61 8.63 -2.82 10.41
N ARG A 62 9.10 -3.73 11.21
CA ARG A 62 8.44 -4.20 12.37
C ARG A 62 9.47 -4.63 13.38
N LYS A 63 10.22 -5.66 13.01
CA LYS A 63 11.25 -6.17 13.86
C LYS A 63 12.57 -6.30 13.09
N SER A 64 12.47 -6.34 11.77
CA SER A 64 13.65 -6.37 10.94
C SER A 64 14.24 -4.97 10.86
N MET A 65 13.69 -4.13 9.99
CA MET A 65 14.09 -2.72 9.93
C MET A 65 13.65 -2.01 11.20
N SER A 66 12.43 -2.37 11.65
CA SER A 66 11.83 -1.79 12.86
C SER A 66 11.71 -0.28 12.73
N ASP A 67 11.52 0.20 11.51
CA ASP A 67 11.44 1.61 11.32
C ASP A 67 10.03 2.14 11.31
N LEU A 68 9.28 1.81 10.26
CA LEU A 68 7.89 2.30 10.06
C LEU A 68 7.82 3.84 9.86
N ARG A 69 8.58 4.61 10.65
CA ARG A 69 8.61 6.08 10.51
C ARG A 69 9.12 6.47 9.14
N GLU A 70 10.18 5.81 8.71
CA GLU A 70 10.65 5.95 7.36
C GLU A 70 10.43 4.62 6.68
N ILE A 71 9.18 4.28 6.55
CA ILE A 71 8.73 3.03 5.99
C ILE A 71 9.13 2.88 4.54
N ASP A 72 9.54 1.69 4.16
CA ASP A 72 9.83 1.37 2.76
C ASP A 72 9.53 -0.08 2.49
N GLY A 73 9.10 -0.38 1.29
CA GLY A 73 8.75 -1.73 0.94
C GLY A 73 9.10 -2.03 -0.48
N ARG A 74 8.23 -2.76 -1.16
CA ARG A 74 8.44 -3.12 -2.54
C ARG A 74 7.91 -1.99 -3.41
N PRO A 75 8.78 -1.36 -4.22
CA PRO A 75 8.39 -0.24 -5.07
C PRO A 75 7.37 -0.63 -6.13
N ILE A 76 6.20 -0.04 -6.04
CA ILE A 76 5.10 -0.32 -6.95
C ILE A 76 4.66 0.94 -7.68
N PRO A 77 5.09 1.09 -8.94
CA PRO A 77 4.69 2.22 -9.78
C PRO A 77 3.22 2.14 -10.16
N PRO A 78 2.63 3.25 -10.63
CA PRO A 78 1.21 3.31 -11.01
C PRO A 78 0.84 2.26 -12.07
N THR A 79 1.81 1.90 -12.88
CA THR A 79 1.59 0.95 -13.97
C THR A 79 1.57 -0.51 -13.47
N GLU A 80 1.93 -0.74 -12.21
CA GLU A 80 1.99 -2.10 -11.67
C GLU A 80 0.67 -2.50 -10.99
N CYS A 81 0.38 -3.81 -10.99
CA CYS A 81 -0.81 -4.35 -10.33
C CYS A 81 -0.39 -5.38 -9.26
N PRO A 82 -0.13 -4.92 -8.02
CA PRO A 82 0.40 -5.75 -6.93
C PRO A 82 -0.62 -6.74 -6.32
N LEU A 83 -1.90 -6.52 -6.60
CA LEU A 83 -2.97 -7.30 -5.95
C LEU A 83 -2.87 -8.79 -6.24
N PHE A 84 -2.48 -9.15 -7.46
CA PHE A 84 -2.35 -10.55 -7.81
C PHE A 84 -1.34 -11.25 -6.92
N GLU A 85 -0.23 -10.58 -6.66
CA GLU A 85 0.79 -11.16 -5.81
C GLU A 85 0.34 -11.19 -4.35
N MET A 86 -0.32 -10.11 -3.92
CA MET A 86 -0.79 -9.99 -2.53
C MET A 86 -1.77 -11.10 -2.18
N THR A 87 -2.72 -11.32 -3.06
CA THR A 87 -3.73 -12.34 -2.84
C THR A 87 -3.16 -13.75 -2.97
N ALA A 88 -2.21 -13.92 -3.87
CA ALA A 88 -1.60 -15.21 -4.12
C ALA A 88 -0.80 -15.72 -2.93
N ARG A 89 -0.06 -14.83 -2.26
CA ARG A 89 0.77 -15.25 -1.14
C ARG A 89 -0.08 -15.55 0.10
N SER A 90 -0.90 -14.55 0.49
CA SER A 90 -1.82 -14.61 1.66
C SER A 90 -1.41 -15.66 2.74
N GLY A 91 -0.18 -15.58 3.23
CA GLY A 91 0.26 -16.54 4.23
C GLY A 91 1.43 -16.05 5.05
N ASN A 92 1.30 -14.88 5.64
CA ASN A 92 2.34 -14.32 6.49
C ASN A 92 1.80 -13.20 7.37
N GLY A 93 1.67 -12.01 6.80
CA GLY A 93 1.12 -10.90 7.55
C GLY A 93 -0.38 -11.02 7.70
N GLU A 94 -0.86 -10.79 8.90
CA GLU A 94 -2.27 -10.86 9.23
C GLU A 94 -2.93 -9.50 9.08
N ASN A 95 -2.12 -8.50 8.76
CA ASN A 95 -2.58 -7.14 8.58
C ASN A 95 -3.53 -7.06 7.37
N GLY A 96 -3.17 -7.79 6.32
CA GLY A 96 -3.96 -7.80 5.11
C GLY A 96 -3.70 -9.03 4.29
N PHE A 97 -3.61 -8.87 2.99
CA PHE A 97 -3.34 -9.99 2.10
C PHE A 97 -1.85 -10.28 2.11
N ASP A 98 -1.40 -10.99 3.15
CA ASP A 98 0.03 -11.32 3.35
C ASP A 98 0.86 -10.06 3.70
N SER A 99 0.70 -9.04 2.89
CA SER A 99 1.35 -7.78 3.07
C SER A 99 0.31 -6.68 2.96
N PHE A 100 0.62 -5.49 3.42
CA PHE A 100 -0.31 -4.41 3.29
C PHE A 100 0.21 -3.40 2.29
N LEU A 101 -0.68 -2.57 1.81
CA LEU A 101 -0.35 -1.60 0.80
C LEU A 101 -0.23 -0.21 1.43
N ALA A 102 0.87 0.45 1.17
CA ALA A 102 1.12 1.76 1.74
C ALA A 102 1.47 2.78 0.67
N ILE A 103 1.35 4.04 1.03
CA ILE A 103 1.66 5.14 0.12
C ILE A 103 2.99 5.77 0.50
N LYS A 104 3.87 5.86 -0.48
CA LYS A 104 5.14 6.48 -0.29
C LYS A 104 5.47 7.40 -1.41
N ARG A 105 6.44 8.23 -1.19
CA ARG A 105 6.90 9.13 -2.22
C ARG A 105 7.86 8.39 -3.13
N LYS A 106 7.76 8.63 -4.41
CA LYS A 106 8.62 7.97 -5.38
C LYS A 106 10.11 8.22 -5.10
N PRO A 107 10.95 7.21 -5.33
CA PRO A 107 12.40 7.31 -5.17
C PRO A 107 13.06 7.93 -6.41
N HIS A 108 14.36 7.78 -6.52
CA HIS A 108 15.11 8.31 -7.66
C HIS A 108 15.03 7.35 -8.84
N SER A 1 -9.08 -16.70 -0.10
CA SER A 1 -8.62 -16.65 -1.49
C SER A 1 -9.35 -15.56 -2.27
N MET A 2 -10.49 -15.11 -1.75
CA MET A 2 -11.27 -14.08 -2.40
C MET A 2 -10.78 -12.71 -2.01
N PHE A 3 -11.08 -11.73 -2.83
CA PHE A 3 -10.67 -10.36 -2.56
C PHE A 3 -11.79 -9.65 -1.81
N GLY A 4 -11.47 -9.10 -0.64
CA GLY A 4 -12.48 -8.42 0.17
C GLY A 4 -13.09 -7.21 -0.52
N GLY A 5 -12.28 -6.44 -1.20
CA GLY A 5 -12.77 -5.27 -1.90
C GLY A 5 -12.24 -3.98 -1.33
N SER A 6 -12.23 -3.89 -0.02
CA SER A 6 -11.71 -2.70 0.65
C SER A 6 -10.32 -2.98 1.22
N LEU A 7 -9.43 -2.03 1.06
CA LEU A 7 -8.07 -2.20 1.52
C LEU A 7 -7.75 -1.27 2.66
N LYS A 8 -7.03 -1.80 3.63
CA LYS A 8 -6.52 -1.02 4.73
C LYS A 8 -5.19 -0.40 4.27
N VAL A 9 -5.26 0.84 3.90
CA VAL A 9 -4.16 1.52 3.27
C VAL A 9 -3.45 2.44 4.25
N TYR A 10 -2.13 2.34 4.27
CA TYR A 10 -1.31 3.10 5.18
C TYR A 10 -0.69 4.31 4.49
N GLY A 11 -1.10 5.50 4.94
CA GLY A 11 -0.59 6.74 4.40
C GLY A 11 0.43 7.37 5.31
N GLY A 12 1.13 6.52 6.06
CA GLY A 12 2.13 6.98 7.00
C GLY A 12 3.21 7.79 6.31
N GLU A 13 4.00 8.52 7.11
CA GLU A 13 5.03 9.43 6.60
C GLU A 13 4.41 10.67 5.98
N ILE A 14 3.51 10.46 5.03
CA ILE A 14 2.82 11.56 4.37
C ILE A 14 1.85 12.28 5.33
N VAL A 15 1.03 11.50 6.03
CA VAL A 15 0.03 12.06 6.95
C VAL A 15 -0.02 11.30 8.27
N PRO A 16 0.65 11.82 9.30
CA PRO A 16 0.65 11.21 10.65
C PRO A 16 -0.76 11.18 11.27
N THR A 17 -1.60 12.15 10.90
CA THR A 17 -2.95 12.25 11.44
C THR A 17 -3.84 11.08 10.99
N ARG A 18 -3.66 10.63 9.75
CA ARG A 18 -4.45 9.52 9.24
C ARG A 18 -3.54 8.43 8.68
N PRO A 19 -2.93 7.62 9.55
CA PRO A 19 -2.03 6.55 9.14
C PRO A 19 -2.72 5.47 8.31
N TYR A 20 -4.00 5.25 8.57
CA TYR A 20 -4.76 4.22 7.86
C TYR A 20 -6.06 4.74 7.31
N VAL A 21 -6.37 4.33 6.10
CA VAL A 21 -7.62 4.66 5.47
C VAL A 21 -8.13 3.46 4.70
N SER A 22 -9.41 3.39 4.52
CA SER A 22 -10.02 2.29 3.82
C SER A 22 -10.40 2.72 2.41
N ILE A 23 -9.88 2.04 1.41
CA ILE A 23 -10.18 2.39 0.04
C ILE A 23 -10.80 1.19 -0.66
N LEU A 24 -11.54 1.46 -1.73
CA LEU A 24 -12.16 0.41 -2.49
C LEU A 24 -11.42 0.20 -3.80
N ALA A 25 -10.94 -1.00 -4.01
CA ALA A 25 -10.19 -1.34 -5.19
C ALA A 25 -10.44 -2.78 -5.56
N GLU A 26 -10.19 -3.12 -6.80
CA GLU A 26 -10.35 -4.48 -7.28
C GLU A 26 -8.97 -5.05 -7.57
N ILE A 27 -8.83 -6.37 -7.52
CA ILE A 27 -7.53 -6.99 -7.74
C ILE A 27 -7.01 -6.78 -9.16
N ASN A 28 -7.92 -6.62 -10.10
CA ASN A 28 -7.53 -6.43 -11.50
C ASN A 28 -7.18 -4.95 -11.78
N GLU A 29 -7.14 -4.15 -10.73
CA GLU A 29 -6.80 -2.75 -10.87
C GLU A 29 -5.31 -2.57 -10.67
N ASN A 30 -4.75 -1.60 -11.36
CA ASN A 30 -3.34 -1.33 -11.25
C ASN A 30 -3.06 -0.42 -10.07
N ALA A 31 -1.79 -0.24 -9.76
CA ALA A 31 -1.38 0.60 -8.65
C ALA A 31 -1.87 2.03 -8.84
N ASP A 32 -2.07 2.43 -10.09
CA ASP A 32 -2.58 3.78 -10.40
C ASP A 32 -3.94 4.02 -9.77
N ARG A 33 -4.85 3.09 -9.97
CA ARG A 33 -6.19 3.19 -9.42
C ARG A 33 -6.16 3.15 -7.89
N ILE A 34 -5.40 2.22 -7.35
CA ILE A 34 -5.27 2.06 -5.92
C ILE A 34 -4.64 3.30 -5.28
N LEU A 35 -3.58 3.80 -5.91
CA LEU A 35 -2.90 4.98 -5.45
C LEU A 35 -3.81 6.17 -5.53
N GLY A 36 -4.53 6.27 -6.63
CA GLY A 36 -5.43 7.36 -6.83
C GLY A 36 -6.52 7.40 -5.79
N ALA A 37 -7.10 6.25 -5.49
CA ALA A 37 -8.17 6.17 -4.50
C ALA A 37 -7.68 6.59 -3.12
N ALA A 38 -6.56 6.03 -2.69
CA ALA A 38 -6.02 6.34 -1.37
C ALA A 38 -5.56 7.78 -1.26
N LEU A 39 -4.86 8.24 -2.29
CA LEU A 39 -4.34 9.60 -2.33
C LEU A 39 -5.51 10.60 -2.37
N GLU A 40 -6.57 10.20 -3.06
CA GLU A 40 -7.78 11.00 -3.20
C GLU A 40 -8.41 11.26 -1.84
N LYS A 41 -8.31 10.27 -0.95
CA LYS A 41 -8.85 10.35 0.39
C LYS A 41 -8.23 11.51 1.17
N TYR A 42 -6.95 11.74 0.95
CA TYR A 42 -6.25 12.82 1.63
C TYR A 42 -6.35 14.10 0.81
N GLY A 43 -6.84 13.97 -0.42
CA GLY A 43 -7.00 15.11 -1.32
C GLY A 43 -5.68 15.59 -1.88
N LEU A 44 -4.69 14.73 -1.86
CA LEU A 44 -3.37 15.07 -2.34
C LEU A 44 -3.16 14.49 -3.74
N GLU A 45 -4.26 14.12 -4.39
CA GLU A 45 -4.21 13.48 -5.70
C GLU A 45 -3.51 14.36 -6.75
N HIS A 46 -3.58 15.67 -6.58
CA HIS A 46 -2.93 16.61 -7.50
C HIS A 46 -1.42 16.34 -7.55
N SER A 47 -0.89 15.90 -6.42
CA SER A 47 0.53 15.62 -6.28
C SER A 47 0.83 14.12 -6.51
N LYS A 48 -0.06 13.42 -7.21
CA LYS A 48 0.03 11.95 -7.38
C LYS A 48 1.32 11.53 -8.07
N ASP A 49 1.78 12.33 -9.00
CA ASP A 49 2.98 12.01 -9.78
C ASP A 49 4.23 11.89 -8.89
N ASP A 50 4.17 12.52 -7.72
CA ASP A 50 5.29 12.54 -6.78
C ASP A 50 5.25 11.35 -5.80
N PHE A 51 4.23 10.50 -5.89
CA PHE A 51 4.10 9.38 -4.94
C PHE A 51 3.85 8.06 -5.67
N ILE A 52 4.26 6.96 -5.03
CA ILE A 52 4.06 5.61 -5.56
C ILE A 52 3.60 4.68 -4.43
N LEU A 53 3.29 3.44 -4.76
CA LEU A 53 2.84 2.49 -3.76
C LEU A 53 3.98 1.57 -3.38
N VAL A 54 4.03 1.16 -2.14
CA VAL A 54 5.07 0.28 -1.67
C VAL A 54 4.48 -0.90 -0.91
N GLU A 55 4.98 -2.08 -1.20
CA GLU A 55 4.50 -3.29 -0.57
C GLU A 55 5.24 -3.55 0.73
N VAL A 56 4.51 -3.61 1.83
CA VAL A 56 5.08 -3.87 3.13
C VAL A 56 4.32 -5.00 3.84
N SER A 57 5.04 -5.97 4.36
CA SER A 57 4.43 -7.06 5.09
C SER A 57 4.22 -6.66 6.55
N ASN A 58 3.37 -7.41 7.22
CA ASN A 58 3.04 -7.14 8.61
C ASN A 58 4.06 -7.83 9.52
N ASP A 59 4.93 -8.62 8.93
CA ASP A 59 5.95 -9.35 9.68
C ASP A 59 7.06 -8.39 10.12
N ASP A 60 7.04 -8.02 11.37
CA ASP A 60 8.04 -7.10 11.92
C ASP A 60 9.25 -7.84 12.45
N ASP A 61 9.14 -9.14 12.50
CA ASP A 61 10.20 -9.98 13.03
C ASP A 61 11.38 -10.02 12.07
N ARG A 62 11.12 -9.67 10.83
CA ARG A 62 12.14 -9.67 9.80
C ARG A 62 13.02 -8.42 9.89
N LYS A 63 12.53 -7.41 10.59
CA LYS A 63 13.22 -6.14 10.64
C LYS A 63 13.69 -5.75 12.05
N SER A 64 12.76 -5.40 12.95
CA SER A 64 13.16 -4.91 14.28
C SER A 64 12.01 -5.01 15.27
N MET A 65 11.08 -5.93 15.03
CA MET A 65 9.88 -6.09 15.86
C MET A 65 8.94 -4.90 15.66
N SER A 66 9.29 -4.06 14.69
CA SER A 66 8.50 -2.92 14.30
C SER A 66 8.79 -2.62 12.84
N ASP A 67 8.05 -3.28 11.95
CA ASP A 67 8.24 -3.11 10.52
C ASP A 67 7.83 -1.70 10.10
N LEU A 68 6.71 -1.27 10.66
CA LEU A 68 6.08 0.01 10.34
C LEU A 68 6.97 1.22 10.68
N ARG A 69 7.88 1.05 11.64
CA ARG A 69 8.76 2.13 12.07
C ARG A 69 9.52 2.71 10.88
N GLU A 70 10.05 1.83 10.06
CA GLU A 70 10.75 2.23 8.86
C GLU A 70 10.00 1.71 7.67
N ILE A 71 9.10 2.50 7.15
CA ILE A 71 8.28 2.06 6.06
C ILE A 71 8.90 2.43 4.71
N ASP A 72 9.35 1.42 4.04
CA ASP A 72 9.96 1.56 2.72
C ASP A 72 9.25 0.69 1.72
N GLY A 73 9.18 -0.59 2.03
CA GLY A 73 8.52 -1.54 1.15
C GLY A 73 9.20 -1.69 -0.19
N ARG A 74 8.48 -2.23 -1.16
CA ARG A 74 9.00 -2.37 -2.50
C ARG A 74 8.38 -1.30 -3.37
N PRO A 75 9.19 -0.47 -4.04
CA PRO A 75 8.67 0.58 -4.93
C PRO A 75 7.83 0.00 -6.06
N ILE A 76 6.55 0.31 -6.04
CA ILE A 76 5.61 -0.18 -7.03
C ILE A 76 4.99 0.99 -7.78
N PRO A 77 5.41 1.20 -9.02
CA PRO A 77 4.84 2.23 -9.89
C PRO A 77 3.38 1.94 -10.23
N PRO A 78 2.62 2.98 -10.61
CA PRO A 78 1.18 2.88 -10.90
C PRO A 78 0.85 1.80 -11.96
N THR A 79 1.77 1.57 -12.86
CA THR A 79 1.56 0.61 -13.94
C THR A 79 1.45 -0.85 -13.43
N GLU A 80 2.05 -1.16 -12.29
CA GLU A 80 2.08 -2.54 -11.81
C GLU A 80 0.86 -2.87 -10.93
N CYS A 81 0.41 -4.12 -10.99
CA CYS A 81 -0.72 -4.60 -10.20
C CYS A 81 -0.22 -5.60 -9.14
N PRO A 82 0.18 -5.10 -7.95
CA PRO A 82 0.75 -5.93 -6.89
C PRO A 82 -0.27 -6.85 -6.21
N LEU A 83 -1.56 -6.55 -6.38
CA LEU A 83 -2.61 -7.32 -5.70
C LEU A 83 -2.61 -8.77 -6.12
N PHE A 84 -2.30 -9.02 -7.38
CA PHE A 84 -2.24 -10.39 -7.89
C PHE A 84 -1.28 -11.23 -7.08
N GLU A 85 -0.12 -10.71 -6.83
CA GLU A 85 0.90 -11.41 -6.06
C GLU A 85 0.55 -11.45 -4.57
N MET A 86 -0.02 -10.35 -4.07
CA MET A 86 -0.41 -10.25 -2.66
C MET A 86 -1.46 -11.30 -2.31
N THR A 87 -2.47 -11.38 -3.14
CA THR A 87 -3.59 -12.30 -2.94
C THR A 87 -3.20 -13.76 -3.23
N ALA A 88 -2.43 -13.97 -4.32
CA ALA A 88 -2.07 -15.32 -4.77
C ALA A 88 -1.30 -16.13 -3.73
N ARG A 89 -0.25 -15.54 -3.16
CA ARG A 89 0.55 -16.29 -2.20
C ARG A 89 -0.10 -16.31 -0.81
N SER A 90 -0.52 -15.13 -0.32
CA SER A 90 -1.09 -14.98 1.03
C SER A 90 -0.08 -15.45 2.10
N GLY A 91 -0.50 -15.49 3.34
CA GLY A 91 0.39 -15.92 4.39
C GLY A 91 0.06 -15.27 5.72
N ASN A 92 0.93 -14.41 6.19
CA ASN A 92 0.74 -13.72 7.47
C ASN A 92 -0.02 -12.41 7.22
N GLY A 93 0.09 -11.46 8.12
CA GLY A 93 -0.51 -10.18 7.88
C GLY A 93 -1.80 -9.95 8.62
N GLU A 94 -1.71 -9.27 9.76
CA GLU A 94 -2.90 -8.88 10.51
C GLU A 94 -3.65 -7.78 9.75
N ASN A 95 -2.88 -6.92 9.08
CA ASN A 95 -3.43 -5.81 8.31
C ASN A 95 -4.30 -6.31 7.15
N GLY A 96 -3.70 -7.07 6.24
CA GLY A 96 -4.47 -7.59 5.12
C GLY A 96 -4.03 -8.96 4.73
N PHE A 97 -3.32 -9.04 3.62
CA PHE A 97 -2.79 -10.29 3.14
C PHE A 97 -1.42 -10.47 3.77
N ASP A 98 -0.58 -11.30 3.16
CA ASP A 98 0.78 -11.51 3.64
C ASP A 98 1.51 -10.17 3.64
N SER A 99 1.12 -9.34 2.71
CA SER A 99 1.65 -8.02 2.59
C SER A 99 0.52 -7.02 2.42
N PHE A 100 0.76 -5.78 2.81
CA PHE A 100 -0.17 -4.72 2.60
C PHE A 100 0.47 -3.69 1.70
N LEU A 101 -0.31 -2.74 1.25
CA LEU A 101 0.20 -1.78 0.32
C LEU A 101 0.05 -0.36 0.88
N ALA A 102 1.17 0.35 0.97
CA ALA A 102 1.20 1.68 1.54
C ALA A 102 1.66 2.71 0.50
N ILE A 103 1.56 3.99 0.83
CA ILE A 103 1.95 5.04 -0.08
C ILE A 103 3.23 5.72 0.41
N LYS A 104 4.23 5.81 -0.45
CA LYS A 104 5.45 6.51 -0.15
C LYS A 104 5.82 7.42 -1.29
N ARG A 105 6.74 8.32 -1.02
CA ARG A 105 7.15 9.29 -2.00
C ARG A 105 8.12 8.65 -2.99
N LYS A 106 7.96 8.97 -4.26
CA LYS A 106 8.86 8.49 -5.30
C LYS A 106 10.31 8.93 -5.00
N PRO A 107 11.32 8.20 -5.50
CA PRO A 107 12.73 8.54 -5.27
C PRO A 107 13.11 9.91 -5.84
N HIS A 108 12.46 10.28 -6.93
CA HIS A 108 12.73 11.55 -7.60
C HIS A 108 11.67 12.59 -7.26
N SER A 1 -11.31 -16.22 -3.41
CA SER A 1 -12.69 -15.75 -3.64
C SER A 1 -13.03 -14.58 -2.72
N MET A 2 -12.67 -14.71 -1.43
CA MET A 2 -12.94 -13.65 -0.47
C MET A 2 -11.88 -12.57 -0.56
N PHE A 3 -12.12 -11.60 -1.42
CA PHE A 3 -11.20 -10.48 -1.58
C PHE A 3 -11.71 -9.25 -0.84
N GLY A 4 -13.03 -9.17 -0.68
CA GLY A 4 -13.62 -8.06 0.03
C GLY A 4 -13.87 -6.86 -0.86
N GLY A 5 -12.80 -6.28 -1.38
CA GLY A 5 -12.92 -5.11 -2.23
C GLY A 5 -12.42 -3.87 -1.54
N SER A 6 -12.37 -3.92 -0.21
CA SER A 6 -11.87 -2.81 0.55
C SER A 6 -10.46 -3.12 1.02
N LEU A 7 -9.52 -2.25 0.69
CA LEU A 7 -8.15 -2.45 1.07
C LEU A 7 -7.72 -1.58 2.21
N LYS A 8 -6.94 -2.16 3.10
CA LYS A 8 -6.39 -1.45 4.20
C LYS A 8 -5.10 -0.79 3.71
N VAL A 9 -5.15 0.49 3.51
CA VAL A 9 -4.06 1.22 2.89
C VAL A 9 -3.33 2.09 3.90
N TYR A 10 -2.01 1.95 3.96
CA TYR A 10 -1.20 2.69 4.92
C TYR A 10 -0.74 4.01 4.33
N GLY A 11 -1.32 5.08 4.85
CA GLY A 11 -0.97 6.42 4.41
C GLY A 11 -0.05 7.09 5.39
N GLY A 12 0.60 6.27 6.21
CA GLY A 12 1.53 6.77 7.19
C GLY A 12 2.72 7.44 6.54
N GLU A 13 3.60 7.98 7.38
CA GLU A 13 4.76 8.73 6.94
C GLU A 13 4.35 10.09 6.37
N ILE A 14 3.61 10.05 5.27
CA ILE A 14 3.13 11.25 4.62
C ILE A 14 2.07 11.93 5.50
N VAL A 15 1.16 11.12 6.02
CA VAL A 15 0.10 11.60 6.89
C VAL A 15 0.10 10.83 8.21
N PRO A 16 0.90 11.28 9.19
CA PRO A 16 0.99 10.62 10.51
C PRO A 16 -0.34 10.61 11.27
N THR A 17 -1.17 11.59 11.00
CA THR A 17 -2.45 11.72 11.69
C THR A 17 -3.47 10.70 11.18
N ARG A 18 -3.18 10.10 10.02
CA ARG A 18 -4.04 9.08 9.43
C ARG A 18 -3.18 7.94 8.87
N PRO A 19 -2.71 7.05 9.74
CA PRO A 19 -1.83 5.94 9.32
C PRO A 19 -2.49 4.96 8.36
N TYR A 20 -3.79 4.78 8.48
CA TYR A 20 -4.52 3.85 7.62
C TYR A 20 -5.80 4.44 7.08
N VAL A 21 -6.11 4.09 5.85
CA VAL A 21 -7.32 4.52 5.20
C VAL A 21 -7.94 3.34 4.47
N SER A 22 -9.19 3.47 4.14
CA SER A 22 -9.91 2.42 3.46
C SER A 22 -10.23 2.85 2.05
N ILE A 23 -9.93 2.00 1.08
CA ILE A 23 -10.20 2.32 -0.29
C ILE A 23 -10.98 1.18 -0.93
N LEU A 24 -11.66 1.47 -2.01
CA LEU A 24 -12.38 0.45 -2.74
C LEU A 24 -11.61 0.15 -4.01
N ALA A 25 -11.08 -1.05 -4.10
CA ALA A 25 -10.29 -1.42 -5.24
C ALA A 25 -10.52 -2.87 -5.61
N GLU A 26 -10.58 -3.13 -6.89
CA GLU A 26 -10.72 -4.47 -7.38
C GLU A 26 -9.34 -5.06 -7.56
N ILE A 27 -9.23 -6.37 -7.48
CA ILE A 27 -7.96 -7.03 -7.65
C ILE A 27 -7.42 -6.84 -9.07
N ASN A 28 -8.33 -6.67 -10.02
CA ASN A 28 -7.95 -6.48 -11.42
C ASN A 28 -7.51 -5.04 -11.67
N GLU A 29 -7.57 -4.21 -10.66
CA GLU A 29 -7.17 -2.81 -10.80
C GLU A 29 -5.67 -2.66 -10.61
N ASN A 30 -5.10 -1.70 -11.31
CA ASN A 30 -3.67 -1.46 -11.24
C ASN A 30 -3.35 -0.52 -10.09
N ALA A 31 -2.06 -0.37 -9.81
CA ALA A 31 -1.60 0.46 -8.72
C ALA A 31 -2.04 1.91 -8.91
N ASP A 32 -2.21 2.33 -10.15
CA ASP A 32 -2.65 3.69 -10.46
C ASP A 32 -4.04 3.96 -9.87
N ARG A 33 -4.95 3.01 -10.04
CA ARG A 33 -6.29 3.13 -9.53
C ARG A 33 -6.26 3.21 -8.01
N ILE A 34 -5.47 2.35 -7.41
CA ILE A 34 -5.32 2.29 -5.98
C ILE A 34 -4.67 3.57 -5.42
N LEU A 35 -3.61 4.02 -6.07
CA LEU A 35 -2.89 5.22 -5.64
C LEU A 35 -3.79 6.44 -5.73
N GLY A 36 -4.53 6.54 -6.82
CA GLY A 36 -5.42 7.67 -6.99
C GLY A 36 -6.51 7.71 -5.96
N ALA A 37 -7.12 6.57 -5.69
CA ALA A 37 -8.18 6.48 -4.72
C ALA A 37 -7.69 6.83 -3.32
N ALA A 38 -6.57 6.23 -2.93
CA ALA A 38 -6.01 6.46 -1.60
C ALA A 38 -5.52 7.90 -1.43
N LEU A 39 -4.85 8.41 -2.45
CA LEU A 39 -4.32 9.76 -2.43
C LEU A 39 -5.45 10.78 -2.34
N GLU A 40 -6.52 10.47 -3.04
CA GLU A 40 -7.73 11.28 -3.06
C GLU A 40 -8.26 11.51 -1.66
N LYS A 41 -8.19 10.46 -0.83
CA LYS A 41 -8.75 10.53 0.52
C LYS A 41 -7.98 11.51 1.40
N TYR A 42 -6.79 11.89 0.96
CA TYR A 42 -5.98 12.85 1.71
C TYR A 42 -5.95 14.20 1.00
N GLY A 43 -6.63 14.30 -0.13
CA GLY A 43 -6.68 15.55 -0.87
C GLY A 43 -5.37 15.90 -1.54
N LEU A 44 -4.51 14.91 -1.70
CA LEU A 44 -3.21 15.13 -2.32
C LEU A 44 -3.24 14.69 -3.77
N GLU A 45 -4.46 14.49 -4.27
CA GLU A 45 -4.74 14.03 -5.64
C GLU A 45 -3.85 14.73 -6.71
N HIS A 46 -3.63 16.03 -6.55
CA HIS A 46 -2.88 16.83 -7.54
C HIS A 46 -1.35 16.67 -7.39
N SER A 47 -0.92 15.98 -6.36
CA SER A 47 0.50 15.79 -6.11
C SER A 47 0.90 14.31 -6.32
N LYS A 48 0.10 13.61 -7.09
CA LYS A 48 0.25 12.17 -7.31
C LYS A 48 1.57 11.80 -7.92
N ASP A 49 2.05 12.61 -8.85
CA ASP A 49 3.27 12.30 -9.60
C ASP A 49 4.52 12.28 -8.70
N ASP A 50 4.38 12.68 -7.44
CA ASP A 50 5.49 12.64 -6.49
C ASP A 50 5.47 11.35 -5.67
N PHE A 51 4.37 10.59 -5.76
CA PHE A 51 4.21 9.41 -4.93
C PHE A 51 4.02 8.13 -5.75
N ILE A 52 4.23 7.00 -5.06
CA ILE A 52 4.05 5.65 -5.61
C ILE A 52 3.54 4.74 -4.49
N LEU A 53 3.35 3.47 -4.78
CA LEU A 53 2.88 2.53 -3.77
C LEU A 53 4.00 1.61 -3.36
N VAL A 54 3.89 1.07 -2.17
CA VAL A 54 4.88 0.11 -1.69
C VAL A 54 4.20 -1.02 -0.92
N GLU A 55 4.82 -2.19 -0.94
CA GLU A 55 4.33 -3.32 -0.16
C GLU A 55 5.10 -3.43 1.13
N VAL A 56 4.38 -3.40 2.22
CA VAL A 56 4.99 -3.50 3.54
C VAL A 56 4.37 -4.67 4.29
N SER A 57 5.19 -5.63 4.66
CA SER A 57 4.71 -6.77 5.40
C SER A 57 4.45 -6.36 6.83
N ASN A 58 3.32 -6.76 7.38
CA ASN A 58 3.01 -6.41 8.73
C ASN A 58 3.69 -7.37 9.70
N ASP A 59 4.92 -7.07 9.99
CA ASP A 59 5.73 -7.83 10.90
C ASP A 59 6.62 -6.88 11.68
N ASP A 60 6.26 -6.59 12.91
CA ASP A 60 7.01 -5.62 13.71
C ASP A 60 8.35 -6.16 14.16
N ASP A 61 9.27 -5.24 14.42
CA ASP A 61 10.66 -5.57 14.77
C ASP A 61 11.34 -6.23 13.59
N ARG A 62 10.85 -5.91 12.39
CA ARG A 62 11.40 -6.47 11.17
C ARG A 62 11.06 -5.61 9.95
N LYS A 63 9.78 -5.49 9.67
CA LYS A 63 9.35 -4.64 8.58
C LYS A 63 8.25 -3.71 9.06
N SER A 64 8.15 -3.60 10.35
CA SER A 64 7.14 -2.76 10.96
C SER A 64 7.61 -2.33 12.34
N MET A 65 6.89 -1.39 12.91
CA MET A 65 7.20 -0.82 14.21
C MET A 65 8.59 -0.19 14.24
N SER A 66 9.54 -0.92 14.80
CA SER A 66 10.91 -0.46 14.92
C SER A 66 11.48 -0.19 13.54
N ASP A 67 11.19 -1.10 12.63
CA ASP A 67 11.71 -1.02 11.30
C ASP A 67 10.73 -0.34 10.36
N LEU A 68 9.61 0.17 10.88
CA LEU A 68 8.68 0.93 10.05
C LEU A 68 9.30 2.28 9.71
N ARG A 69 8.92 3.33 10.47
CA ARG A 69 9.44 4.69 10.30
C ARG A 69 9.53 5.15 8.83
N GLU A 70 10.60 4.74 8.14
CA GLU A 70 10.82 5.06 6.74
C GLU A 70 9.95 4.17 5.83
N ILE A 71 9.30 3.17 6.45
CA ILE A 71 8.42 2.20 5.77
C ILE A 71 9.23 1.21 4.92
N ASP A 72 10.11 1.73 4.08
CA ASP A 72 10.94 0.94 3.19
C ASP A 72 10.09 0.22 2.14
N GLY A 73 9.66 -0.99 2.45
CA GLY A 73 8.85 -1.76 1.53
C GLY A 73 9.53 -1.97 0.19
N ARG A 74 8.73 -2.03 -0.85
CA ARG A 74 9.25 -2.16 -2.19
C ARG A 74 8.56 -1.15 -3.09
N PRO A 75 9.32 -0.37 -3.85
CA PRO A 75 8.76 0.65 -4.73
C PRO A 75 7.95 0.05 -5.87
N ILE A 76 6.66 0.35 -5.87
CA ILE A 76 5.74 -0.13 -6.86
C ILE A 76 5.11 1.03 -7.62
N PRO A 77 5.42 1.17 -8.91
CA PRO A 77 4.85 2.21 -9.74
C PRO A 77 3.36 1.96 -10.01
N PRO A 78 2.61 3.00 -10.40
CA PRO A 78 1.17 2.90 -10.69
C PRO A 78 0.87 1.88 -11.79
N THR A 79 1.85 1.69 -12.67
CA THR A 79 1.73 0.78 -13.80
C THR A 79 1.62 -0.71 -13.36
N GLU A 80 2.13 -1.01 -12.17
CA GLU A 80 2.17 -2.39 -11.68
C GLU A 80 0.83 -2.82 -11.06
N CYS A 81 0.57 -4.13 -11.08
CA CYS A 81 -0.63 -4.71 -10.50
C CYS A 81 -0.22 -5.80 -9.48
N PRO A 82 0.07 -5.41 -8.24
CA PRO A 82 0.60 -6.30 -7.21
C PRO A 82 -0.45 -7.14 -6.44
N LEU A 83 -1.73 -6.86 -6.63
CA LEU A 83 -2.78 -7.55 -5.85
C LEU A 83 -2.83 -9.05 -6.13
N PHE A 84 -2.71 -9.43 -7.40
CA PHE A 84 -2.74 -10.84 -7.78
C PHE A 84 -1.64 -11.62 -7.12
N GLU A 85 -0.51 -10.97 -6.94
CA GLU A 85 0.63 -11.58 -6.31
C GLU A 85 0.36 -11.77 -4.80
N MET A 86 -0.33 -10.80 -4.19
CA MET A 86 -0.66 -10.89 -2.77
C MET A 86 -1.65 -12.02 -2.49
N THR A 87 -2.67 -12.16 -3.32
CA THR A 87 -3.68 -13.19 -3.14
C THR A 87 -3.14 -14.58 -3.45
N ALA A 88 -2.14 -14.64 -4.34
CA ALA A 88 -1.55 -15.90 -4.75
C ALA A 88 -1.01 -16.69 -3.57
N ARG A 89 -0.24 -16.03 -2.72
CA ARG A 89 0.35 -16.71 -1.58
C ARG A 89 -0.51 -16.56 -0.32
N SER A 90 -0.82 -15.30 0.04
CA SER A 90 -1.62 -14.99 1.21
C SER A 90 -1.01 -15.59 2.49
N GLY A 91 0.30 -15.47 2.62
CA GLY A 91 0.98 -16.03 3.77
C GLY A 91 1.60 -14.96 4.64
N ASN A 92 1.43 -15.11 5.96
CA ASN A 92 1.96 -14.15 6.96
C ASN A 92 1.19 -12.84 6.93
N GLY A 93 1.61 -11.90 7.77
CA GLY A 93 0.98 -10.58 7.82
C GLY A 93 -0.52 -10.64 7.99
N GLU A 94 -0.97 -11.07 9.16
CA GLU A 94 -2.41 -11.21 9.45
C GLU A 94 -3.16 -9.88 9.28
N ASN A 95 -2.41 -8.78 9.27
CA ASN A 95 -2.98 -7.45 9.09
C ASN A 95 -3.61 -7.31 7.69
N GLY A 96 -2.91 -7.86 6.68
CA GLY A 96 -3.44 -7.80 5.33
C GLY A 96 -2.54 -8.49 4.33
N PHE A 97 -2.87 -9.76 4.02
CA PHE A 97 -2.11 -10.58 3.04
C PHE A 97 -0.63 -10.70 3.43
N ASP A 98 0.20 -11.09 2.47
CA ASP A 98 1.65 -11.20 2.69
C ASP A 98 2.20 -9.86 3.10
N SER A 99 1.68 -8.85 2.48
CA SER A 99 2.07 -7.50 2.73
C SER A 99 0.91 -6.60 2.42
N PHE A 100 0.93 -5.40 2.95
CA PHE A 100 -0.13 -4.48 2.66
C PHE A 100 0.41 -3.41 1.77
N LEU A 101 -0.47 -2.68 1.14
CA LEU A 101 -0.09 -1.70 0.18
C LEU A 101 -0.16 -0.31 0.81
N ALA A 102 0.97 0.39 0.77
CA ALA A 102 1.09 1.70 1.37
C ALA A 102 1.53 2.74 0.36
N ILE A 103 1.51 3.99 0.77
CA ILE A 103 1.88 5.10 -0.10
C ILE A 103 3.23 5.67 0.32
N LYS A 104 4.13 5.80 -0.63
CA LYS A 104 5.46 6.37 -0.42
C LYS A 104 5.73 7.38 -1.50
N ARG A 105 6.81 8.10 -1.35
CA ARG A 105 7.22 9.03 -2.36
C ARG A 105 8.17 8.34 -3.31
N LYS A 106 8.06 8.62 -4.59
CA LYS A 106 8.98 8.01 -5.57
C LYS A 106 10.48 8.39 -5.34
N PRO A 107 10.78 9.63 -4.95
CA PRO A 107 12.15 10.05 -4.65
C PRO A 107 12.53 9.71 -3.22
N HIS A 108 11.55 9.21 -2.48
CA HIS A 108 11.68 8.82 -1.08
C HIS A 108 11.82 10.04 -0.18
N SER A 1 -10.34 -17.10 -2.92
CA SER A 1 -11.52 -16.94 -3.78
C SER A 1 -12.12 -15.54 -3.62
N MET A 2 -12.38 -15.15 -2.40
CA MET A 2 -12.99 -13.86 -2.14
C MET A 2 -11.95 -12.76 -2.00
N PHE A 3 -12.25 -11.62 -2.55
CA PHE A 3 -11.39 -10.47 -2.45
C PHE A 3 -12.11 -9.41 -1.63
N GLY A 4 -11.41 -8.84 -0.66
CA GLY A 4 -12.03 -7.88 0.26
C GLY A 4 -12.59 -6.66 -0.42
N GLY A 5 -11.89 -6.16 -1.41
CA GLY A 5 -12.34 -4.95 -2.10
C GLY A 5 -11.81 -3.71 -1.42
N SER A 6 -11.91 -3.68 -0.12
CA SER A 6 -11.40 -2.59 0.66
C SER A 6 -10.08 -3.00 1.29
N LEU A 7 -9.03 -2.28 0.98
CA LEU A 7 -7.72 -2.60 1.52
C LEU A 7 -7.36 -1.57 2.55
N LYS A 8 -6.68 -1.98 3.59
CA LYS A 8 -6.18 -1.02 4.52
C LYS A 8 -4.89 -0.46 3.94
N VAL A 9 -4.94 0.77 3.58
CA VAL A 9 -3.87 1.43 2.92
C VAL A 9 -3.16 2.37 3.90
N TYR A 10 -1.85 2.22 4.00
CA TYR A 10 -1.09 3.00 4.97
C TYR A 10 -0.45 4.23 4.33
N GLY A 11 -0.80 5.38 4.85
CA GLY A 11 -0.24 6.63 4.40
C GLY A 11 0.14 7.51 5.56
N GLY A 12 0.42 6.86 6.69
CA GLY A 12 0.77 7.58 7.91
C GLY A 12 2.00 8.43 7.79
N GLU A 13 2.92 8.01 6.94
CA GLU A 13 4.14 8.76 6.72
C GLU A 13 3.82 10.12 6.09
N ILE A 14 2.91 10.10 5.11
CA ILE A 14 2.49 11.32 4.46
C ILE A 14 1.61 12.16 5.38
N VAL A 15 0.66 11.49 6.05
CA VAL A 15 -0.25 12.17 6.98
C VAL A 15 -0.39 11.37 8.28
N PRO A 16 0.25 11.87 9.36
CA PRO A 16 0.24 11.23 10.70
C PRO A 16 -1.15 11.03 11.23
N THR A 17 -1.98 11.96 10.93
CA THR A 17 -3.31 12.00 11.43
C THR A 17 -4.15 10.82 10.92
N ARG A 18 -3.76 10.22 9.83
CA ARG A 18 -4.48 9.09 9.27
C ARG A 18 -3.50 8.02 8.78
N PRO A 19 -2.88 7.28 9.72
CA PRO A 19 -1.94 6.22 9.39
C PRO A 19 -2.51 5.20 8.42
N TYR A 20 -3.70 4.74 8.70
CA TYR A 20 -4.36 3.76 7.85
C TYR A 20 -5.67 4.30 7.32
N VAL A 21 -5.91 4.06 6.08
CA VAL A 21 -7.13 4.46 5.43
C VAL A 21 -7.68 3.26 4.69
N SER A 22 -8.92 3.30 4.37
CA SER A 22 -9.54 2.19 3.69
C SER A 22 -10.05 2.64 2.34
N ILE A 23 -9.60 1.99 1.30
CA ILE A 23 -10.02 2.36 -0.04
C ILE A 23 -10.61 1.15 -0.75
N LEU A 24 -11.47 1.40 -1.72
CA LEU A 24 -12.04 0.33 -2.49
C LEU A 24 -11.30 0.20 -3.82
N ALA A 25 -10.59 -0.89 -3.95
CA ALA A 25 -9.82 -1.18 -5.13
C ALA A 25 -9.97 -2.64 -5.50
N GLU A 26 -10.27 -2.91 -6.74
CA GLU A 26 -10.44 -4.28 -7.16
C GLU A 26 -9.11 -4.84 -7.64
N ILE A 27 -9.00 -6.15 -7.63
CA ILE A 27 -7.76 -6.83 -7.98
C ILE A 27 -7.33 -6.59 -9.42
N ASN A 28 -8.28 -6.34 -10.30
CA ASN A 28 -7.97 -6.14 -11.70
C ASN A 28 -7.68 -4.67 -12.00
N GLU A 29 -7.62 -3.87 -10.95
CA GLU A 29 -7.32 -2.47 -11.10
C GLU A 29 -5.83 -2.24 -10.91
N ASN A 30 -5.28 -1.31 -11.65
CA ASN A 30 -3.86 -1.05 -11.59
C ASN A 30 -3.53 -0.20 -10.37
N ALA A 31 -2.25 -0.08 -10.08
CA ALA A 31 -1.78 0.67 -8.93
C ALA A 31 -2.23 2.13 -8.98
N ASP A 32 -2.48 2.65 -10.18
CA ASP A 32 -2.96 4.04 -10.32
C ASP A 32 -4.31 4.21 -9.63
N ARG A 33 -5.18 3.22 -9.79
CA ARG A 33 -6.49 3.24 -9.14
C ARG A 33 -6.34 3.18 -7.64
N ILE A 34 -5.50 2.26 -7.20
CA ILE A 34 -5.25 2.06 -5.79
C ILE A 34 -4.59 3.29 -5.17
N LEU A 35 -3.56 3.77 -5.83
CA LEU A 35 -2.82 4.93 -5.37
C LEU A 35 -3.70 6.16 -5.39
N GLY A 36 -4.44 6.32 -6.47
CA GLY A 36 -5.28 7.47 -6.63
C GLY A 36 -6.41 7.54 -5.63
N ALA A 37 -7.04 6.41 -5.35
CA ALA A 37 -8.15 6.38 -4.40
C ALA A 37 -7.69 6.81 -3.01
N ALA A 38 -6.59 6.23 -2.54
CA ALA A 38 -6.06 6.55 -1.23
C ALA A 38 -5.54 7.97 -1.19
N LEU A 39 -4.87 8.35 -2.25
CA LEU A 39 -4.29 9.68 -2.39
C LEU A 39 -5.42 10.71 -2.39
N GLU A 40 -6.53 10.35 -3.03
CA GLU A 40 -7.71 11.18 -3.09
C GLU A 40 -8.26 11.42 -1.68
N LYS A 41 -8.22 10.38 -0.85
CA LYS A 41 -8.69 10.47 0.53
C LYS A 41 -7.86 11.51 1.29
N TYR A 42 -6.55 11.51 1.04
CA TYR A 42 -5.66 12.46 1.69
C TYR A 42 -5.72 13.84 1.00
N GLY A 43 -6.39 13.91 -0.15
CA GLY A 43 -6.52 15.17 -0.86
C GLY A 43 -5.21 15.62 -1.50
N LEU A 44 -4.42 14.66 -1.96
CA LEU A 44 -3.15 14.94 -2.60
C LEU A 44 -3.12 14.33 -3.99
N GLU A 45 -4.30 14.08 -4.54
CA GLU A 45 -4.44 13.44 -5.85
C GLU A 45 -3.80 14.25 -6.98
N HIS A 46 -3.52 15.52 -6.70
CA HIS A 46 -2.91 16.40 -7.70
C HIS A 46 -1.38 16.36 -7.61
N SER A 47 -0.86 15.45 -6.82
CA SER A 47 0.59 15.29 -6.65
C SER A 47 0.96 13.81 -6.69
N LYS A 48 0.21 13.05 -7.46
CA LYS A 48 0.34 11.60 -7.51
C LYS A 48 1.70 11.12 -8.04
N ASP A 49 2.25 11.81 -9.02
CA ASP A 49 3.49 11.35 -9.68
C ASP A 49 4.68 11.34 -8.70
N ASP A 50 4.52 12.04 -7.61
CA ASP A 50 5.56 12.13 -6.60
C ASP A 50 5.52 10.92 -5.65
N PHE A 51 4.49 10.10 -5.79
CA PHE A 51 4.31 8.98 -4.88
C PHE A 51 4.04 7.69 -5.63
N ILE A 52 4.37 6.58 -5.00
CA ILE A 52 4.17 5.25 -5.54
C ILE A 52 3.64 4.33 -4.45
N LEU A 53 3.27 3.11 -4.81
CA LEU A 53 2.77 2.16 -3.84
C LEU A 53 3.87 1.22 -3.43
N VAL A 54 3.97 0.98 -2.15
CA VAL A 54 5.00 0.13 -1.62
C VAL A 54 4.41 -0.96 -0.71
N GLU A 55 4.85 -2.19 -0.89
CA GLU A 55 4.36 -3.30 -0.06
C GLU A 55 5.15 -3.43 1.22
N VAL A 56 4.43 -3.36 2.32
CA VAL A 56 5.04 -3.44 3.62
C VAL A 56 4.43 -4.62 4.39
N SER A 57 5.27 -5.51 4.86
CA SER A 57 4.81 -6.63 5.68
C SER A 57 4.66 -6.18 7.12
N ASN A 58 3.91 -6.93 7.90
CA ASN A 58 3.67 -6.58 9.29
C ASN A 58 4.77 -7.11 10.20
N ASP A 59 5.87 -7.56 9.60
CA ASP A 59 6.99 -8.09 10.36
C ASP A 59 8.21 -7.20 10.23
N ASP A 60 8.37 -6.29 11.16
CA ASP A 60 9.51 -5.40 11.18
C ASP A 60 10.55 -5.89 12.17
N ASP A 61 10.22 -7.01 12.80
CA ASP A 61 11.11 -7.65 13.79
C ASP A 61 12.33 -8.19 13.08
N ARG A 62 12.26 -8.20 11.78
CA ARG A 62 13.29 -8.76 10.96
C ARG A 62 13.30 -8.06 9.62
N LYS A 63 14.02 -8.63 8.66
CA LYS A 63 14.15 -8.08 7.31
C LYS A 63 14.96 -6.78 7.35
N SER A 64 14.33 -5.70 7.77
CA SER A 64 15.00 -4.43 7.89
C SER A 64 15.33 -4.16 9.36
N MET A 65 14.54 -4.81 10.26
CA MET A 65 14.63 -4.65 11.74
C MET A 65 14.85 -3.20 12.15
N SER A 66 14.29 -2.29 11.38
CA SER A 66 14.39 -0.87 11.65
C SER A 66 13.00 -0.32 11.93
N ASP A 67 12.04 -1.23 12.09
CA ASP A 67 10.63 -0.90 12.31
C ASP A 67 10.01 -0.29 11.05
N LEU A 68 8.70 -0.15 11.04
CA LEU A 68 7.98 0.39 9.89
C LEU A 68 7.82 1.90 10.04
N ARG A 69 8.77 2.51 10.73
CA ARG A 69 8.72 3.94 11.05
C ARG A 69 8.65 4.82 9.79
N GLU A 70 9.48 4.53 8.80
CA GLU A 70 9.45 5.32 7.58
C GLU A 70 8.89 4.51 6.42
N ILE A 71 8.29 3.37 6.74
CA ILE A 71 7.74 2.46 5.73
C ILE A 71 8.84 1.76 4.93
N ASP A 72 8.84 0.47 4.98
CA ASP A 72 9.75 -0.34 4.18
C ASP A 72 8.92 -1.11 3.20
N GLY A 73 9.04 -0.78 1.94
CA GLY A 73 8.25 -1.43 0.97
C GLY A 73 8.89 -1.50 -0.36
N ARG A 74 8.33 -2.31 -1.23
CA ARG A 74 8.85 -2.50 -2.55
C ARG A 74 8.19 -1.50 -3.48
N PRO A 75 8.98 -0.76 -4.27
CA PRO A 75 8.45 0.27 -5.16
C PRO A 75 7.61 -0.31 -6.28
N ILE A 76 6.34 0.00 -6.24
CA ILE A 76 5.39 -0.46 -7.23
C ILE A 76 4.74 0.73 -7.92
N PRO A 77 5.17 1.03 -9.15
CA PRO A 77 4.61 2.13 -9.94
C PRO A 77 3.12 1.94 -10.26
N PRO A 78 2.40 3.05 -10.50
CA PRO A 78 0.95 3.05 -10.79
C PRO A 78 0.55 2.15 -11.96
N THR A 79 1.46 1.97 -12.88
CA THR A 79 1.20 1.17 -14.08
C THR A 79 1.15 -0.35 -13.79
N GLU A 80 1.58 -0.76 -12.60
CA GLU A 80 1.61 -2.18 -12.25
C GLU A 80 0.34 -2.61 -11.49
N CYS A 81 0.03 -3.91 -11.54
CA CYS A 81 -1.12 -4.47 -10.82
C CYS A 81 -0.64 -5.53 -9.82
N PRO A 82 -0.18 -5.10 -8.62
CA PRO A 82 0.43 -5.99 -7.62
C PRO A 82 -0.55 -6.96 -6.92
N LEU A 83 -1.84 -6.67 -7.01
CA LEU A 83 -2.84 -7.44 -6.25
C LEU A 83 -2.87 -8.92 -6.62
N PHE A 84 -2.67 -9.23 -7.90
CA PHE A 84 -2.67 -10.62 -8.33
C PHE A 84 -1.59 -11.43 -7.60
N GLU A 85 -0.39 -10.88 -7.49
CA GLU A 85 0.66 -11.55 -6.76
C GLU A 85 0.41 -11.51 -5.26
N MET A 86 -0.14 -10.40 -4.77
CA MET A 86 -0.43 -10.24 -3.35
C MET A 86 -1.43 -11.28 -2.87
N THR A 87 -2.46 -11.54 -3.66
CA THR A 87 -3.46 -12.54 -3.29
C THR A 87 -2.87 -13.96 -3.25
N ALA A 88 -2.03 -14.29 -4.22
CA ALA A 88 -1.38 -15.60 -4.27
C ALA A 88 -0.39 -15.76 -3.10
N ARG A 89 0.34 -14.69 -2.83
CA ARG A 89 1.32 -14.65 -1.75
C ARG A 89 0.66 -14.67 -0.36
N SER A 90 -0.52 -14.03 -0.26
CA SER A 90 -1.26 -13.89 1.01
C SER A 90 -1.09 -15.09 1.93
N GLY A 91 -0.33 -14.89 3.00
CA GLY A 91 -0.06 -15.94 3.95
C GLY A 91 0.96 -15.51 4.98
N ASN A 92 1.97 -14.76 4.53
CA ASN A 92 3.01 -14.24 5.42
C ASN A 92 2.59 -12.91 6.01
N GLY A 93 3.50 -12.27 6.74
CA GLY A 93 3.24 -10.96 7.31
C GLY A 93 2.04 -10.96 8.23
N GLU A 94 2.07 -11.85 9.23
CA GLU A 94 0.98 -11.97 10.21
C GLU A 94 -0.30 -12.45 9.50
N ASN A 95 -0.10 -13.01 8.31
CA ASN A 95 -1.19 -13.48 7.46
C ASN A 95 -2.11 -12.31 7.09
N GLY A 96 -1.51 -11.11 7.01
CA GLY A 96 -2.28 -9.93 6.68
C GLY A 96 -2.15 -9.60 5.22
N PHE A 97 -2.60 -10.53 4.36
CA PHE A 97 -2.51 -10.38 2.90
C PHE A 97 -1.03 -10.48 2.47
N ASP A 98 -0.21 -11.13 3.33
CA ASP A 98 1.26 -11.28 3.14
C ASP A 98 1.95 -9.97 3.44
N SER A 99 1.46 -8.94 2.81
CA SER A 99 1.95 -7.60 2.98
C SER A 99 0.80 -6.65 2.71
N PHE A 100 0.90 -5.46 3.20
CA PHE A 100 -0.10 -4.48 2.90
C PHE A 100 0.50 -3.45 1.99
N LEU A 101 -0.34 -2.73 1.32
CA LEU A 101 0.14 -1.79 0.37
C LEU A 101 0.03 -0.39 0.93
N ALA A 102 1.16 0.29 0.96
CA ALA A 102 1.24 1.62 1.50
C ALA A 102 1.69 2.61 0.43
N ILE A 103 1.67 3.87 0.76
CA ILE A 103 2.08 4.91 -0.17
C ILE A 103 3.37 5.57 0.31
N LYS A 104 4.36 5.65 -0.55
CA LYS A 104 5.60 6.31 -0.21
C LYS A 104 6.02 7.22 -1.31
N ARG A 105 6.88 8.13 -0.98
CA ARG A 105 7.38 9.04 -1.96
C ARG A 105 8.45 8.38 -2.77
N LYS A 106 8.16 8.26 -4.06
CA LYS A 106 9.11 7.75 -5.05
C LYS A 106 10.52 8.30 -4.81
N PRO A 107 11.46 7.45 -4.37
CA PRO A 107 12.82 7.85 -4.07
C PRO A 107 13.69 7.96 -5.33
N HIS A 108 14.93 8.39 -5.14
CA HIS A 108 15.86 8.52 -6.25
C HIS A 108 16.19 7.15 -6.86
N SER A 1 -11.74 -17.87 -0.41
CA SER A 1 -12.08 -16.45 -0.49
C SER A 1 -11.80 -15.90 -1.87
N MET A 2 -12.20 -14.67 -2.11
CA MET A 2 -11.98 -14.03 -3.39
C MET A 2 -11.14 -12.78 -3.22
N PHE A 3 -11.81 -11.67 -2.93
CA PHE A 3 -11.15 -10.41 -2.71
C PHE A 3 -12.05 -9.52 -1.87
N GLY A 4 -11.50 -8.93 -0.81
CA GLY A 4 -12.28 -8.11 0.10
C GLY A 4 -12.84 -6.85 -0.55
N GLY A 5 -12.09 -6.28 -1.47
CA GLY A 5 -12.52 -5.07 -2.14
C GLY A 5 -11.99 -3.83 -1.46
N SER A 6 -12.11 -3.80 -0.16
CA SER A 6 -11.60 -2.69 0.62
C SER A 6 -10.20 -3.02 1.13
N LEU A 7 -9.29 -2.08 0.97
CA LEU A 7 -7.92 -2.28 1.40
C LEU A 7 -7.55 -1.39 2.55
N LYS A 8 -6.81 -1.95 3.48
CA LYS A 8 -6.25 -1.20 4.57
C LYS A 8 -4.98 -0.56 4.07
N VAL A 9 -4.99 0.73 3.95
CA VAL A 9 -3.90 1.45 3.35
C VAL A 9 -3.19 2.33 4.38
N TYR A 10 -1.87 2.19 4.44
CA TYR A 10 -1.07 2.93 5.39
C TYR A 10 -0.47 4.19 4.76
N GLY A 11 -0.74 5.32 5.40
CA GLY A 11 -0.27 6.60 4.89
C GLY A 11 0.27 7.48 5.99
N GLY A 12 0.81 6.85 7.05
CA GLY A 12 1.34 7.60 8.18
C GLY A 12 2.48 8.54 7.80
N GLU A 13 3.30 8.11 6.84
CA GLU A 13 4.41 8.93 6.39
C GLU A 13 3.91 10.02 5.43
N ILE A 14 2.64 9.96 5.08
CA ILE A 14 2.02 10.94 4.22
C ILE A 14 1.30 11.99 5.07
N VAL A 15 0.43 11.51 5.95
CA VAL A 15 -0.33 12.36 6.86
C VAL A 15 -0.40 11.70 8.25
N PRO A 16 0.25 12.31 9.27
CA PRO A 16 0.32 11.74 10.62
C PRO A 16 -1.03 11.62 11.34
N THR A 17 -2.00 12.45 10.97
CA THR A 17 -3.30 12.40 11.64
C THR A 17 -4.15 11.23 11.13
N ARG A 18 -3.73 10.62 10.02
CA ARG A 18 -4.44 9.48 9.46
C ARG A 18 -3.44 8.43 8.98
N PRO A 19 -2.90 7.62 9.91
CA PRO A 19 -1.92 6.58 9.57
C PRO A 19 -2.51 5.47 8.70
N TYR A 20 -3.79 5.19 8.89
CA TYR A 20 -4.46 4.16 8.13
C TYR A 20 -5.75 4.65 7.53
N VAL A 21 -6.00 4.26 6.29
CA VAL A 21 -7.20 4.62 5.60
C VAL A 21 -7.75 3.41 4.86
N SER A 22 -9.01 3.44 4.58
CA SER A 22 -9.66 2.34 3.89
C SER A 22 -10.08 2.77 2.49
N ILE A 23 -9.66 2.02 1.49
CA ILE A 23 -9.98 2.37 0.11
C ILE A 23 -10.69 1.22 -0.59
N LEU A 24 -11.34 1.51 -1.69
CA LEU A 24 -11.98 0.49 -2.48
C LEU A 24 -11.18 0.30 -3.77
N ALA A 25 -10.74 -0.91 -4.00
CA ALA A 25 -9.94 -1.21 -5.17
C ALA A 25 -10.24 -2.61 -5.67
N GLU A 26 -10.14 -2.80 -6.96
CA GLU A 26 -10.37 -4.10 -7.55
C GLU A 26 -9.03 -4.73 -7.87
N ILE A 27 -8.96 -6.05 -7.79
CA ILE A 27 -7.71 -6.74 -8.05
C ILE A 27 -7.24 -6.57 -9.49
N ASN A 28 -8.18 -6.41 -10.40
CA ASN A 28 -7.87 -6.27 -11.81
C ASN A 28 -7.38 -4.84 -12.12
N GLU A 29 -7.46 -3.96 -11.13
CA GLU A 29 -7.05 -2.57 -11.30
C GLU A 29 -5.55 -2.44 -11.12
N ASN A 30 -5.01 -1.35 -11.63
CA ASN A 30 -3.60 -1.10 -11.52
C ASN A 30 -3.28 -0.32 -10.27
N ALA A 31 -2.00 -0.21 -9.97
CA ALA A 31 -1.54 0.51 -8.80
C ALA A 31 -1.92 1.98 -8.88
N ASP A 32 -2.12 2.49 -10.09
CA ASP A 32 -2.51 3.89 -10.28
C ASP A 32 -3.83 4.18 -9.60
N ARG A 33 -4.80 3.32 -9.82
CA ARG A 33 -6.09 3.48 -9.26
C ARG A 33 -6.05 3.28 -7.75
N ILE A 34 -5.29 2.27 -7.32
CA ILE A 34 -5.15 1.98 -5.90
C ILE A 34 -4.48 3.16 -5.19
N LEU A 35 -3.42 3.67 -5.81
CA LEU A 35 -2.69 4.82 -5.30
C LEU A 35 -3.59 6.03 -5.29
N GLY A 36 -4.31 6.23 -6.38
CA GLY A 36 -5.19 7.36 -6.50
C GLY A 36 -6.35 7.33 -5.54
N ALA A 37 -6.90 6.15 -5.28
CA ALA A 37 -8.01 6.02 -4.35
C ALA A 37 -7.61 6.48 -2.95
N ALA A 38 -6.48 5.98 -2.50
CA ALA A 38 -5.96 6.34 -1.18
C ALA A 38 -5.49 7.78 -1.16
N LEU A 39 -4.83 8.18 -2.23
CA LEU A 39 -4.28 9.52 -2.37
C LEU A 39 -5.42 10.54 -2.39
N GLU A 40 -6.54 10.15 -2.99
CA GLU A 40 -7.76 10.97 -3.06
C GLU A 40 -8.30 11.24 -1.65
N LYS A 41 -8.17 10.24 -0.77
CA LYS A 41 -8.59 10.39 0.61
C LYS A 41 -7.82 11.51 1.29
N TYR A 42 -6.53 11.63 0.97
CA TYR A 42 -5.69 12.67 1.53
C TYR A 42 -5.77 13.94 0.68
N GLY A 43 -6.56 13.87 -0.39
CA GLY A 43 -6.74 15.01 -1.27
C GLY A 43 -5.48 15.40 -2.02
N LEU A 44 -4.66 14.41 -2.37
CA LEU A 44 -3.41 14.68 -3.04
C LEU A 44 -3.32 13.99 -4.39
N GLU A 45 -4.44 13.45 -4.90
CA GLU A 45 -4.41 12.71 -6.17
C GLU A 45 -3.99 13.61 -7.34
N HIS A 46 -4.20 14.90 -7.20
CA HIS A 46 -3.81 15.86 -8.22
C HIS A 46 -2.31 15.74 -8.49
N SER A 47 -1.57 15.45 -7.42
CA SER A 47 -0.14 15.26 -7.52
C SER A 47 0.17 13.86 -8.06
N LYS A 48 0.21 12.87 -7.16
CA LYS A 48 0.48 11.43 -7.47
C LYS A 48 1.88 11.18 -8.06
N ASP A 49 2.37 12.10 -8.85
CA ASP A 49 3.64 11.97 -9.54
C ASP A 49 4.81 11.91 -8.56
N ASP A 50 4.57 12.39 -7.36
CA ASP A 50 5.58 12.39 -6.32
C ASP A 50 5.33 11.29 -5.28
N PHE A 51 4.41 10.36 -5.57
CA PHE A 51 4.12 9.25 -4.67
C PHE A 51 4.06 7.91 -5.42
N ILE A 52 4.43 6.83 -4.75
CA ILE A 52 4.34 5.47 -5.31
C ILE A 52 3.82 4.53 -4.23
N LEU A 53 3.49 3.31 -4.59
CA LEU A 53 3.00 2.35 -3.62
C LEU A 53 4.11 1.40 -3.23
N VAL A 54 4.21 1.10 -1.95
CA VAL A 54 5.19 0.17 -1.47
C VAL A 54 4.51 -0.95 -0.71
N GLU A 55 4.86 -2.16 -1.06
CA GLU A 55 4.31 -3.33 -0.41
C GLU A 55 5.17 -3.68 0.80
N VAL A 56 4.55 -3.73 1.97
CA VAL A 56 5.24 -4.04 3.23
C VAL A 56 4.41 -5.01 4.07
N SER A 57 5.07 -5.99 4.66
CA SER A 57 4.36 -6.92 5.54
C SER A 57 4.51 -6.49 7.01
N ASN A 58 3.42 -6.61 7.74
CA ASN A 58 3.35 -6.21 9.16
C ASN A 58 4.28 -7.04 10.03
N ASP A 59 4.33 -8.34 9.76
CA ASP A 59 5.13 -9.27 10.55
C ASP A 59 6.61 -9.11 10.24
N ASP A 60 7.22 -8.09 10.90
CA ASP A 60 8.65 -7.72 10.74
C ASP A 60 9.11 -7.67 9.28
N ASP A 61 8.17 -7.41 8.39
CA ASP A 61 8.39 -7.40 6.95
C ASP A 61 8.98 -8.73 6.48
N ARG A 62 8.67 -9.79 7.24
CA ARG A 62 9.00 -11.20 6.89
C ARG A 62 10.50 -11.44 6.78
N LYS A 63 11.27 -10.64 7.47
CA LYS A 63 12.72 -10.73 7.38
C LYS A 63 13.36 -10.73 8.77
N SER A 64 13.44 -9.55 9.35
CA SER A 64 14.01 -9.37 10.65
C SER A 64 13.13 -8.42 11.42
N MET A 65 13.10 -8.55 12.75
CA MET A 65 12.21 -7.74 13.59
C MET A 65 12.35 -6.23 13.30
N SER A 66 11.49 -5.75 12.43
CA SER A 66 11.45 -4.35 12.07
C SER A 66 10.13 -3.75 12.51
N ASP A 67 9.05 -4.42 12.13
CA ASP A 67 7.68 -4.06 12.51
C ASP A 67 7.35 -2.60 12.11
N LEU A 68 7.45 -2.33 10.81
CA LEU A 68 7.11 -1.01 10.25
C LEU A 68 8.01 0.09 10.78
N ARG A 69 9.09 0.32 10.08
CA ARG A 69 10.03 1.35 10.41
C ARG A 69 10.81 1.74 9.17
N GLU A 70 10.89 3.05 8.91
CA GLU A 70 11.54 3.57 7.71
C GLU A 70 10.97 2.86 6.49
N ILE A 71 9.65 2.99 6.34
CA ILE A 71 8.89 2.29 5.33
C ILE A 71 9.51 2.35 3.92
N ASP A 72 10.01 1.21 3.53
CA ASP A 72 10.57 1.00 2.21
C ASP A 72 10.43 -0.45 1.84
N GLY A 73 9.27 -0.79 1.33
CA GLY A 73 9.02 -2.15 0.95
C GLY A 73 9.35 -2.38 -0.49
N ARG A 74 8.43 -2.96 -1.20
CA ARG A 74 8.61 -3.19 -2.61
C ARG A 74 8.02 -2.02 -3.39
N PRO A 75 8.86 -1.25 -4.10
CA PRO A 75 8.41 -0.11 -4.88
C PRO A 75 7.59 -0.54 -6.09
N ILE A 76 6.32 -0.18 -6.08
CA ILE A 76 5.40 -0.57 -7.11
C ILE A 76 4.79 0.64 -7.81
N PRO A 77 5.30 0.98 -9.00
CA PRO A 77 4.76 2.07 -9.82
C PRO A 77 3.29 1.86 -10.19
N PRO A 78 2.57 2.96 -10.51
CA PRO A 78 1.13 2.92 -10.81
C PRO A 78 0.74 2.00 -11.97
N THR A 79 1.66 1.75 -12.87
CA THR A 79 1.35 0.92 -14.04
C THR A 79 1.30 -0.58 -13.71
N GLU A 80 1.78 -0.95 -12.54
CA GLU A 80 1.84 -2.36 -12.14
C GLU A 80 0.58 -2.78 -11.37
N CYS A 81 0.27 -4.07 -11.39
CA CYS A 81 -0.87 -4.62 -10.65
C CYS A 81 -0.39 -5.60 -9.56
N PRO A 82 -0.05 -5.07 -8.37
CA PRO A 82 0.49 -5.87 -7.27
C PRO A 82 -0.51 -6.82 -6.62
N LEU A 83 -1.80 -6.53 -6.78
CA LEU A 83 -2.86 -7.31 -6.11
C LEU A 83 -2.87 -8.76 -6.54
N PHE A 84 -2.61 -9.01 -7.82
CA PHE A 84 -2.60 -10.37 -8.34
C PHE A 84 -1.63 -11.23 -7.57
N GLU A 85 -0.45 -10.70 -7.35
CA GLU A 85 0.57 -11.40 -6.60
C GLU A 85 0.26 -11.41 -5.10
N MET A 86 -0.19 -10.26 -4.56
CA MET A 86 -0.48 -10.15 -3.13
C MET A 86 -1.55 -11.15 -2.70
N THR A 87 -2.61 -11.20 -3.47
CA THR A 87 -3.72 -12.10 -3.20
C THR A 87 -3.28 -13.57 -3.29
N ALA A 88 -2.51 -13.88 -4.34
CA ALA A 88 -2.07 -15.26 -4.60
C ALA A 88 -1.06 -15.79 -3.58
N ARG A 89 -0.16 -14.93 -3.11
CA ARG A 89 0.92 -15.39 -2.22
C ARG A 89 0.48 -15.41 -0.75
N SER A 90 -0.76 -14.99 -0.49
CA SER A 90 -1.28 -14.87 0.88
C SER A 90 -1.16 -16.17 1.69
N GLY A 91 -0.33 -16.12 2.74
CA GLY A 91 -0.20 -17.25 3.63
C GLY A 91 1.03 -17.15 4.53
N ASN A 92 1.45 -15.93 4.84
CA ASN A 92 2.62 -15.74 5.69
C ASN A 92 2.30 -14.88 6.91
N GLY A 93 1.53 -13.82 6.72
CA GLY A 93 1.15 -12.98 7.82
C GLY A 93 0.29 -11.81 7.38
N GLU A 94 0.21 -10.79 8.23
CA GLU A 94 -0.56 -9.57 7.95
C GLU A 94 -2.07 -9.83 7.96
N ASN A 95 -2.83 -8.75 7.84
CA ASN A 95 -4.28 -8.83 7.80
C ASN A 95 -4.76 -8.62 6.37
N GLY A 96 -3.91 -8.00 5.54
CA GLY A 96 -4.27 -7.76 4.16
C GLY A 96 -4.12 -9.00 3.33
N PHE A 97 -3.28 -8.94 2.32
CA PHE A 97 -3.01 -10.09 1.49
C PHE A 97 -1.54 -10.42 1.56
N ASP A 98 -1.18 -11.20 2.59
CA ASP A 98 0.22 -11.58 2.90
C ASP A 98 0.99 -10.40 3.45
N SER A 99 0.72 -9.24 2.90
CA SER A 99 1.31 -8.01 3.29
C SER A 99 0.34 -6.88 3.02
N PHE A 100 0.69 -5.67 3.40
CA PHE A 100 -0.16 -4.54 3.14
C PHE A 100 0.47 -3.63 2.12
N LEU A 101 -0.30 -2.78 1.53
CA LEU A 101 0.19 -1.88 0.54
C LEU A 101 0.03 -0.45 1.02
N ALA A 102 1.11 0.29 1.01
CA ALA A 102 1.12 1.64 1.54
C ALA A 102 1.62 2.64 0.51
N ILE A 103 1.48 3.92 0.84
CA ILE A 103 1.92 4.99 -0.04
C ILE A 103 3.24 5.57 0.46
N LYS A 104 4.21 5.68 -0.43
CA LYS A 104 5.49 6.23 -0.06
C LYS A 104 5.85 7.39 -0.95
N ARG A 105 6.57 8.32 -0.39
CA ARG A 105 7.00 9.47 -1.11
C ARG A 105 8.21 9.10 -1.95
N LYS A 106 8.01 8.89 -3.24
CA LYS A 106 9.10 8.53 -4.13
C LYS A 106 10.14 9.66 -4.22
N PRO A 107 11.40 9.30 -4.52
CA PRO A 107 12.47 10.26 -4.70
C PRO A 107 12.31 11.02 -6.02
N HIS A 108 13.04 12.11 -6.16
CA HIS A 108 12.98 12.96 -7.36
C HIS A 108 11.58 13.54 -7.51
N SER A 1 -15.33 -14.63 -3.32
CA SER A 1 -15.39 -15.28 -4.65
C SER A 1 -14.27 -14.74 -5.55
N MET A 2 -14.34 -13.45 -5.86
CA MET A 2 -13.32 -12.80 -6.68
C MET A 2 -12.91 -11.50 -6.01
N PHE A 3 -11.97 -11.61 -5.07
CA PHE A 3 -11.50 -10.49 -4.25
C PHE A 3 -12.68 -9.88 -3.46
N GLY A 4 -13.31 -8.83 -4.00
CA GLY A 4 -14.46 -8.22 -3.36
C GLY A 4 -14.19 -7.76 -1.93
N GLY A 5 -13.34 -6.77 -1.79
CA GLY A 5 -13.01 -6.29 -0.47
C GLY A 5 -12.28 -4.96 -0.49
N SER A 6 -12.09 -4.38 0.68
CA SER A 6 -11.41 -3.13 0.80
C SER A 6 -9.94 -3.36 1.12
N LEU A 7 -9.11 -2.36 0.87
CA LEU A 7 -7.70 -2.47 1.16
C LEU A 7 -7.31 -1.57 2.30
N LYS A 8 -6.51 -2.12 3.19
CA LYS A 8 -5.96 -1.38 4.27
C LYS A 8 -4.71 -0.69 3.78
N VAL A 9 -4.79 0.60 3.66
CA VAL A 9 -3.75 1.39 3.05
C VAL A 9 -3.14 2.36 4.07
N TYR A 10 -1.82 2.36 4.16
CA TYR A 10 -1.11 3.21 5.11
C TYR A 10 -0.47 4.43 4.45
N GLY A 11 -0.72 5.60 5.03
CA GLY A 11 -0.15 6.84 4.50
C GLY A 11 0.33 7.75 5.61
N GLY A 12 0.75 7.15 6.73
CA GLY A 12 1.21 7.91 7.89
C GLY A 12 2.44 8.75 7.61
N GLU A 13 3.28 8.29 6.70
CA GLU A 13 4.50 9.01 6.34
C GLU A 13 4.13 10.37 5.74
N ILE A 14 3.01 10.42 5.06
CA ILE A 14 2.56 11.64 4.42
C ILE A 14 1.65 12.45 5.35
N VAL A 15 0.62 11.79 5.86
CA VAL A 15 -0.35 12.45 6.73
C VAL A 15 -0.47 11.71 8.07
N PRO A 16 0.15 12.27 9.12
CA PRO A 16 0.20 11.64 10.45
C PRO A 16 -1.17 11.58 11.15
N THR A 17 -2.10 12.44 10.75
CA THR A 17 -3.42 12.48 11.39
C THR A 17 -4.31 11.32 10.89
N ARG A 18 -3.92 10.72 9.77
CA ARG A 18 -4.64 9.59 9.23
C ARG A 18 -3.66 8.53 8.72
N PRO A 19 -3.01 7.81 9.64
CA PRO A 19 -2.01 6.80 9.28
C PRO A 19 -2.57 5.68 8.42
N TYR A 20 -3.78 5.24 8.73
CA TYR A 20 -4.41 4.17 7.97
C TYR A 20 -5.72 4.62 7.35
N VAL A 21 -5.90 4.25 6.12
CA VAL A 21 -7.10 4.56 5.38
C VAL A 21 -7.57 3.30 4.66
N SER A 22 -8.78 3.31 4.23
CA SER A 22 -9.35 2.16 3.56
C SER A 22 -9.86 2.55 2.19
N ILE A 23 -9.51 1.76 1.19
CA ILE A 23 -9.89 2.06 -0.18
C ILE A 23 -10.60 0.89 -0.80
N LEU A 24 -11.33 1.14 -1.87
CA LEU A 24 -12.01 0.09 -2.59
C LEU A 24 -11.36 -0.13 -3.95
N ALA A 25 -10.75 -1.27 -4.12
CA ALA A 25 -10.09 -1.63 -5.36
C ALA A 25 -10.13 -3.12 -5.53
N GLU A 26 -10.32 -3.58 -6.76
CA GLU A 26 -10.35 -5.00 -7.02
C GLU A 26 -8.98 -5.47 -7.47
N ILE A 27 -8.81 -6.78 -7.54
CA ILE A 27 -7.51 -7.34 -7.91
C ILE A 27 -7.08 -6.95 -9.32
N ASN A 28 -8.03 -6.67 -10.19
CA ASN A 28 -7.71 -6.31 -11.55
C ASN A 28 -7.39 -4.82 -11.68
N GLU A 29 -7.42 -4.11 -10.55
CA GLU A 29 -7.06 -2.71 -10.52
C GLU A 29 -5.56 -2.56 -10.48
N ASN A 30 -5.07 -1.55 -11.14
CA ASN A 30 -3.64 -1.29 -11.16
C ASN A 30 -3.30 -0.24 -10.12
N ALA A 31 -2.02 0.00 -9.92
CA ALA A 31 -1.57 0.95 -8.92
C ALA A 31 -2.08 2.36 -9.19
N ASP A 32 -2.40 2.69 -10.46
CA ASP A 32 -2.96 4.01 -10.78
C ASP A 32 -4.24 4.25 -9.99
N ARG A 33 -5.13 3.27 -10.01
CA ARG A 33 -6.39 3.36 -9.29
C ARG A 33 -6.22 3.15 -7.79
N ILE A 34 -5.40 2.17 -7.41
CA ILE A 34 -5.17 1.88 -6.01
C ILE A 34 -4.51 3.08 -5.31
N LEU A 35 -3.52 3.66 -5.97
CA LEU A 35 -2.86 4.86 -5.46
C LEU A 35 -3.85 6.01 -5.45
N GLY A 36 -4.61 6.11 -6.53
CA GLY A 36 -5.54 7.20 -6.70
C GLY A 36 -6.59 7.27 -5.62
N ALA A 37 -7.19 6.13 -5.29
CA ALA A 37 -8.25 6.11 -4.28
C ALA A 37 -7.74 6.60 -2.94
N ALA A 38 -6.62 6.04 -2.48
CA ALA A 38 -6.06 6.40 -1.20
C ALA A 38 -5.50 7.82 -1.20
N LEU A 39 -4.79 8.16 -2.25
CA LEU A 39 -4.16 9.46 -2.39
C LEU A 39 -5.23 10.56 -2.45
N GLU A 40 -6.35 10.24 -3.12
CA GLU A 40 -7.50 11.15 -3.21
C GLU A 40 -8.08 11.40 -1.82
N LYS A 41 -8.11 10.37 -0.99
CA LYS A 41 -8.60 10.51 0.37
C LYS A 41 -7.76 11.53 1.13
N TYR A 42 -6.47 11.55 0.84
CA TYR A 42 -5.59 12.52 1.47
C TYR A 42 -5.62 13.84 0.69
N GLY A 43 -6.37 13.88 -0.39
CA GLY A 43 -6.50 15.08 -1.19
C GLY A 43 -5.25 15.39 -2.01
N LEU A 44 -4.43 14.37 -2.22
CA LEU A 44 -3.16 14.57 -2.90
C LEU A 44 -3.10 13.80 -4.22
N GLU A 45 -4.26 13.36 -4.73
CA GLU A 45 -4.30 12.52 -5.94
C GLU A 45 -3.62 13.18 -7.14
N HIS A 46 -3.72 14.47 -7.25
CA HIS A 46 -3.12 15.19 -8.36
C HIS A 46 -1.57 15.18 -8.27
N SER A 47 -1.04 14.80 -7.12
CA SER A 47 0.40 14.82 -6.88
C SER A 47 1.02 13.42 -6.94
N LYS A 48 0.55 12.56 -7.85
CA LYS A 48 1.11 11.20 -7.96
C LYS A 48 2.52 11.23 -8.53
N ASP A 49 2.92 12.37 -9.04
CA ASP A 49 4.27 12.53 -9.55
C ASP A 49 5.24 12.63 -8.41
N ASP A 50 4.69 12.71 -7.20
CA ASP A 50 5.50 12.80 -6.02
C ASP A 50 5.27 11.58 -5.10
N PHE A 51 4.22 10.78 -5.35
CA PHE A 51 3.95 9.63 -4.48
C PHE A 51 3.74 8.33 -5.27
N ILE A 52 4.17 7.22 -4.66
CA ILE A 52 4.01 5.88 -5.26
C ILE A 52 3.55 4.88 -4.18
N LEU A 53 3.32 3.64 -4.58
CA LEU A 53 2.88 2.61 -3.65
C LEU A 53 4.05 1.74 -3.24
N VAL A 54 4.11 1.41 -1.98
CA VAL A 54 5.13 0.52 -1.46
C VAL A 54 4.49 -0.62 -0.69
N GLU A 55 4.87 -1.83 -1.02
CA GLU A 55 4.34 -2.99 -0.32
C GLU A 55 5.22 -3.30 0.86
N VAL A 56 4.65 -3.24 2.04
CA VAL A 56 5.39 -3.52 3.25
C VAL A 56 4.82 -4.75 3.92
N SER A 57 5.66 -5.73 4.12
CA SER A 57 5.24 -6.95 4.77
C SER A 57 5.02 -6.70 6.25
N ASN A 58 3.91 -7.20 6.79
CA ASN A 58 3.61 -7.05 8.20
C ASN A 58 4.62 -7.80 9.04
N ASP A 59 5.06 -8.94 8.52
CA ASP A 59 6.03 -9.77 9.21
C ASP A 59 7.42 -9.18 9.05
N ASP A 60 7.80 -8.35 10.00
CA ASP A 60 9.11 -7.74 9.98
C ASP A 60 9.97 -8.30 11.12
N ASP A 61 10.84 -7.44 11.69
CA ASP A 61 11.87 -7.89 12.63
C ASP A 61 12.71 -8.87 11.85
N ARG A 62 12.76 -8.62 10.54
CA ARG A 62 13.35 -9.54 9.60
C ARG A 62 13.85 -8.82 8.36
N LYS A 63 12.99 -8.04 7.75
CA LYS A 63 13.32 -7.42 6.49
C LYS A 63 13.92 -6.04 6.68
N SER A 64 13.38 -5.29 7.62
CA SER A 64 13.87 -3.97 7.89
C SER A 64 14.18 -3.79 9.38
N MET A 65 13.43 -4.50 10.23
CA MET A 65 13.56 -4.38 11.70
C MET A 65 13.22 -2.96 12.10
N SER A 66 12.33 -2.38 11.30
CA SER A 66 11.91 -1.01 11.43
C SER A 66 10.77 -0.81 10.42
N ASP A 67 9.99 -1.88 10.27
CA ASP A 67 8.92 -2.02 9.27
C ASP A 67 8.17 -0.71 8.94
N LEU A 68 7.39 -0.24 9.89
CA LEU A 68 6.54 0.91 9.68
C LEU A 68 7.25 2.20 10.02
N ARG A 69 8.26 2.11 10.87
CA ARG A 69 8.99 3.28 11.34
C ARG A 69 9.66 4.00 10.17
N GLU A 70 10.31 3.24 9.32
CA GLU A 70 10.99 3.79 8.17
C GLU A 70 10.18 3.55 6.91
N ILE A 71 9.12 2.73 7.07
CA ILE A 71 8.23 2.30 5.97
C ILE A 71 8.98 2.07 4.68
N ASP A 72 9.62 0.94 4.63
CA ASP A 72 10.41 0.56 3.46
C ASP A 72 9.85 -0.71 2.86
N GLY A 73 9.28 -0.57 1.69
CA GLY A 73 8.67 -1.70 1.04
C GLY A 73 9.06 -1.79 -0.42
N ARG A 74 8.31 -2.57 -1.17
CA ARG A 74 8.57 -2.75 -2.58
C ARG A 74 7.98 -1.58 -3.36
N PRO A 75 8.81 -0.87 -4.15
CA PRO A 75 8.35 0.26 -4.94
C PRO A 75 7.48 -0.19 -6.10
N ILE A 76 6.23 0.18 -6.05
CA ILE A 76 5.27 -0.22 -7.04
C ILE A 76 4.67 0.99 -7.72
N PRO A 77 5.16 1.32 -8.92
CA PRO A 77 4.63 2.42 -9.73
C PRO A 77 3.18 2.14 -10.16
N PRO A 78 2.45 3.20 -10.56
CA PRO A 78 1.02 3.13 -10.95
C PRO A 78 0.70 2.04 -11.99
N THR A 79 1.65 1.81 -12.88
CA THR A 79 1.46 0.85 -13.95
C THR A 79 1.24 -0.60 -13.44
N GLU A 80 1.97 -0.99 -12.41
CA GLU A 80 1.92 -2.38 -11.93
C GLU A 80 0.68 -2.66 -11.03
N CYS A 81 0.26 -3.93 -10.99
CA CYS A 81 -0.88 -4.37 -10.16
C CYS A 81 -0.41 -5.44 -9.16
N PRO A 82 -0.06 -5.02 -7.93
CA PRO A 82 0.50 -5.93 -6.90
C PRO A 82 -0.49 -6.96 -6.34
N LEU A 83 -1.79 -6.74 -6.53
CA LEU A 83 -2.81 -7.64 -5.96
C LEU A 83 -2.70 -9.05 -6.52
N PHE A 84 -2.32 -9.16 -7.78
CA PHE A 84 -2.14 -10.46 -8.43
C PHE A 84 -1.11 -11.29 -7.68
N GLU A 85 -0.16 -10.63 -7.07
CA GLU A 85 0.83 -11.31 -6.25
C GLU A 85 0.30 -11.46 -4.83
N MET A 86 -0.16 -10.35 -4.27
CA MET A 86 -0.61 -10.29 -2.87
C MET A 86 -1.76 -11.27 -2.58
N THR A 87 -2.95 -10.95 -3.09
CA THR A 87 -4.14 -11.73 -2.81
C THR A 87 -4.07 -13.16 -3.37
N ALA A 88 -3.66 -13.28 -4.63
CA ALA A 88 -3.63 -14.58 -5.30
C ALA A 88 -2.68 -15.56 -4.63
N ARG A 89 -1.44 -15.13 -4.41
CA ARG A 89 -0.45 -15.98 -3.74
C ARG A 89 -0.75 -16.10 -2.26
N SER A 90 -1.19 -14.99 -1.67
CA SER A 90 -1.47 -14.88 -0.24
C SER A 90 -0.25 -15.25 0.61
N GLY A 91 -0.36 -15.13 1.92
CA GLY A 91 0.78 -15.42 2.73
C GLY A 91 0.45 -15.46 4.20
N ASN A 92 1.32 -16.12 4.95
CA ASN A 92 1.21 -16.20 6.39
C ASN A 92 2.22 -15.26 7.00
N GLY A 93 3.22 -14.94 6.19
CA GLY A 93 4.26 -14.05 6.59
C GLY A 93 5.44 -14.19 5.67
N GLU A 94 5.17 -14.06 4.38
CA GLU A 94 6.20 -14.23 3.36
C GLU A 94 6.26 -12.99 2.46
N ASN A 95 5.47 -13.02 1.38
CA ASN A 95 5.41 -11.92 0.40
C ASN A 95 4.05 -11.96 -0.27
N GLY A 96 3.03 -12.34 0.49
CA GLY A 96 1.72 -12.51 -0.11
C GLY A 96 0.70 -11.50 0.37
N PHE A 97 -0.25 -11.97 1.16
CA PHE A 97 -1.32 -11.11 1.66
C PHE A 97 -1.09 -10.83 3.12
N ASP A 98 0.04 -11.28 3.60
CA ASP A 98 0.47 -11.04 4.96
C ASP A 98 1.05 -9.65 5.06
N SER A 99 1.18 -9.02 3.90
CA SER A 99 1.72 -7.69 3.80
C SER A 99 0.62 -6.64 3.70
N PHE A 100 0.99 -5.38 3.77
CA PHE A 100 0.05 -4.29 3.58
C PHE A 100 0.60 -3.34 2.54
N LEU A 101 -0.25 -2.57 1.94
CA LEU A 101 0.18 -1.67 0.92
C LEU A 101 0.09 -0.24 1.40
N ALA A 102 1.18 0.46 1.29
CA ALA A 102 1.24 1.83 1.77
C ALA A 102 1.68 2.78 0.67
N ILE A 103 1.54 4.07 0.94
CA ILE A 103 1.96 5.09 0.01
C ILE A 103 3.16 5.83 0.56
N LYS A 104 4.20 5.97 -0.24
CA LYS A 104 5.36 6.71 0.16
C LYS A 104 5.70 7.74 -0.85
N ARG A 105 6.52 8.66 -0.47
CA ARG A 105 6.96 9.68 -1.37
C ARG A 105 8.10 9.11 -2.19
N LYS A 106 7.86 8.92 -3.47
CA LYS A 106 8.86 8.36 -4.39
C LYS A 106 10.23 9.05 -4.26
N PRO A 107 11.31 8.33 -4.59
CA PRO A 107 12.67 8.87 -4.53
C PRO A 107 12.85 10.00 -5.51
N HIS A 108 13.77 10.85 -5.21
CA HIS A 108 14.05 12.00 -6.04
C HIS A 108 14.97 11.61 -7.18
N SER A 1 -16.02 -13.34 0.18
CA SER A 1 -14.96 -14.01 -0.57
C SER A 1 -13.61 -13.78 0.09
N MET A 2 -12.57 -14.44 -0.41
CA MET A 2 -11.23 -14.32 0.13
C MET A 2 -10.67 -12.92 -0.06
N PHE A 3 -10.91 -12.35 -1.23
CA PHE A 3 -10.41 -11.02 -1.53
C PHE A 3 -11.30 -9.97 -0.90
N GLY A 4 -10.72 -9.12 -0.09
CA GLY A 4 -11.46 -8.04 0.50
C GLY A 4 -11.60 -6.91 -0.48
N GLY A 5 -12.83 -6.49 -0.74
CA GLY A 5 -13.07 -5.44 -1.73
C GLY A 5 -12.65 -4.06 -1.23
N SER A 6 -12.13 -4.01 -0.04
CA SER A 6 -11.62 -2.79 0.51
C SER A 6 -10.21 -3.04 1.04
N LEU A 7 -9.34 -2.09 0.86
CA LEU A 7 -7.95 -2.26 1.25
C LEU A 7 -7.57 -1.45 2.45
N LYS A 8 -6.74 -2.05 3.28
CA LYS A 8 -6.15 -1.37 4.40
C LYS A 8 -4.96 -0.61 3.87
N VAL A 9 -5.08 0.68 3.81
CA VAL A 9 -4.06 1.50 3.19
C VAL A 9 -3.40 2.41 4.22
N TYR A 10 -2.08 2.42 4.22
CA TYR A 10 -1.32 3.18 5.20
C TYR A 10 -0.53 4.31 4.56
N GLY A 11 -0.84 5.52 4.97
CA GLY A 11 -0.14 6.70 4.49
C GLY A 11 0.27 7.60 5.64
N GLY A 12 0.31 7.01 6.84
CA GLY A 12 0.66 7.75 8.05
C GLY A 12 2.04 8.34 8.02
N GLU A 13 2.91 7.79 7.20
CA GLU A 13 4.26 8.29 7.07
C GLU A 13 4.24 9.70 6.47
N ILE A 14 3.30 9.92 5.56
CA ILE A 14 3.16 11.21 4.92
C ILE A 14 2.19 12.08 5.72
N VAL A 15 1.04 11.50 6.04
CA VAL A 15 0.01 12.20 6.79
C VAL A 15 -0.26 11.48 8.13
N PRO A 16 0.46 11.88 9.19
CA PRO A 16 0.34 11.27 10.53
C PRO A 16 -1.07 11.35 11.13
N THR A 17 -1.82 12.38 10.80
CA THR A 17 -3.17 12.54 11.35
C THR A 17 -4.11 11.42 10.88
N ARG A 18 -3.78 10.79 9.76
CA ARG A 18 -4.57 9.66 9.26
C ARG A 18 -3.64 8.53 8.84
N PRO A 19 -3.15 7.74 9.81
CA PRO A 19 -2.20 6.65 9.54
C PRO A 19 -2.78 5.61 8.60
N TYR A 20 -3.99 5.17 8.89
CA TYR A 20 -4.64 4.16 8.07
C TYR A 20 -5.91 4.70 7.45
N VAL A 21 -6.12 4.34 6.23
CA VAL A 21 -7.30 4.73 5.50
C VAL A 21 -7.84 3.51 4.77
N SER A 22 -9.07 3.58 4.39
CA SER A 22 -9.71 2.48 3.71
C SER A 22 -10.16 2.91 2.34
N ILE A 23 -9.83 2.12 1.33
CA ILE A 23 -10.20 2.45 -0.03
C ILE A 23 -10.92 1.29 -0.68
N LEU A 24 -11.69 1.59 -1.70
CA LEU A 24 -12.38 0.57 -2.46
C LEU A 24 -11.62 0.31 -3.75
N ALA A 25 -11.03 -0.86 -3.83
CA ALA A 25 -10.24 -1.25 -4.99
C ALA A 25 -10.31 -2.74 -5.20
N GLU A 26 -10.28 -3.15 -6.44
CA GLU A 26 -10.33 -4.57 -6.77
C GLU A 26 -8.99 -5.02 -7.30
N ILE A 27 -8.81 -6.32 -7.36
CA ILE A 27 -7.56 -6.90 -7.83
C ILE A 27 -7.30 -6.57 -9.29
N ASN A 28 -8.36 -6.39 -10.04
CA ASN A 28 -8.26 -6.10 -11.47
C ASN A 28 -7.81 -4.66 -11.71
N GLU A 29 -7.70 -3.90 -10.63
CA GLU A 29 -7.30 -2.51 -10.71
C GLU A 29 -5.80 -2.41 -10.56
N ASN A 30 -5.20 -1.46 -11.26
CA ASN A 30 -3.75 -1.30 -11.18
C ASN A 30 -3.40 -0.46 -9.98
N ALA A 31 -2.12 -0.31 -9.72
CA ALA A 31 -1.64 0.45 -8.60
C ALA A 31 -2.10 1.91 -8.67
N ASP A 32 -2.37 2.40 -9.87
CA ASP A 32 -2.80 3.79 -10.04
C ASP A 32 -4.16 4.02 -9.39
N ARG A 33 -5.03 3.02 -9.49
CA ARG A 33 -6.34 3.10 -8.89
C ARG A 33 -6.22 3.09 -7.37
N ILE A 34 -5.42 2.17 -6.87
CA ILE A 34 -5.21 2.03 -5.45
C ILE A 34 -4.52 3.28 -4.89
N LEU A 35 -3.49 3.72 -5.60
CA LEU A 35 -2.74 4.90 -5.23
C LEU A 35 -3.62 6.12 -5.28
N GLY A 36 -4.38 6.26 -6.35
CA GLY A 36 -5.23 7.42 -6.51
C GLY A 36 -6.36 7.47 -5.51
N ALA A 37 -7.00 6.33 -5.27
CA ALA A 37 -8.13 6.25 -4.35
C ALA A 37 -7.75 6.68 -2.95
N ALA A 38 -6.56 6.30 -2.53
CA ALA A 38 -6.07 6.64 -1.22
C ALA A 38 -5.44 8.03 -1.22
N LEU A 39 -4.79 8.36 -2.31
CA LEU A 39 -4.11 9.65 -2.46
C LEU A 39 -5.17 10.76 -2.41
N GLU A 40 -6.33 10.48 -2.98
CA GLU A 40 -7.48 11.38 -2.93
C GLU A 40 -7.87 11.65 -1.50
N LYS A 41 -7.84 10.61 -0.68
CA LYS A 41 -8.21 10.70 0.69
C LYS A 41 -7.28 11.67 1.44
N TYR A 42 -5.99 11.62 1.11
CA TYR A 42 -5.01 12.49 1.75
C TYR A 42 -4.93 13.85 1.05
N GLY A 43 -5.68 14.01 -0.03
CA GLY A 43 -5.74 15.29 -0.73
C GLY A 43 -4.52 15.59 -1.60
N LEU A 44 -3.85 14.56 -2.07
CA LEU A 44 -2.68 14.74 -2.91
C LEU A 44 -2.90 14.12 -4.29
N GLU A 45 -4.16 13.83 -4.60
CA GLU A 45 -4.52 13.18 -5.86
C GLU A 45 -4.11 14.02 -7.07
N HIS A 46 -4.08 15.33 -6.88
CA HIS A 46 -3.71 16.27 -7.93
C HIS A 46 -2.27 16.01 -8.41
N SER A 47 -1.40 15.60 -7.49
CA SER A 47 -0.02 15.29 -7.80
C SER A 47 0.14 13.87 -8.37
N LYS A 48 0.34 12.89 -7.48
CA LYS A 48 0.47 11.44 -7.83
C LYS A 48 1.74 11.10 -8.64
N ASP A 49 2.25 12.04 -9.41
CA ASP A 49 3.40 11.80 -10.28
C ASP A 49 4.66 11.51 -9.48
N ASP A 50 4.67 11.92 -8.24
CA ASP A 50 5.82 11.69 -7.36
C ASP A 50 5.47 10.72 -6.22
N PHE A 51 4.41 9.96 -6.40
CA PHE A 51 3.99 9.00 -5.38
C PHE A 51 3.87 7.61 -5.94
N ILE A 52 4.23 6.61 -5.15
CA ILE A 52 4.14 5.21 -5.55
C ILE A 52 3.68 4.36 -4.37
N LEU A 53 3.36 3.11 -4.63
CA LEU A 53 2.89 2.21 -3.59
C LEU A 53 4.01 1.27 -3.18
N VAL A 54 4.04 0.91 -1.91
CA VAL A 54 5.05 -0.01 -1.41
C VAL A 54 4.41 -1.12 -0.59
N GLU A 55 4.86 -2.34 -0.81
CA GLU A 55 4.38 -3.47 -0.01
C GLU A 55 5.27 -3.71 1.18
N VAL A 56 4.66 -3.70 2.33
CA VAL A 56 5.36 -3.90 3.58
C VAL A 56 4.66 -4.99 4.37
N SER A 57 5.41 -5.94 4.87
CA SER A 57 4.83 -7.02 5.64
C SER A 57 5.10 -6.80 7.13
N ASN A 58 4.18 -6.17 7.80
CA ASN A 58 4.36 -5.97 9.22
C ASN A 58 3.61 -7.00 9.99
N ASP A 59 4.28 -8.11 10.25
CA ASP A 59 3.69 -9.22 10.98
C ASP A 59 3.51 -8.85 12.44
N ASP A 60 4.38 -7.95 12.92
CA ASP A 60 4.36 -7.49 14.31
C ASP A 60 4.63 -8.66 15.29
N ASP A 61 5.28 -9.70 14.77
CA ASP A 61 5.67 -10.86 15.57
C ASP A 61 7.14 -11.17 15.34
N ARG A 62 7.90 -10.16 14.92
CA ARG A 62 9.29 -10.35 14.57
C ARG A 62 9.96 -9.01 14.43
N LYS A 63 9.48 -8.22 13.52
CA LYS A 63 10.02 -6.90 13.31
C LYS A 63 9.42 -5.96 14.32
N SER A 64 8.57 -6.52 15.17
CA SER A 64 7.89 -5.81 16.23
C SER A 64 8.87 -5.44 17.32
N MET A 65 10.01 -6.14 17.33
CA MET A 65 11.05 -5.85 18.30
C MET A 65 11.58 -4.44 18.08
N SER A 66 11.41 -3.96 16.87
CA SER A 66 11.80 -2.64 16.48
C SER A 66 10.55 -1.83 16.10
N ASP A 67 9.49 -2.58 15.77
CA ASP A 67 8.20 -2.05 15.31
C ASP A 67 8.37 -1.47 13.90
N LEU A 68 7.29 -0.97 13.34
CA LEU A 68 7.35 -0.38 12.02
C LEU A 68 8.07 0.98 12.06
N ARG A 69 9.34 0.97 11.74
CA ARG A 69 10.14 2.18 11.70
C ARG A 69 10.41 2.60 10.28
N GLU A 70 10.13 3.87 9.99
CA GLU A 70 10.25 4.47 8.65
C GLU A 70 9.85 3.46 7.58
N ILE A 71 8.55 3.34 7.37
CA ILE A 71 8.01 2.33 6.49
C ILE A 71 8.67 2.30 5.10
N ASP A 72 9.18 1.14 4.76
CA ASP A 72 9.87 0.91 3.50
C ASP A 72 9.57 -0.48 2.98
N GLY A 73 9.27 -0.58 1.69
CA GLY A 73 8.96 -1.85 1.07
C GLY A 73 9.42 -1.88 -0.36
N ARG A 74 8.76 -2.68 -1.20
CA ARG A 74 9.14 -2.74 -2.60
C ARG A 74 8.42 -1.64 -3.38
N PRO A 75 9.16 -0.87 -4.17
CA PRO A 75 8.58 0.21 -4.98
C PRO A 75 7.68 -0.32 -6.09
N ILE A 76 6.42 0.03 -6.02
CA ILE A 76 5.44 -0.42 -6.97
C ILE A 76 4.81 0.79 -7.69
N PRO A 77 5.24 1.04 -8.93
CA PRO A 77 4.70 2.13 -9.76
C PRO A 77 3.20 1.94 -10.03
N PRO A 78 2.48 3.04 -10.33
CA PRO A 78 1.03 3.00 -10.55
C PRO A 78 0.61 2.17 -11.77
N THR A 79 1.56 1.86 -12.63
CA THR A 79 1.26 1.07 -13.81
C THR A 79 1.28 -0.44 -13.53
N GLU A 80 1.77 -0.82 -12.36
CA GLU A 80 1.85 -2.24 -12.00
C GLU A 80 0.58 -2.67 -11.24
N CYS A 81 0.30 -3.97 -11.24
CA CYS A 81 -0.85 -4.52 -10.54
C CYS A 81 -0.36 -5.45 -9.40
N PRO A 82 -0.05 -4.88 -8.22
CA PRO A 82 0.53 -5.65 -7.10
C PRO A 82 -0.42 -6.71 -6.53
N LEU A 83 -1.72 -6.50 -6.68
CA LEU A 83 -2.71 -7.42 -6.12
C LEU A 83 -2.62 -8.79 -6.75
N PHE A 84 -2.35 -8.85 -8.05
CA PHE A 84 -2.20 -10.12 -8.75
C PHE A 84 -0.97 -10.90 -8.25
N GLU A 85 -0.08 -10.22 -7.53
CA GLU A 85 1.07 -10.88 -6.93
C GLU A 85 0.75 -11.24 -5.47
N MET A 86 0.10 -10.30 -4.79
CA MET A 86 -0.29 -10.47 -3.37
C MET A 86 -1.26 -11.64 -3.21
N THR A 87 -2.24 -11.69 -4.08
CA THR A 87 -3.28 -12.71 -4.03
C THR A 87 -2.76 -14.06 -4.56
N ALA A 88 -1.73 -14.00 -5.39
CA ALA A 88 -1.17 -15.19 -6.00
C ALA A 88 -0.49 -16.10 -4.96
N ARG A 89 0.37 -15.53 -4.14
CA ARG A 89 1.06 -16.33 -3.13
C ARG A 89 0.18 -16.46 -1.89
N SER A 90 -0.36 -15.32 -1.43
CA SER A 90 -1.23 -15.26 -0.25
C SER A 90 -0.63 -16.03 0.95
N GLY A 91 0.55 -15.63 1.37
CA GLY A 91 1.19 -16.27 2.49
C GLY A 91 0.70 -15.74 3.83
N ASN A 92 1.61 -15.21 4.61
CA ASN A 92 1.28 -14.67 5.92
C ASN A 92 2.01 -13.36 6.18
N GLY A 93 1.29 -12.41 6.72
CA GLY A 93 1.86 -11.12 7.05
C GLY A 93 1.15 -10.52 8.22
N GLU A 94 0.58 -9.33 8.03
CA GLU A 94 -0.15 -8.68 9.09
C GLU A 94 -1.58 -9.21 9.12
N ASN A 95 -2.43 -8.65 8.27
CA ASN A 95 -3.80 -9.11 8.15
C ASN A 95 -4.21 -9.14 6.70
N GLY A 96 -3.24 -8.97 5.80
CA GLY A 96 -3.56 -8.98 4.40
C GLY A 96 -2.45 -9.55 3.56
N PHE A 97 -2.59 -10.83 3.21
CA PHE A 97 -1.63 -11.53 2.34
C PHE A 97 -0.22 -11.50 2.95
N ASP A 98 0.78 -11.68 2.08
CA ASP A 98 2.18 -11.67 2.51
C ASP A 98 2.57 -10.31 3.07
N SER A 99 2.15 -9.27 2.39
CA SER A 99 2.48 -7.91 2.74
C SER A 99 1.27 -7.02 2.55
N PHE A 100 1.28 -5.86 3.15
CA PHE A 100 0.20 -4.93 2.99
C PHE A 100 0.69 -3.78 2.12
N LEU A 101 -0.23 -3.07 1.53
CA LEU A 101 0.12 -2.06 0.57
C LEU A 101 -0.01 -0.65 1.17
N ALA A 102 1.07 0.12 1.10
CA ALA A 102 1.11 1.46 1.65
C ALA A 102 1.56 2.48 0.60
N ILE A 103 1.46 3.77 0.94
CA ILE A 103 1.84 4.84 0.03
C ILE A 103 3.12 5.53 0.49
N LYS A 104 4.07 5.67 -0.41
CA LYS A 104 5.29 6.38 -0.15
C LYS A 104 5.62 7.29 -1.32
N ARG A 105 6.56 8.17 -1.14
CA ARG A 105 6.91 9.08 -2.19
C ARG A 105 8.03 8.53 -3.04
N LYS A 106 7.90 8.74 -4.31
CA LYS A 106 8.90 8.33 -5.27
C LYS A 106 9.89 9.46 -5.48
N PRO A 107 11.21 9.15 -5.62
CA PRO A 107 12.25 10.16 -5.85
C PRO A 107 11.89 11.04 -7.04
N HIS A 108 11.33 10.41 -8.07
CA HIS A 108 10.84 11.08 -9.26
C HIS A 108 11.96 11.84 -9.97
N SER A 1 -8.27 -16.90 -4.30
CA SER A 1 -8.60 -16.45 -2.95
C SER A 1 -9.89 -15.66 -2.95
N MET A 2 -10.52 -15.56 -1.78
CA MET A 2 -11.79 -14.86 -1.64
C MET A 2 -11.62 -13.37 -1.90
N PHE A 3 -10.52 -12.80 -1.40
CA PHE A 3 -10.20 -11.38 -1.55
C PHE A 3 -11.16 -10.51 -0.71
N GLY A 4 -10.59 -9.72 0.20
CA GLY A 4 -11.40 -8.91 1.10
C GLY A 4 -12.24 -7.85 0.42
N GLY A 5 -11.66 -7.16 -0.54
CA GLY A 5 -12.38 -6.10 -1.24
C GLY A 5 -11.90 -4.73 -0.82
N SER A 6 -11.95 -4.47 0.47
CA SER A 6 -11.47 -3.21 0.99
C SER A 6 -10.03 -3.36 1.44
N LEU A 7 -9.22 -2.37 1.14
CA LEU A 7 -7.81 -2.44 1.44
C LEU A 7 -7.39 -1.58 2.61
N LYS A 8 -6.50 -2.13 3.40
CA LYS A 8 -5.90 -1.44 4.50
C LYS A 8 -4.76 -0.60 3.96
N VAL A 9 -5.00 0.67 3.82
CA VAL A 9 -4.04 1.56 3.21
C VAL A 9 -3.43 2.47 4.28
N TYR A 10 -2.12 2.38 4.42
CA TYR A 10 -1.40 3.15 5.42
C TYR A 10 -0.65 4.31 4.78
N GLY A 11 -0.94 5.51 5.26
CA GLY A 11 -0.30 6.69 4.74
C GLY A 11 0.33 7.52 5.83
N GLY A 12 0.53 6.90 6.99
CA GLY A 12 1.13 7.59 8.14
C GLY A 12 2.53 8.07 7.85
N GLU A 13 3.17 7.47 6.86
CA GLU A 13 4.50 7.85 6.44
C GLU A 13 4.47 9.29 5.91
N ILE A 14 3.38 9.63 5.25
CA ILE A 14 3.19 10.97 4.70
C ILE A 14 2.49 11.87 5.71
N VAL A 15 1.38 11.37 6.28
CA VAL A 15 0.59 12.15 7.23
C VAL A 15 0.44 11.46 8.57
N PRO A 16 1.12 11.96 9.60
CA PRO A 16 1.00 11.43 10.97
C PRO A 16 -0.42 11.65 11.52
N THR A 17 -1.13 12.62 10.93
CA THR A 17 -2.48 12.95 11.36
C THR A 17 -3.51 11.95 10.79
N ARG A 18 -3.10 11.16 9.79
CA ARG A 18 -3.99 10.16 9.20
C ARG A 18 -3.19 8.92 8.79
N PRO A 19 -2.72 8.16 9.79
CA PRO A 19 -1.92 6.95 9.55
C PRO A 19 -2.63 5.91 8.67
N TYR A 20 -3.89 5.66 8.96
CA TYR A 20 -4.62 4.61 8.25
C TYR A 20 -5.86 5.12 7.56
N VAL A 21 -6.10 4.60 6.37
CA VAL A 21 -7.28 4.88 5.61
C VAL A 21 -7.75 3.57 4.97
N SER A 22 -8.93 3.55 4.44
CA SER A 22 -9.47 2.36 3.84
C SER A 22 -10.05 2.69 2.47
N ILE A 23 -9.72 1.88 1.48
CA ILE A 23 -10.19 2.13 0.12
C ILE A 23 -10.82 0.87 -0.47
N LEU A 24 -11.58 1.03 -1.53
CA LEU A 24 -12.21 -0.10 -2.20
C LEU A 24 -11.56 -0.30 -3.57
N ALA A 25 -11.00 -1.47 -3.79
CA ALA A 25 -10.34 -1.77 -5.05
C ALA A 25 -10.49 -3.24 -5.36
N GLU A 26 -10.64 -3.56 -6.63
CA GLU A 26 -10.71 -4.94 -7.05
C GLU A 26 -9.33 -5.42 -7.38
N ILE A 27 -9.13 -6.73 -7.41
CA ILE A 27 -7.82 -7.27 -7.69
C ILE A 27 -7.33 -6.88 -9.09
N ASN A 28 -8.27 -6.67 -10.00
CA ASN A 28 -7.94 -6.28 -11.36
C ASN A 28 -7.39 -4.85 -11.40
N GLU A 29 -7.72 -4.04 -10.39
CA GLU A 29 -7.25 -2.67 -10.34
C GLU A 29 -5.75 -2.62 -10.20
N ASN A 30 -5.15 -1.71 -10.92
CA ASN A 30 -3.72 -1.55 -10.91
C ASN A 30 -3.32 -0.56 -9.82
N ALA A 31 -2.02 -0.40 -9.65
CA ALA A 31 -1.50 0.48 -8.63
C ALA A 31 -1.95 1.92 -8.86
N ASP A 32 -2.09 2.31 -10.12
CA ASP A 32 -2.53 3.67 -10.46
C ASP A 32 -3.90 3.98 -9.86
N ARG A 33 -4.84 3.09 -10.08
CA ARG A 33 -6.20 3.32 -9.60
C ARG A 33 -6.25 3.25 -8.08
N ILE A 34 -5.53 2.29 -7.51
CA ILE A 34 -5.47 2.13 -6.07
C ILE A 34 -4.80 3.35 -5.43
N LEU A 35 -3.69 3.79 -6.04
CA LEU A 35 -2.95 4.96 -5.57
C LEU A 35 -3.83 6.19 -5.65
N GLY A 36 -4.54 6.32 -6.76
CA GLY A 36 -5.41 7.45 -6.95
C GLY A 36 -6.53 7.49 -5.94
N ALA A 37 -7.11 6.33 -5.65
CA ALA A 37 -8.21 6.23 -4.69
C ALA A 37 -7.76 6.67 -3.30
N ALA A 38 -6.65 6.12 -2.85
CA ALA A 38 -6.12 6.44 -1.53
C ALA A 38 -5.60 7.86 -1.45
N LEU A 39 -4.88 8.27 -2.47
CA LEU A 39 -4.28 9.60 -2.51
C LEU A 39 -5.37 10.68 -2.55
N GLU A 40 -6.50 10.35 -3.17
CA GLU A 40 -7.65 11.24 -3.24
C GLU A 40 -8.16 11.55 -1.84
N LYS A 41 -8.14 10.54 -0.97
CA LYS A 41 -8.58 10.70 0.41
C LYS A 41 -7.70 11.68 1.14
N TYR A 42 -6.42 11.67 0.84
CA TYR A 42 -5.48 12.58 1.46
C TYR A 42 -5.52 13.96 0.81
N GLY A 43 -6.18 14.05 -0.34
CA GLY A 43 -6.29 15.31 -1.06
C GLY A 43 -5.01 15.68 -1.78
N LEU A 44 -4.18 14.68 -2.03
CA LEU A 44 -2.91 14.89 -2.70
C LEU A 44 -2.95 14.33 -4.12
N GLU A 45 -4.15 14.01 -4.58
CA GLU A 45 -4.34 13.40 -5.90
C GLU A 45 -3.81 14.29 -7.03
N HIS A 46 -3.74 15.60 -6.76
CA HIS A 46 -3.23 16.55 -7.74
C HIS A 46 -1.75 16.29 -8.03
N SER A 47 -1.05 15.83 -7.01
CA SER A 47 0.34 15.51 -7.13
C SER A 47 0.53 14.15 -7.80
N LYS A 48 0.56 13.09 -6.98
CA LYS A 48 0.62 11.68 -7.43
C LYS A 48 1.94 11.28 -8.10
N ASP A 49 2.50 12.16 -8.92
CA ASP A 49 3.72 11.85 -9.66
C ASP A 49 4.89 11.65 -8.75
N ASP A 50 4.78 12.16 -7.54
CA ASP A 50 5.84 12.05 -6.57
C ASP A 50 5.53 10.98 -5.51
N PHE A 51 4.50 10.16 -5.75
CA PHE A 51 4.15 9.08 -4.83
C PHE A 51 3.94 7.76 -5.58
N ILE A 52 4.28 6.66 -4.93
CA ILE A 52 4.06 5.32 -5.49
C ILE A 52 3.55 4.40 -4.38
N LEU A 53 3.12 3.21 -4.74
CA LEU A 53 2.61 2.27 -3.75
C LEU A 53 3.66 1.25 -3.42
N VAL A 54 3.73 0.87 -2.16
CA VAL A 54 4.69 -0.10 -1.73
C VAL A 54 4.01 -1.25 -1.01
N GLU A 55 4.36 -2.45 -1.37
CA GLU A 55 3.83 -3.61 -0.71
C GLU A 55 4.67 -3.94 0.49
N VAL A 56 4.04 -4.11 1.62
CA VAL A 56 4.74 -4.38 2.84
C VAL A 56 4.17 -5.62 3.52
N SER A 57 4.99 -6.65 3.66
CA SER A 57 4.61 -7.92 4.28
C SER A 57 4.61 -7.80 5.80
N ASN A 58 4.95 -6.61 6.28
CA ASN A 58 4.99 -6.33 7.70
C ASN A 58 3.60 -5.95 8.18
N ASP A 59 2.70 -6.92 8.07
CA ASP A 59 1.26 -6.75 8.38
C ASP A 59 0.97 -5.88 9.61
N ASP A 60 1.61 -6.19 10.72
CA ASP A 60 1.39 -5.44 11.95
C ASP A 60 2.62 -5.47 12.85
N ASP A 61 2.42 -5.17 14.14
CA ASP A 61 3.52 -5.10 15.11
C ASP A 61 4.25 -6.43 15.24
N ARG A 62 3.60 -7.53 14.86
CA ARG A 62 4.24 -8.84 14.91
C ARG A 62 5.49 -8.86 14.05
N LYS A 63 5.48 -8.06 12.98
CA LYS A 63 6.61 -8.00 12.08
C LYS A 63 7.04 -6.55 11.84
N SER A 64 6.57 -5.65 12.66
CA SER A 64 6.91 -4.27 12.55
C SER A 64 7.62 -3.80 13.80
N MET A 65 7.16 -4.29 14.96
CA MET A 65 7.71 -3.91 16.28
C MET A 65 7.71 -2.40 16.43
N SER A 66 6.81 -1.76 15.71
CA SER A 66 6.71 -0.33 15.71
C SER A 66 5.27 0.11 15.48
N ASP A 67 4.35 -0.89 15.38
CA ASP A 67 2.93 -0.64 15.09
C ASP A 67 2.78 0.07 13.75
N LEU A 68 3.66 -0.29 12.81
CA LEU A 68 3.73 0.33 11.47
C LEU A 68 4.12 1.80 11.56
N ARG A 69 5.40 2.06 11.38
CA ARG A 69 5.90 3.41 11.43
C ARG A 69 6.92 3.63 10.32
N GLU A 70 8.00 2.86 10.36
CA GLU A 70 9.04 2.95 9.34
C GLU A 70 8.78 1.95 8.24
N ILE A 71 8.58 2.43 7.03
CA ILE A 71 8.32 1.56 5.91
C ILE A 71 9.26 1.79 4.75
N ASP A 72 9.88 0.73 4.29
CA ASP A 72 10.69 0.75 3.10
C ASP A 72 9.83 0.26 1.95
N GLY A 73 9.27 -0.93 2.16
CA GLY A 73 8.32 -1.53 1.22
C GLY A 73 8.93 -1.90 -0.11
N ARG A 74 8.10 -2.40 -0.99
CA ARG A 74 8.52 -2.75 -2.32
C ARG A 74 7.88 -1.80 -3.31
N PRO A 75 8.70 -0.95 -3.97
CA PRO A 75 8.21 0.06 -4.92
C PRO A 75 7.42 -0.55 -6.07
N ILE A 76 6.16 -0.17 -6.13
CA ILE A 76 5.24 -0.63 -7.16
C ILE A 76 4.67 0.56 -7.92
N PRO A 77 5.17 0.82 -9.13
CA PRO A 77 4.66 1.89 -9.99
C PRO A 77 3.19 1.69 -10.36
N PRO A 78 2.48 2.79 -10.68
CA PRO A 78 1.04 2.79 -10.98
C PRO A 78 0.64 1.81 -12.09
N THR A 79 1.51 1.63 -13.05
CA THR A 79 1.24 0.78 -14.20
C THR A 79 1.09 -0.72 -13.84
N GLU A 80 1.68 -1.13 -12.74
CA GLU A 80 1.64 -2.55 -12.36
C GLU A 80 0.39 -2.87 -11.50
N CYS A 81 -0.03 -4.14 -11.52
CA CYS A 81 -1.17 -4.60 -10.73
C CYS A 81 -0.67 -5.44 -9.54
N PRO A 82 -0.49 -4.79 -8.37
CA PRO A 82 0.12 -5.43 -7.20
C PRO A 82 -0.75 -6.51 -6.53
N LEU A 83 -2.06 -6.39 -6.63
CA LEU A 83 -2.97 -7.30 -5.91
C LEU A 83 -2.81 -8.77 -6.31
N PHE A 84 -2.59 -9.02 -7.57
CA PHE A 84 -2.39 -10.37 -8.07
C PHE A 84 -1.17 -11.00 -7.40
N GLU A 85 -0.15 -10.22 -7.21
CA GLU A 85 1.04 -10.69 -6.57
C GLU A 85 0.93 -10.63 -5.05
N MET A 86 0.20 -9.64 -4.54
CA MET A 86 0.00 -9.49 -3.10
C MET A 86 -0.74 -10.67 -2.51
N THR A 87 -1.71 -11.14 -3.21
CA THR A 87 -2.53 -12.22 -2.73
C THR A 87 -1.79 -13.57 -2.74
N ALA A 88 -1.05 -13.83 -3.80
CA ALA A 88 -0.37 -15.11 -3.96
C ALA A 88 1.10 -15.09 -3.52
N ARG A 89 1.89 -14.23 -4.18
CA ARG A 89 3.33 -14.18 -3.96
C ARG A 89 3.68 -13.60 -2.59
N SER A 90 2.98 -12.54 -2.22
CA SER A 90 3.22 -11.83 -0.98
C SER A 90 2.80 -12.65 0.25
N GLY A 91 3.18 -12.16 1.41
CA GLY A 91 2.83 -12.83 2.64
C GLY A 91 4.04 -13.35 3.39
N ASN A 92 4.65 -12.48 4.18
CA ASN A 92 5.82 -12.88 4.97
C ASN A 92 5.39 -13.72 6.17
N GLY A 93 4.12 -13.63 6.53
CA GLY A 93 3.61 -14.38 7.64
C GLY A 93 3.21 -15.78 7.23
N GLU A 94 2.04 -15.91 6.63
CA GLU A 94 1.55 -17.20 6.19
C GLU A 94 1.44 -17.26 4.70
N ASN A 95 2.19 -16.41 4.01
CA ASN A 95 2.16 -16.33 2.55
C ASN A 95 0.76 -15.96 2.09
N GLY A 96 0.27 -14.84 2.60
CA GLY A 96 -1.05 -14.41 2.26
C GLY A 96 -1.17 -12.92 2.28
N PHE A 97 -2.25 -12.41 2.83
CA PHE A 97 -2.44 -10.98 2.90
C PHE A 97 -1.73 -10.38 4.10
N ASP A 98 -0.61 -10.98 4.46
CA ASP A 98 0.26 -10.44 5.51
C ASP A 98 0.89 -9.18 4.97
N SER A 99 0.76 -9.03 3.67
CA SER A 99 1.27 -7.91 2.99
C SER A 99 0.17 -6.90 2.77
N PHE A 100 0.46 -5.69 3.12
CA PHE A 100 -0.45 -4.61 2.94
C PHE A 100 0.14 -3.65 1.93
N LEU A 101 -0.66 -2.72 1.49
CA LEU A 101 -0.21 -1.79 0.50
C LEU A 101 -0.26 -0.37 1.04
N ALA A 102 0.86 0.30 1.04
CA ALA A 102 0.96 1.64 1.58
C ALA A 102 1.46 2.61 0.54
N ILE A 103 1.35 3.90 0.83
CA ILE A 103 1.80 4.92 -0.08
C ILE A 103 3.14 5.48 0.39
N LYS A 104 4.12 5.47 -0.48
CA LYS A 104 5.42 5.99 -0.16
C LYS A 104 5.81 7.11 -1.07
N ARG A 105 6.70 7.91 -0.57
CA ARG A 105 7.21 9.06 -1.27
C ARG A 105 8.35 8.61 -2.17
N LYS A 106 8.15 8.66 -3.47
CA LYS A 106 9.18 8.21 -4.40
C LYS A 106 10.31 9.25 -4.49
N PRO A 107 11.53 8.81 -4.86
CA PRO A 107 12.68 9.71 -5.05
C PRO A 107 12.38 10.79 -6.09
N HIS A 108 11.51 10.46 -7.04
CA HIS A 108 11.07 11.36 -8.11
C HIS A 108 12.15 11.49 -9.18
N SER A 1 -15.08 -14.08 -1.05
CA SER A 1 -14.08 -14.78 -0.23
C SER A 1 -12.67 -14.40 -0.65
N MET A 2 -11.71 -14.58 0.27
CA MET A 2 -10.30 -14.25 0.05
C MET A 2 -10.05 -12.76 -0.11
N PHE A 3 -10.52 -12.19 -1.20
CA PHE A 3 -10.33 -10.79 -1.47
C PHE A 3 -11.41 -9.98 -0.75
N GLY A 4 -10.98 -9.12 0.17
CA GLY A 4 -11.91 -8.32 0.96
C GLY A 4 -12.71 -7.33 0.15
N GLY A 5 -12.10 -6.77 -0.87
CA GLY A 5 -12.77 -5.78 -1.69
C GLY A 5 -12.39 -4.38 -1.27
N SER A 6 -11.73 -4.29 -0.14
CA SER A 6 -11.27 -3.04 0.38
C SER A 6 -9.84 -3.20 0.86
N LEU A 7 -9.09 -2.12 0.83
CA LEU A 7 -7.70 -2.16 1.23
C LEU A 7 -7.44 -1.17 2.34
N LYS A 8 -6.70 -1.62 3.35
CA LYS A 8 -6.25 -0.72 4.38
C LYS A 8 -4.94 -0.10 3.91
N VAL A 9 -5.05 1.09 3.43
CA VAL A 9 -3.96 1.77 2.81
C VAL A 9 -3.26 2.67 3.81
N TYR A 10 -1.97 2.44 3.98
CA TYR A 10 -1.19 3.17 4.96
C TYR A 10 -0.53 4.41 4.36
N GLY A 11 -0.86 5.54 4.92
CA GLY A 11 -0.29 6.79 4.51
C GLY A 11 0.16 7.58 5.72
N GLY A 12 0.42 6.85 6.80
CA GLY A 12 0.83 7.47 8.06
C GLY A 12 2.13 8.24 7.96
N GLU A 13 2.97 7.84 7.02
CA GLU A 13 4.22 8.53 6.82
C GLU A 13 3.95 9.96 6.36
N ILE A 14 3.05 10.10 5.40
CA ILE A 14 2.64 11.40 4.87
C ILE A 14 1.71 12.13 5.84
N VAL A 15 0.67 11.42 6.27
CA VAL A 15 -0.34 11.98 7.16
C VAL A 15 -0.37 11.21 8.49
N PRO A 16 0.30 11.74 9.53
CA PRO A 16 0.40 11.06 10.83
C PRO A 16 -0.93 10.98 11.57
N THR A 17 -1.85 11.86 11.23
CA THR A 17 -3.14 11.90 11.90
C THR A 17 -4.12 10.89 11.29
N ARG A 18 -3.72 10.26 10.19
CA ARG A 18 -4.54 9.25 9.53
C ARG A 18 -3.63 8.19 8.89
N PRO A 19 -3.15 7.23 9.71
CA PRO A 19 -2.24 6.18 9.24
C PRO A 19 -2.85 5.25 8.19
N TYR A 20 -4.04 4.74 8.45
CA TYR A 20 -4.69 3.82 7.52
C TYR A 20 -6.02 4.36 7.05
N VAL A 21 -6.27 4.20 5.77
CA VAL A 21 -7.53 4.56 5.17
C VAL A 21 -8.05 3.37 4.40
N SER A 22 -9.32 3.21 4.41
CA SER A 22 -9.93 2.10 3.72
C SER A 22 -10.43 2.54 2.35
N ILE A 23 -9.85 1.96 1.32
CA ILE A 23 -10.21 2.33 -0.03
C ILE A 23 -10.80 1.13 -0.75
N LEU A 24 -11.56 1.38 -1.80
CA LEU A 24 -12.13 0.32 -2.58
C LEU A 24 -11.33 0.13 -3.86
N ALA A 25 -10.84 -1.07 -4.06
CA ALA A 25 -10.05 -1.38 -5.23
C ALA A 25 -10.21 -2.84 -5.57
N GLU A 26 -10.21 -3.16 -6.85
CA GLU A 26 -10.32 -4.53 -7.28
C GLU A 26 -8.99 -5.05 -7.73
N ILE A 27 -8.86 -6.36 -7.72
CA ILE A 27 -7.63 -7.01 -8.11
C ILE A 27 -7.30 -6.77 -9.57
N ASN A 28 -8.34 -6.55 -10.37
CA ASN A 28 -8.17 -6.36 -11.81
C ASN A 28 -7.81 -4.90 -12.11
N GLU A 29 -7.51 -4.13 -11.08
CA GLU A 29 -7.16 -2.74 -11.24
C GLU A 29 -5.68 -2.55 -10.92
N ASN A 30 -5.01 -1.63 -11.60
CA ASN A 30 -3.59 -1.41 -11.39
C ASN A 30 -3.32 -0.66 -10.11
N ALA A 31 -2.05 -0.51 -9.78
CA ALA A 31 -1.62 0.21 -8.61
C ALA A 31 -2.06 1.66 -8.67
N ASP A 32 -2.23 2.18 -9.89
CA ASP A 32 -2.64 3.57 -10.06
C ASP A 32 -4.01 3.81 -9.49
N ARG A 33 -4.89 2.83 -9.62
CA ARG A 33 -6.22 2.93 -9.10
C ARG A 33 -6.17 2.96 -7.58
N ILE A 34 -5.35 2.10 -7.02
CA ILE A 34 -5.16 2.03 -5.58
C ILE A 34 -4.53 3.32 -5.07
N LEU A 35 -3.50 3.77 -5.76
CA LEU A 35 -2.77 4.98 -5.40
C LEU A 35 -3.66 6.21 -5.50
N GLY A 36 -4.39 6.30 -6.60
CA GLY A 36 -5.23 7.46 -6.83
C GLY A 36 -6.38 7.55 -5.87
N ALA A 37 -7.03 6.43 -5.59
CA ALA A 37 -8.16 6.40 -4.67
C ALA A 37 -7.76 6.83 -3.28
N ALA A 38 -6.68 6.26 -2.79
CA ALA A 38 -6.19 6.58 -1.46
C ALA A 38 -5.65 7.99 -1.39
N LEU A 39 -4.95 8.39 -2.42
CA LEU A 39 -4.35 9.71 -2.50
C LEU A 39 -5.45 10.78 -2.50
N GLU A 40 -6.56 10.45 -3.16
CA GLU A 40 -7.74 11.31 -3.22
C GLU A 40 -8.30 11.56 -1.81
N LYS A 41 -8.24 10.53 -0.97
CA LYS A 41 -8.74 10.61 0.41
C LYS A 41 -7.99 11.67 1.21
N TYR A 42 -6.70 11.79 0.97
CA TYR A 42 -5.90 12.75 1.69
C TYR A 42 -5.85 14.10 0.96
N GLY A 43 -6.53 14.17 -0.18
CA GLY A 43 -6.58 15.41 -0.95
C GLY A 43 -5.27 15.72 -1.65
N LEU A 44 -4.50 14.70 -1.94
CA LEU A 44 -3.21 14.87 -2.59
C LEU A 44 -3.21 14.28 -3.99
N GLU A 45 -4.40 14.08 -4.54
CA GLU A 45 -4.59 13.44 -5.85
C GLU A 45 -3.72 14.10 -6.94
N HIS A 46 -3.62 15.41 -6.89
CA HIS A 46 -2.86 16.16 -7.89
C HIS A 46 -1.34 15.97 -7.72
N SER A 47 -0.93 15.59 -6.52
CA SER A 47 0.49 15.40 -6.21
C SER A 47 0.92 13.95 -6.43
N LYS A 48 0.15 13.22 -7.23
CA LYS A 48 0.39 11.79 -7.48
C LYS A 48 1.77 11.54 -8.09
N ASP A 49 2.21 12.48 -8.89
CA ASP A 49 3.48 12.39 -9.62
C ASP A 49 4.69 12.30 -8.67
N ASP A 50 4.46 12.48 -7.38
CA ASP A 50 5.53 12.44 -6.39
C ASP A 50 5.49 11.14 -5.55
N PHE A 51 4.45 10.33 -5.72
CA PHE A 51 4.28 9.15 -4.85
C PHE A 51 4.08 7.85 -5.63
N ILE A 52 4.44 6.75 -4.99
CA ILE A 52 4.24 5.39 -5.51
C ILE A 52 3.76 4.49 -4.37
N LEU A 53 3.45 3.25 -4.67
CA LEU A 53 2.99 2.34 -3.64
C LEU A 53 4.11 1.41 -3.21
N VAL A 54 4.15 1.10 -1.94
CA VAL A 54 5.14 0.18 -1.41
C VAL A 54 4.46 -0.93 -0.61
N GLU A 55 4.81 -2.16 -0.89
CA GLU A 55 4.26 -3.28 -0.15
C GLU A 55 5.18 -3.57 1.03
N VAL A 56 4.62 -3.50 2.23
CA VAL A 56 5.42 -3.65 3.44
C VAL A 56 4.93 -4.81 4.29
N SER A 57 5.88 -5.58 4.79
CA SER A 57 5.60 -6.70 5.65
C SER A 57 5.05 -6.22 7.00
N ASN A 58 4.13 -6.98 7.56
CA ASN A 58 3.53 -6.63 8.85
C ASN A 58 4.57 -6.76 9.98
N ASP A 59 5.59 -7.58 9.75
CA ASP A 59 6.64 -7.82 10.74
C ASP A 59 7.58 -6.60 10.84
N ASP A 60 7.08 -5.56 11.52
CA ASP A 60 7.80 -4.29 11.77
C ASP A 60 8.57 -3.81 10.55
N ASP A 61 7.82 -3.37 9.55
CA ASP A 61 8.36 -2.88 8.29
C ASP A 61 8.89 -4.02 7.46
N ARG A 62 9.97 -4.60 7.89
CA ARG A 62 10.55 -5.66 7.15
C ARG A 62 11.63 -6.39 7.91
N LYS A 63 11.23 -7.45 8.58
CA LYS A 63 12.17 -8.44 9.15
C LYS A 63 13.10 -7.85 10.21
N SER A 64 12.85 -6.65 10.64
CA SER A 64 13.74 -6.02 11.55
C SER A 64 12.97 -5.25 12.59
N MET A 65 13.67 -4.69 13.54
CA MET A 65 13.06 -3.89 14.57
C MET A 65 13.05 -2.42 14.10
N SER A 66 13.18 -2.25 12.79
CA SER A 66 13.16 -0.95 12.17
C SER A 66 11.83 -0.26 12.42
N ASP A 67 10.77 -1.07 12.51
CA ASP A 67 9.42 -0.60 12.79
C ASP A 67 8.90 0.24 11.62
N LEU A 68 7.78 0.88 11.81
CA LEU A 68 7.15 1.67 10.75
C LEU A 68 7.87 3.00 10.53
N ARG A 69 8.85 3.30 11.38
CA ARG A 69 9.63 4.51 11.23
C ARG A 69 10.56 4.38 10.03
N GLU A 70 10.54 5.37 9.16
CA GLU A 70 11.34 5.36 7.94
C GLU A 70 10.99 4.11 7.10
N ILE A 71 9.71 3.77 7.12
CA ILE A 71 9.15 2.61 6.43
C ILE A 71 9.48 2.59 4.94
N ASP A 72 9.73 1.40 4.40
CA ASP A 72 9.97 1.23 2.97
C ASP A 72 9.75 -0.23 2.56
N GLY A 73 9.17 -0.42 1.40
CA GLY A 73 8.93 -1.75 0.89
C GLY A 73 9.41 -1.87 -0.54
N ARG A 74 8.78 -2.74 -1.31
CA ARG A 74 9.15 -2.87 -2.70
C ARG A 74 8.44 -1.80 -3.51
N PRO A 75 9.18 -1.04 -4.34
CA PRO A 75 8.60 0.01 -5.17
C PRO A 75 7.60 -0.54 -6.17
N ILE A 76 6.37 -0.09 -6.05
CA ILE A 76 5.31 -0.53 -6.92
C ILE A 76 4.73 0.66 -7.66
N PRO A 77 5.13 0.83 -8.92
CA PRO A 77 4.62 1.90 -9.77
C PRO A 77 3.14 1.69 -10.10
N PRO A 78 2.43 2.78 -10.42
CA PRO A 78 0.98 2.75 -10.71
C PRO A 78 0.61 1.74 -11.82
N THR A 79 1.50 1.57 -12.76
CA THR A 79 1.27 0.68 -13.89
C THR A 79 1.09 -0.79 -13.46
N GLU A 80 1.91 -1.24 -12.51
CA GLU A 80 1.87 -2.64 -12.06
C GLU A 80 0.54 -2.99 -11.37
N CYS A 81 0.13 -4.25 -11.49
CA CYS A 81 -1.07 -4.75 -10.81
C CYS A 81 -0.61 -5.62 -9.62
N PRO A 82 -0.35 -5.00 -8.45
CA PRO A 82 0.22 -5.71 -7.30
C PRO A 82 -0.73 -6.70 -6.64
N LEU A 83 -2.04 -6.48 -6.80
CA LEU A 83 -3.04 -7.32 -6.14
C LEU A 83 -2.97 -8.75 -6.61
N PHE A 84 -2.72 -8.95 -7.90
CA PHE A 84 -2.63 -10.30 -8.43
C PHE A 84 -1.55 -11.09 -7.74
N GLU A 85 -0.38 -10.50 -7.56
CA GLU A 85 0.71 -11.18 -6.88
C GLU A 85 0.39 -11.37 -5.40
N MET A 86 -0.22 -10.35 -4.79
CA MET A 86 -0.56 -10.41 -3.37
C MET A 86 -1.59 -11.50 -3.07
N THR A 87 -2.61 -11.60 -3.92
CA THR A 87 -3.69 -12.55 -3.72
C THR A 87 -3.33 -13.95 -4.26
N ALA A 88 -2.41 -14.01 -5.21
CA ALA A 88 -2.01 -15.28 -5.82
C ALA A 88 -1.40 -16.21 -4.80
N ARG A 89 -0.57 -15.67 -3.91
CA ARG A 89 0.06 -16.50 -2.91
C ARG A 89 -0.61 -16.30 -1.55
N SER A 90 -0.67 -15.04 -1.09
CA SER A 90 -1.32 -14.67 0.18
C SER A 90 -0.71 -15.39 1.42
N GLY A 91 -1.06 -14.89 2.61
CA GLY A 91 -0.58 -15.46 3.86
C GLY A 91 0.83 -15.03 4.19
N ASN A 92 1.20 -15.12 5.48
CA ASN A 92 2.54 -14.74 5.98
C ASN A 92 2.74 -13.21 5.87
N GLY A 93 3.04 -12.56 7.00
CA GLY A 93 3.20 -11.10 7.02
C GLY A 93 4.44 -10.62 6.29
N GLU A 94 4.48 -10.90 5.00
CA GLU A 94 5.59 -10.53 4.13
C GLU A 94 5.21 -10.91 2.70
N ASN A 95 4.27 -11.84 2.58
CA ASN A 95 3.89 -12.39 1.30
C ASN A 95 2.61 -11.77 0.75
N GLY A 96 2.72 -10.54 0.30
CA GLY A 96 1.64 -9.88 -0.39
C GLY A 96 0.40 -9.59 0.45
N PHE A 97 -0.58 -10.48 0.35
CA PHE A 97 -1.92 -10.25 0.91
C PHE A 97 -1.91 -10.06 2.43
N ASP A 98 -1.14 -10.87 3.14
CA ASP A 98 -1.06 -10.76 4.60
C ASP A 98 -0.29 -9.50 4.99
N SER A 99 0.30 -8.86 4.01
CA SER A 99 1.04 -7.64 4.21
C SER A 99 0.14 -6.46 3.88
N PHE A 100 0.64 -5.25 4.00
CA PHE A 100 -0.17 -4.11 3.68
C PHE A 100 0.52 -3.28 2.63
N LEU A 101 -0.26 -2.48 1.94
CA LEU A 101 0.25 -1.64 0.90
C LEU A 101 0.16 -0.19 1.32
N ALA A 102 1.27 0.52 1.23
CA ALA A 102 1.34 1.88 1.69
C ALA A 102 1.73 2.84 0.59
N ILE A 103 1.55 4.12 0.86
CA ILE A 103 1.91 5.16 -0.08
C ILE A 103 3.15 5.89 0.41
N LYS A 104 4.17 5.90 -0.42
CA LYS A 104 5.39 6.59 -0.12
C LYS A 104 5.83 7.42 -1.27
N ARG A 105 6.77 8.28 -1.03
CA ARG A 105 7.28 9.10 -2.10
C ARG A 105 8.18 8.26 -2.99
N LYS A 106 8.10 8.50 -4.28
CA LYS A 106 8.97 7.81 -5.23
C LYS A 106 10.44 8.13 -4.92
N PRO A 107 11.39 7.30 -5.42
CA PRO A 107 12.81 7.52 -5.19
C PRO A 107 13.27 8.88 -5.65
N HIS A 108 14.19 9.42 -4.92
CA HIS A 108 14.69 10.76 -5.18
C HIS A 108 16.21 10.79 -5.07
N SER A 1 -11.50 -15.19 -2.20
CA SER A 1 -12.02 -15.72 -0.92
C SER A 1 -11.77 -14.75 0.23
N MET A 2 -10.50 -14.59 0.61
CA MET A 2 -10.13 -13.71 1.74
C MET A 2 -9.68 -12.33 1.26
N PHE A 3 -9.95 -12.04 -0.01
CA PHE A 3 -9.57 -10.75 -0.59
C PHE A 3 -10.29 -9.60 0.11
N GLY A 4 -11.59 -9.76 0.33
CA GLY A 4 -12.37 -8.75 1.03
C GLY A 4 -12.92 -7.68 0.10
N GLY A 5 -12.03 -6.97 -0.57
CA GLY A 5 -12.44 -5.91 -1.48
C GLY A 5 -11.94 -4.55 -1.04
N SER A 6 -11.71 -4.40 0.25
CA SER A 6 -11.19 -3.15 0.78
C SER A 6 -9.75 -3.35 1.25
N LEU A 7 -8.96 -2.31 1.10
CA LEU A 7 -7.57 -2.38 1.48
C LEU A 7 -7.24 -1.48 2.63
N LYS A 8 -6.50 -2.01 3.57
CA LYS A 8 -6.00 -1.27 4.69
C LYS A 8 -4.76 -0.53 4.23
N VAL A 9 -4.91 0.73 3.95
CA VAL A 9 -3.87 1.52 3.34
C VAL A 9 -3.18 2.41 4.36
N TYR A 10 -1.88 2.22 4.51
CA TYR A 10 -1.10 2.99 5.45
C TYR A 10 -0.51 4.23 4.79
N GLY A 11 -1.12 5.37 5.10
CA GLY A 11 -0.67 6.63 4.55
C GLY A 11 -0.09 7.53 5.60
N GLY A 12 0.24 6.95 6.77
CA GLY A 12 0.80 7.72 7.87
C GLY A 12 2.11 8.39 7.49
N GLU A 13 2.77 7.84 6.48
CA GLU A 13 4.00 8.40 5.98
C GLU A 13 3.75 9.76 5.35
N ILE A 14 2.60 9.89 4.70
CA ILE A 14 2.21 11.14 4.05
C ILE A 14 1.53 12.05 5.07
N VAL A 15 0.56 11.51 5.78
CA VAL A 15 -0.19 12.25 6.77
C VAL A 15 -0.21 11.49 8.11
N PRO A 16 0.58 11.95 9.08
CA PRO A 16 0.66 11.35 10.43
C PRO A 16 -0.67 11.26 11.10
N THR A 17 -1.44 12.26 10.85
CA THR A 17 -2.72 12.43 11.43
C THR A 17 -3.68 11.29 11.00
N ARG A 18 -3.43 10.72 9.83
CA ARG A 18 -4.23 9.62 9.32
C ARG A 18 -3.32 8.44 8.97
N PRO A 19 -2.88 7.67 9.98
CA PRO A 19 -1.96 6.53 9.76
C PRO A 19 -2.52 5.50 8.79
N TYR A 20 -3.78 5.17 8.94
CA TYR A 20 -4.42 4.20 8.09
C TYR A 20 -5.71 4.72 7.50
N VAL A 21 -5.91 4.41 6.24
CA VAL A 21 -7.11 4.78 5.53
C VAL A 21 -7.63 3.56 4.80
N SER A 22 -8.86 3.57 4.42
CA SER A 22 -9.45 2.44 3.77
C SER A 22 -9.94 2.79 2.37
N ILE A 23 -9.56 1.98 1.41
CA ILE A 23 -9.96 2.20 0.04
C ILE A 23 -10.51 0.91 -0.54
N LEU A 24 -11.32 1.01 -1.56
CA LEU A 24 -11.83 -0.16 -2.23
C LEU A 24 -11.10 -0.36 -3.53
N ALA A 25 -10.47 -1.49 -3.70
CA ALA A 25 -9.67 -1.74 -4.89
C ALA A 25 -9.90 -3.14 -5.41
N GLU A 26 -9.85 -3.28 -6.72
CA GLU A 26 -10.04 -4.56 -7.38
C GLU A 26 -8.69 -5.17 -7.71
N ILE A 27 -8.62 -6.50 -7.76
CA ILE A 27 -7.35 -7.17 -8.03
C ILE A 27 -6.85 -6.90 -9.45
N ASN A 28 -7.78 -6.68 -10.36
CA ASN A 28 -7.42 -6.39 -11.74
C ASN A 28 -7.34 -4.89 -11.96
N GLU A 29 -7.32 -4.14 -10.86
CA GLU A 29 -7.21 -2.73 -10.91
C GLU A 29 -5.76 -2.32 -10.64
N ASN A 30 -5.27 -1.37 -11.40
CA ASN A 30 -3.87 -0.98 -11.33
C ASN A 30 -3.57 -0.13 -10.11
N ALA A 31 -2.29 -0.01 -9.82
CA ALA A 31 -1.82 0.76 -8.69
C ALA A 31 -2.17 2.24 -8.81
N ASP A 32 -2.39 2.71 -10.04
CA ASP A 32 -2.79 4.11 -10.26
C ASP A 32 -4.11 4.41 -9.59
N ARG A 33 -5.06 3.52 -9.77
CA ARG A 33 -6.38 3.68 -9.20
C ARG A 33 -6.31 3.52 -7.69
N ILE A 34 -5.55 2.51 -7.26
CA ILE A 34 -5.39 2.22 -5.85
C ILE A 34 -4.70 3.40 -5.13
N LEU A 35 -3.61 3.86 -5.72
CA LEU A 35 -2.84 4.98 -5.20
C LEU A 35 -3.69 6.23 -5.21
N GLY A 36 -4.38 6.45 -6.31
CA GLY A 36 -5.20 7.63 -6.46
C GLY A 36 -6.35 7.67 -5.49
N ALA A 37 -6.95 6.52 -5.19
CA ALA A 37 -8.07 6.46 -4.26
C ALA A 37 -7.68 6.95 -2.88
N ALA A 38 -6.58 6.41 -2.36
CA ALA A 38 -6.09 6.78 -1.05
C ALA A 38 -5.55 8.20 -1.05
N LEU A 39 -4.86 8.54 -2.12
CA LEU A 39 -4.27 9.86 -2.29
C LEU A 39 -5.36 10.94 -2.36
N GLU A 40 -6.47 10.60 -3.01
CA GLU A 40 -7.64 11.48 -3.13
C GLU A 40 -8.29 11.73 -1.77
N LYS A 41 -8.13 10.76 -0.86
CA LYS A 41 -8.64 10.90 0.50
C LYS A 41 -8.01 12.11 1.18
N TYR A 42 -6.78 12.43 0.79
CA TYR A 42 -6.08 13.58 1.33
C TYR A 42 -6.14 14.74 0.34
N GLY A 43 -6.82 14.53 -0.79
CA GLY A 43 -6.95 15.55 -1.82
C GLY A 43 -5.64 15.85 -2.51
N LEU A 44 -4.75 14.88 -2.56
CA LEU A 44 -3.43 15.08 -3.13
C LEU A 44 -3.23 14.27 -4.43
N GLU A 45 -4.33 13.92 -5.10
CA GLU A 45 -4.26 13.07 -6.29
C GLU A 45 -3.41 13.71 -7.41
N HIS A 46 -3.41 15.04 -7.47
CA HIS A 46 -2.65 15.74 -8.50
C HIS A 46 -1.13 15.63 -8.23
N SER A 47 -0.78 15.34 -6.99
CA SER A 47 0.62 15.21 -6.60
C SER A 47 1.12 13.78 -6.77
N LYS A 48 0.27 12.92 -7.37
CA LYS A 48 0.56 11.48 -7.54
C LYS A 48 1.86 11.23 -8.30
N ASP A 49 2.36 12.23 -8.96
CA ASP A 49 3.55 12.14 -9.78
C ASP A 49 4.77 11.74 -8.96
N ASP A 50 4.83 12.19 -7.72
CA ASP A 50 5.99 11.94 -6.88
C ASP A 50 5.70 10.90 -5.77
N PHE A 51 4.62 10.14 -5.91
CA PHE A 51 4.27 9.12 -4.91
C PHE A 51 4.02 7.76 -5.56
N ILE A 52 4.33 6.70 -4.82
CA ILE A 52 4.13 5.33 -5.29
C ILE A 52 3.61 4.45 -4.14
N LEU A 53 3.20 3.25 -4.47
CA LEU A 53 2.69 2.32 -3.46
C LEU A 53 3.74 1.31 -3.09
N VAL A 54 3.81 0.97 -1.83
CA VAL A 54 4.72 -0.06 -1.37
C VAL A 54 3.95 -1.14 -0.63
N GLU A 55 4.16 -2.37 -1.02
CA GLU A 55 3.48 -3.49 -0.39
C GLU A 55 4.29 -3.96 0.81
N VAL A 56 3.60 -4.20 1.93
CA VAL A 56 4.29 -4.56 3.15
C VAL A 56 3.66 -5.81 3.81
N SER A 57 4.47 -6.86 3.98
CA SER A 57 4.09 -8.06 4.74
C SER A 57 4.05 -7.68 6.22
N ASN A 58 3.16 -8.28 6.99
CA ASN A 58 3.07 -7.93 8.39
C ASN A 58 4.08 -8.68 9.22
N ASP A 59 5.26 -8.09 9.35
CA ASP A 59 6.34 -8.68 10.12
C ASP A 59 7.13 -7.61 10.84
N ASP A 60 8.11 -7.02 10.12
CA ASP A 60 9.00 -5.98 10.69
C ASP A 60 9.66 -6.54 11.95
N ASP A 61 9.96 -7.87 11.91
CA ASP A 61 10.34 -8.65 13.11
C ASP A 61 9.07 -8.80 13.92
N ARG A 62 8.61 -7.66 14.35
CA ARG A 62 7.35 -7.44 14.91
C ARG A 62 7.28 -6.02 15.36
N LYS A 63 7.05 -5.14 14.39
CA LYS A 63 6.85 -3.73 14.66
C LYS A 63 8.08 -3.15 15.36
N SER A 64 9.25 -3.56 14.88
CA SER A 64 10.50 -3.15 15.49
C SER A 64 11.57 -2.90 14.42
N MET A 65 11.86 -3.92 13.61
CA MET A 65 12.86 -3.80 12.55
C MET A 65 12.48 -2.71 11.57
N SER A 66 11.25 -2.78 11.11
CA SER A 66 10.73 -1.78 10.21
C SER A 66 9.83 -0.82 10.96
N ASP A 67 9.35 -1.29 12.13
CA ASP A 67 8.42 -0.51 12.97
C ASP A 67 7.11 -0.24 12.25
N LEU A 68 7.12 0.82 11.46
CA LEU A 68 5.98 1.31 10.66
C LEU A 68 6.40 2.60 10.01
N ARG A 69 7.09 3.40 10.80
CA ARG A 69 7.59 4.68 10.33
C ARG A 69 8.76 4.46 9.39
N GLU A 70 8.65 5.06 8.22
CA GLU A 70 9.60 4.92 7.14
C GLU A 70 9.65 3.47 6.65
N ILE A 71 8.90 3.21 5.61
CA ILE A 71 8.79 1.87 5.06
C ILE A 71 9.56 1.73 3.76
N ASP A 72 10.38 0.70 3.71
CA ASP A 72 11.13 0.37 2.50
C ASP A 72 10.22 -0.39 1.53
N GLY A 73 9.77 -1.57 1.98
CA GLY A 73 8.83 -2.39 1.21
C GLY A 73 9.28 -2.68 -0.21
N ARG A 74 8.33 -2.84 -1.10
CA ARG A 74 8.61 -3.06 -2.50
C ARG A 74 7.98 -1.94 -3.32
N PRO A 75 8.80 -1.18 -4.08
CA PRO A 75 8.30 -0.07 -4.89
C PRO A 75 7.38 -0.53 -6.01
N ILE A 76 6.15 -0.07 -5.96
CA ILE A 76 5.16 -0.45 -6.94
C ILE A 76 4.59 0.78 -7.66
N PRO A 77 5.04 1.04 -8.89
CA PRO A 77 4.53 2.13 -9.71
C PRO A 77 3.05 1.94 -10.08
N PRO A 78 2.34 3.05 -10.33
CA PRO A 78 0.89 3.04 -10.64
C PRO A 78 0.52 2.17 -11.84
N THR A 79 1.46 2.02 -12.72
CA THR A 79 1.26 1.29 -13.96
C THR A 79 0.91 -0.21 -13.71
N GLU A 80 1.58 -0.81 -12.73
CA GLU A 80 1.43 -2.25 -12.41
C GLU A 80 0.19 -2.54 -11.54
N CYS A 81 -0.29 -3.79 -11.58
CA CYS A 81 -1.39 -4.25 -10.71
C CYS A 81 -0.81 -5.22 -9.66
N PRO A 82 -0.42 -4.70 -8.49
CA PRO A 82 0.28 -5.49 -7.45
C PRO A 82 -0.58 -6.56 -6.78
N LEU A 83 -1.91 -6.45 -6.87
CA LEU A 83 -2.79 -7.35 -6.13
C LEU A 83 -2.67 -8.82 -6.54
N PHE A 84 -2.30 -9.07 -7.79
CA PHE A 84 -2.11 -10.44 -8.24
C PHE A 84 -1.04 -11.13 -7.40
N GLU A 85 0.04 -10.43 -7.14
CA GLU A 85 1.10 -10.97 -6.31
C GLU A 85 0.75 -10.82 -4.85
N MET A 86 0.06 -9.74 -4.52
CA MET A 86 -0.36 -9.44 -3.17
C MET A 86 -1.24 -10.56 -2.59
N THR A 87 -2.15 -11.04 -3.40
CA THR A 87 -3.03 -12.09 -2.96
C THR A 87 -2.34 -13.47 -2.88
N ALA A 88 -1.56 -13.82 -3.89
CA ALA A 88 -0.94 -15.15 -3.94
C ALA A 88 0.49 -15.19 -3.37
N ARG A 89 1.41 -14.48 -4.02
CA ARG A 89 2.82 -14.49 -3.62
C ARG A 89 3.06 -13.83 -2.26
N SER A 90 2.31 -12.79 -1.97
CA SER A 90 2.48 -12.07 -0.74
C SER A 90 2.01 -12.87 0.45
N GLY A 91 2.05 -12.27 1.61
CA GLY A 91 1.72 -12.97 2.81
C GLY A 91 2.90 -13.74 3.31
N ASN A 92 4.06 -13.16 3.15
CA ASN A 92 5.30 -13.76 3.60
C ASN A 92 5.75 -13.09 4.88
N GLY A 93 4.84 -12.32 5.47
CA GLY A 93 5.12 -11.64 6.71
C GLY A 93 4.78 -12.50 7.88
N GLU A 94 3.56 -12.97 7.89
CA GLU A 94 3.06 -13.78 8.95
C GLU A 94 2.79 -15.19 8.42
N ASN A 95 1.77 -15.34 7.59
CA ASN A 95 1.45 -16.65 7.04
C ASN A 95 0.64 -16.57 5.75
N GLY A 96 0.35 -15.37 5.26
CA GLY A 96 -0.49 -15.28 4.08
C GLY A 96 -1.45 -14.13 4.12
N PHE A 97 -1.46 -13.35 3.02
CA PHE A 97 -2.29 -12.15 2.88
C PHE A 97 -2.24 -11.26 4.12
N ASP A 98 -1.11 -11.32 4.80
CA ASP A 98 -0.85 -10.50 5.98
C ASP A 98 -0.23 -9.22 5.53
N SER A 99 -0.26 -9.01 4.26
CA SER A 99 0.33 -7.88 3.65
C SER A 99 -0.69 -6.79 3.43
N PHE A 100 -0.22 -5.58 3.49
CA PHE A 100 -1.03 -4.44 3.23
C PHE A 100 -0.31 -3.55 2.26
N LEU A 101 -1.00 -2.57 1.74
CA LEU A 101 -0.41 -1.70 0.78
C LEU A 101 -0.36 -0.27 1.31
N ALA A 102 0.84 0.28 1.36
CA ALA A 102 1.05 1.60 1.91
C ALA A 102 1.50 2.59 0.85
N ILE A 103 1.44 3.86 1.18
CA ILE A 103 1.85 4.91 0.26
C ILE A 103 3.17 5.51 0.71
N LYS A 104 4.14 5.50 -0.17
CA LYS A 104 5.42 6.08 0.13
C LYS A 104 5.84 7.04 -0.95
N ARG A 105 6.62 8.00 -0.55
CA ARG A 105 7.06 9.03 -1.46
C ARG A 105 8.19 8.49 -2.32
N LYS A 106 8.05 8.62 -3.62
CA LYS A 106 9.05 8.13 -4.57
C LYS A 106 10.35 8.95 -4.47
N PRO A 107 11.44 8.31 -4.01
CA PRO A 107 12.73 8.95 -3.85
C PRO A 107 13.53 9.00 -5.16
N HIS A 108 14.72 9.58 -5.08
CA HIS A 108 15.58 9.69 -6.23
C HIS A 108 16.65 8.60 -6.23
N SER A 1 -8.72 -16.82 -3.15
CA SER A 1 -8.94 -16.51 -1.73
C SER A 1 -9.87 -15.31 -1.58
N MET A 2 -10.26 -15.02 -0.35
CA MET A 2 -11.19 -13.93 -0.07
C MET A 2 -10.52 -12.57 -0.22
N PHE A 3 -10.70 -11.96 -1.38
CA PHE A 3 -10.14 -10.64 -1.63
C PHE A 3 -10.77 -9.60 -0.70
N GLY A 4 -12.09 -9.67 -0.56
CA GLY A 4 -12.80 -8.75 0.30
C GLY A 4 -13.29 -7.53 -0.46
N GLY A 5 -12.37 -6.68 -0.87
CA GLY A 5 -12.72 -5.50 -1.61
C GLY A 5 -12.10 -4.25 -1.02
N SER A 6 -11.99 -4.22 0.29
CA SER A 6 -11.40 -3.09 0.96
C SER A 6 -9.93 -3.35 1.24
N LEU A 7 -9.10 -2.36 1.02
CA LEU A 7 -7.69 -2.49 1.26
C LEU A 7 -7.24 -1.63 2.41
N LYS A 8 -6.42 -2.23 3.25
CA LYS A 8 -5.82 -1.52 4.34
C LYS A 8 -4.60 -0.82 3.79
N VAL A 9 -4.68 0.48 3.69
CA VAL A 9 -3.66 1.25 3.06
C VAL A 9 -3.00 2.20 4.06
N TYR A 10 -1.69 2.19 4.09
CA TYR A 10 -0.94 2.98 5.06
C TYR A 10 -0.24 4.16 4.39
N GLY A 11 -0.63 5.37 4.81
CA GLY A 11 0.00 6.57 4.30
C GLY A 11 1.13 7.00 5.21
N GLY A 12 0.92 6.75 6.51
CA GLY A 12 1.92 7.00 7.54
C GLY A 12 2.64 8.34 7.48
N GLU A 13 3.75 8.35 6.77
CA GLU A 13 4.63 9.51 6.69
C GLU A 13 3.98 10.69 5.98
N ILE A 14 3.24 10.40 4.94
CA ILE A 14 2.61 11.44 4.15
C ILE A 14 1.56 12.20 4.96
N VAL A 15 0.74 11.45 5.69
CA VAL A 15 -0.29 12.06 6.50
C VAL A 15 -0.27 11.46 7.91
N PRO A 16 0.53 12.07 8.81
CA PRO A 16 0.67 11.61 10.19
C PRO A 16 -0.64 11.62 10.97
N THR A 17 -1.57 12.47 10.57
CA THR A 17 -2.86 12.57 11.26
C THR A 17 -3.80 11.44 10.85
N ARG A 18 -3.38 10.64 9.88
CA ARG A 18 -4.16 9.49 9.43
C ARG A 18 -3.23 8.44 8.83
N PRO A 19 -2.53 7.69 9.71
CA PRO A 19 -1.60 6.64 9.30
C PRO A 19 -2.23 5.61 8.36
N TYR A 20 -3.44 5.18 8.67
CA TYR A 20 -4.12 4.16 7.88
C TYR A 20 -5.41 4.68 7.28
N VAL A 21 -5.70 4.23 6.08
CA VAL A 21 -6.91 4.56 5.38
C VAL A 21 -7.46 3.29 4.74
N SER A 22 -8.73 3.31 4.46
CA SER A 22 -9.39 2.16 3.86
C SER A 22 -9.90 2.54 2.49
N ILE A 23 -9.50 1.79 1.48
CA ILE A 23 -9.89 2.11 0.13
C ILE A 23 -10.55 0.91 -0.53
N LEU A 24 -11.27 1.16 -1.60
CA LEU A 24 -11.93 0.12 -2.34
C LEU A 24 -11.26 -0.02 -3.70
N ALA A 25 -10.83 -1.22 -4.03
CA ALA A 25 -10.16 -1.48 -5.28
C ALA A 25 -10.46 -2.87 -5.79
N GLU A 26 -10.50 -3.01 -7.09
CA GLU A 26 -10.69 -4.31 -7.71
C GLU A 26 -9.32 -4.88 -8.04
N ILE A 27 -9.21 -6.19 -8.03
CA ILE A 27 -7.92 -6.83 -8.29
C ILE A 27 -7.42 -6.54 -9.71
N ASN A 28 -8.35 -6.28 -10.61
CA ASN A 28 -8.00 -6.00 -11.99
C ASN A 28 -7.50 -4.56 -12.14
N GLU A 29 -7.59 -3.78 -11.08
CA GLU A 29 -7.14 -2.40 -11.13
C GLU A 29 -5.65 -2.30 -10.85
N ASN A 30 -5.00 -1.43 -11.59
CA ASN A 30 -3.56 -1.24 -11.44
C ASN A 30 -3.26 -0.38 -10.23
N ALA A 31 -1.99 -0.25 -9.92
CA ALA A 31 -1.54 0.52 -8.78
C ALA A 31 -1.95 1.98 -8.88
N ASP A 32 -2.12 2.49 -10.10
CA ASP A 32 -2.50 3.90 -10.28
C ASP A 32 -3.88 4.14 -9.69
N ARG A 33 -4.78 3.17 -9.86
CA ARG A 33 -6.11 3.26 -9.30
C ARG A 33 -6.10 3.15 -7.80
N ILE A 34 -5.33 2.21 -7.29
CA ILE A 34 -5.18 2.00 -5.87
C ILE A 34 -4.53 3.22 -5.21
N LEU A 35 -3.48 3.72 -5.85
CA LEU A 35 -2.76 4.89 -5.40
C LEU A 35 -3.69 6.09 -5.43
N GLY A 36 -4.43 6.22 -6.51
CA GLY A 36 -5.34 7.32 -6.67
C GLY A 36 -6.49 7.28 -5.68
N ALA A 37 -7.00 6.10 -5.42
CA ALA A 37 -8.11 5.93 -4.47
C ALA A 37 -7.73 6.44 -3.09
N ALA A 38 -6.60 5.99 -2.59
CA ALA A 38 -6.13 6.39 -1.27
C ALA A 38 -5.73 7.85 -1.27
N LEU A 39 -5.08 8.27 -2.34
CA LEU A 39 -4.59 9.63 -2.49
C LEU A 39 -5.77 10.61 -2.51
N GLU A 40 -6.84 10.19 -3.17
CA GLU A 40 -8.08 10.97 -3.28
C GLU A 40 -8.69 11.20 -1.91
N LYS A 41 -8.56 10.22 -1.02
CA LYS A 41 -9.13 10.33 0.32
C LYS A 41 -8.49 11.49 1.07
N TYR A 42 -7.19 11.67 0.87
CA TYR A 42 -6.48 12.76 1.53
C TYR A 42 -6.60 14.06 0.71
N GLY A 43 -7.21 13.96 -0.46
CA GLY A 43 -7.38 15.12 -1.31
C GLY A 43 -6.08 15.56 -1.98
N LEU A 44 -5.13 14.64 -2.04
CA LEU A 44 -3.81 14.94 -2.60
C LEU A 44 -3.67 14.35 -4.00
N GLU A 45 -4.81 14.13 -4.65
CA GLU A 45 -4.86 13.50 -5.98
C GLU A 45 -3.97 14.22 -7.01
N HIS A 46 -3.71 15.50 -6.79
CA HIS A 46 -2.92 16.30 -7.73
C HIS A 46 -1.42 16.05 -7.57
N SER A 47 -1.03 15.38 -6.49
CA SER A 47 0.39 15.14 -6.21
C SER A 47 0.76 13.67 -6.45
N LYS A 48 0.00 12.97 -7.27
CA LYS A 48 0.22 11.52 -7.50
C LYS A 48 1.60 11.24 -8.08
N ASP A 49 2.09 12.16 -8.89
CA ASP A 49 3.38 11.99 -9.57
C ASP A 49 4.53 11.80 -8.58
N ASP A 50 4.38 12.36 -7.39
CA ASP A 50 5.43 12.31 -6.37
C ASP A 50 5.37 11.03 -5.53
N PHE A 51 4.34 10.19 -5.72
CA PHE A 51 4.18 9.02 -4.86
C PHE A 51 4.03 7.71 -5.65
N ILE A 52 4.43 6.62 -5.00
CA ILE A 52 4.27 5.27 -5.52
C ILE A 52 3.79 4.36 -4.40
N LEU A 53 3.45 3.14 -4.72
CA LEU A 53 2.96 2.21 -3.72
C LEU A 53 4.06 1.25 -3.31
N VAL A 54 4.14 0.96 -2.04
CA VAL A 54 5.10 0.01 -1.54
C VAL A 54 4.41 -1.05 -0.68
N GLU A 55 4.69 -2.29 -0.99
CA GLU A 55 4.08 -3.39 -0.26
C GLU A 55 4.93 -3.74 0.95
N VAL A 56 4.30 -3.72 2.11
CA VAL A 56 4.98 -4.03 3.36
C VAL A 56 4.09 -4.92 4.24
N SER A 57 4.66 -5.94 4.84
CA SER A 57 3.94 -6.77 5.79
C SER A 57 4.26 -6.28 7.21
N ASN A 58 3.44 -6.61 8.19
CA ASN A 58 3.66 -6.13 9.56
C ASN A 58 4.60 -7.06 10.31
N ASP A 59 5.16 -8.01 9.61
CA ASP A 59 6.04 -8.99 10.21
C ASP A 59 7.45 -8.45 10.34
N ASP A 60 7.70 -7.68 11.41
CA ASP A 60 9.05 -7.13 11.70
C ASP A 60 9.65 -6.41 10.50
N ASP A 61 9.45 -5.09 10.45
CA ASP A 61 9.95 -4.23 9.36
C ASP A 61 9.16 -4.45 8.10
N ARG A 62 9.17 -5.68 7.63
CA ARG A 62 8.48 -6.04 6.41
C ARG A 62 8.34 -7.54 6.27
N LYS A 63 9.26 -8.28 6.89
CA LYS A 63 9.26 -9.72 6.75
C LYS A 63 10.01 -10.42 7.88
N SER A 64 11.19 -9.91 8.22
CA SER A 64 11.98 -10.49 9.30
C SER A 64 12.98 -9.48 9.87
N MET A 65 12.89 -9.27 11.18
CA MET A 65 13.78 -8.36 11.92
C MET A 65 13.83 -6.96 11.28
N SER A 66 14.94 -6.23 11.49
CA SER A 66 15.12 -4.85 10.99
C SER A 66 14.23 -3.85 11.76
N ASP A 67 12.95 -4.20 11.93
CA ASP A 67 11.97 -3.36 12.64
C ASP A 67 11.63 -2.11 11.84
N LEU A 68 10.36 -1.96 11.51
CA LEU A 68 9.89 -0.84 10.69
C LEU A 68 9.94 0.50 11.43
N ARG A 69 11.14 1.02 11.62
CA ARG A 69 11.33 2.35 12.17
C ARG A 69 10.88 3.35 11.12
N GLU A 70 11.17 3.02 9.88
CA GLU A 70 10.77 3.78 8.74
C GLU A 70 10.00 2.87 7.80
N ILE A 71 9.00 3.39 7.12
CA ILE A 71 8.23 2.57 6.22
C ILE A 71 8.93 2.46 4.86
N ASP A 72 9.07 1.24 4.41
CA ASP A 72 9.69 0.95 3.15
C ASP A 72 9.37 -0.48 2.78
N GLY A 73 9.12 -0.71 1.51
CA GLY A 73 8.76 -2.05 1.09
C GLY A 73 9.14 -2.32 -0.34
N ARG A 74 8.29 -3.05 -1.03
CA ARG A 74 8.53 -3.38 -2.41
C ARG A 74 8.00 -2.27 -3.32
N PRO A 75 8.89 -1.63 -4.11
CA PRO A 75 8.50 -0.53 -5.01
C PRO A 75 7.53 -0.98 -6.08
N ILE A 76 6.33 -0.44 -6.01
CA ILE A 76 5.28 -0.76 -6.96
C ILE A 76 4.78 0.51 -7.66
N PRO A 77 5.25 0.74 -8.89
CA PRO A 77 4.80 1.88 -9.71
C PRO A 77 3.31 1.76 -10.08
N PRO A 78 2.68 2.90 -10.45
CA PRO A 78 1.24 2.96 -10.76
C PRO A 78 0.81 1.98 -11.87
N THR A 79 1.70 1.73 -12.81
CA THR A 79 1.39 0.86 -13.92
C THR A 79 1.42 -0.63 -13.55
N GLU A 80 1.96 -0.94 -12.38
CA GLU A 80 2.02 -2.31 -11.90
C GLU A 80 0.66 -2.73 -11.31
N CYS A 81 0.39 -4.04 -11.30
CA CYS A 81 -0.84 -4.56 -10.72
C CYS A 81 -0.50 -5.41 -9.48
N PRO A 82 -0.32 -4.76 -8.31
CA PRO A 82 0.13 -5.43 -7.09
C PRO A 82 -0.86 -6.46 -6.53
N LEU A 83 -2.14 -6.27 -6.80
CA LEU A 83 -3.16 -7.15 -6.24
C LEU A 83 -3.06 -8.57 -6.74
N PHE A 84 -2.74 -8.74 -8.01
CA PHE A 84 -2.57 -10.08 -8.57
C PHE A 84 -1.52 -10.84 -7.78
N GLU A 85 -0.42 -10.18 -7.51
CA GLU A 85 0.65 -10.77 -6.73
C GLU A 85 0.29 -10.88 -5.25
N MET A 86 -0.30 -9.82 -4.68
CA MET A 86 -0.61 -9.81 -3.23
C MET A 86 -1.62 -10.88 -2.86
N THR A 87 -2.64 -11.04 -3.67
CA THR A 87 -3.68 -12.01 -3.40
C THR A 87 -3.13 -13.45 -3.42
N ALA A 88 -2.32 -13.78 -4.42
CA ALA A 88 -1.78 -15.13 -4.58
C ALA A 88 -0.54 -15.39 -3.72
N ARG A 89 0.32 -14.39 -3.62
CA ARG A 89 1.58 -14.54 -2.90
C ARG A 89 1.47 -14.12 -1.43
N SER A 90 0.26 -13.89 -0.99
CA SER A 90 0.01 -13.51 0.39
C SER A 90 0.55 -14.56 1.37
N GLY A 91 1.14 -14.10 2.44
CA GLY A 91 1.69 -14.98 3.45
C GLY A 91 2.51 -14.24 4.47
N ASN A 92 3.76 -14.66 4.62
CA ASN A 92 4.71 -14.05 5.57
C ASN A 92 4.35 -14.35 7.03
N GLY A 93 3.19 -13.88 7.47
CA GLY A 93 2.79 -14.12 8.83
C GLY A 93 1.61 -13.29 9.27
N GLU A 94 1.64 -12.01 8.94
CA GLU A 94 0.57 -11.10 9.29
C GLU A 94 -0.75 -11.54 8.67
N ASN A 95 -1.86 -11.21 9.32
CA ASN A 95 -3.17 -11.61 8.82
C ASN A 95 -3.93 -10.43 8.22
N GLY A 96 -3.23 -9.33 7.98
CA GLY A 96 -3.86 -8.18 7.37
C GLY A 96 -3.65 -8.20 5.89
N PHE A 97 -4.34 -9.15 5.23
CA PHE A 97 -4.13 -9.43 3.80
C PHE A 97 -2.74 -10.07 3.66
N ASP A 98 -2.19 -10.46 4.83
CA ASP A 98 -0.84 -11.02 4.94
C ASP A 98 0.22 -9.94 4.73
N SER A 99 0.00 -9.15 3.71
CA SER A 99 0.83 -8.02 3.40
C SER A 99 -0.08 -6.82 3.14
N PHE A 100 0.38 -5.63 3.46
CA PHE A 100 -0.43 -4.45 3.23
C PHE A 100 0.27 -3.54 2.25
N LEU A 101 -0.46 -2.62 1.70
CA LEU A 101 0.08 -1.75 0.72
C LEU A 101 0.12 -0.32 1.25
N ALA A 102 1.29 0.27 1.23
CA ALA A 102 1.49 1.60 1.74
C ALA A 102 1.88 2.55 0.64
N ILE A 103 1.78 3.83 0.90
CA ILE A 103 2.12 4.84 -0.06
C ILE A 103 3.37 5.59 0.39
N LYS A 104 4.34 5.71 -0.49
CA LYS A 104 5.53 6.45 -0.19
C LYS A 104 5.82 7.38 -1.30
N ARG A 105 6.65 8.33 -1.04
CA ARG A 105 7.01 9.25 -2.07
C ARG A 105 8.28 8.77 -2.73
N LYS A 106 8.20 8.53 -4.00
CA LYS A 106 9.35 8.09 -4.78
C LYS A 106 10.56 9.00 -4.59
N PRO A 107 11.76 8.42 -4.54
CA PRO A 107 13.02 9.16 -4.39
C PRO A 107 13.18 10.24 -5.46
N HIS A 108 12.81 9.90 -6.69
CA HIS A 108 12.91 10.83 -7.81
C HIS A 108 12.07 10.34 -8.97
N SER A 1 -9.24 -16.88 -6.03
CA SER A 1 -9.62 -16.07 -7.21
C SER A 1 -10.65 -15.00 -6.84
N MET A 2 -11.13 -15.04 -5.61
CA MET A 2 -12.14 -14.09 -5.16
C MET A 2 -11.49 -12.97 -4.37
N PHE A 3 -11.85 -11.75 -4.68
CA PHE A 3 -11.37 -10.62 -3.94
C PHE A 3 -12.53 -9.94 -3.24
N GLY A 4 -13.31 -9.14 -3.99
CA GLY A 4 -14.50 -8.47 -3.45
C GLY A 4 -14.30 -7.85 -2.09
N GLY A 5 -13.64 -6.71 -2.05
CA GLY A 5 -13.39 -6.07 -0.78
C GLY A 5 -12.76 -4.71 -0.93
N SER A 6 -12.25 -4.19 0.17
CA SER A 6 -11.59 -2.90 0.19
C SER A 6 -10.22 -3.03 0.85
N LEU A 7 -9.30 -2.17 0.50
CA LEU A 7 -7.95 -2.25 1.04
C LEU A 7 -7.69 -1.18 2.08
N LYS A 8 -7.04 -1.59 3.15
CA LYS A 8 -6.59 -0.66 4.16
C LYS A 8 -5.21 -0.17 3.75
N VAL A 9 -5.17 1.03 3.28
CA VAL A 9 -3.98 1.59 2.70
C VAL A 9 -3.29 2.49 3.69
N TYR A 10 -2.01 2.26 3.90
CA TYR A 10 -1.24 3.01 4.87
C TYR A 10 -0.65 4.26 4.24
N GLY A 11 -1.02 5.41 4.79
CA GLY A 11 -0.55 6.69 4.29
C GLY A 11 0.37 7.38 5.26
N GLY A 12 1.10 6.58 6.03
CA GLY A 12 2.05 7.11 6.99
C GLY A 12 3.12 7.95 6.31
N GLU A 13 3.90 8.69 7.12
CA GLU A 13 4.95 9.60 6.62
C GLU A 13 4.33 10.86 6.02
N ILE A 14 3.18 10.72 5.40
CA ILE A 14 2.49 11.85 4.84
C ILE A 14 1.52 12.43 5.86
N VAL A 15 0.62 11.59 6.38
CA VAL A 15 -0.34 12.01 7.38
C VAL A 15 -0.35 11.04 8.56
N PRO A 16 0.36 11.37 9.66
CA PRO A 16 0.47 10.51 10.85
C PRO A 16 -0.85 10.37 11.62
N THR A 17 -1.74 11.34 11.46
CA THR A 17 -3.02 11.31 12.17
C THR A 17 -4.02 10.38 11.45
N ARG A 18 -3.63 9.91 10.28
CA ARG A 18 -4.47 9.02 9.50
C ARG A 18 -3.61 7.93 8.87
N PRO A 19 -3.11 6.98 9.71
CA PRO A 19 -2.20 5.92 9.26
C PRO A 19 -2.81 5.03 8.18
N TYR A 20 -4.06 4.65 8.34
CA TYR A 20 -4.71 3.80 7.38
C TYR A 20 -5.97 4.43 6.84
N VAL A 21 -6.18 4.25 5.56
CA VAL A 21 -7.34 4.72 4.88
C VAL A 21 -7.99 3.57 4.15
N SER A 22 -9.24 3.68 3.89
CA SER A 22 -9.97 2.63 3.23
C SER A 22 -10.20 3.02 1.78
N ILE A 23 -9.74 2.19 0.88
CA ILE A 23 -9.91 2.48 -0.53
C ILE A 23 -10.72 1.38 -1.19
N LEU A 24 -11.42 1.74 -2.25
CA LEU A 24 -12.19 0.79 -2.97
C LEU A 24 -11.45 0.38 -4.23
N ALA A 25 -10.94 -0.83 -4.23
CA ALA A 25 -10.20 -1.35 -5.34
C ALA A 25 -10.25 -2.86 -5.32
N GLU A 26 -10.36 -3.47 -6.48
CA GLU A 26 -10.41 -4.92 -6.55
C GLU A 26 -9.17 -5.44 -7.26
N ILE A 27 -9.00 -6.75 -7.27
CA ILE A 27 -7.79 -7.37 -7.78
C ILE A 27 -7.50 -7.09 -9.26
N ASN A 28 -8.53 -6.90 -10.04
CA ASN A 28 -8.36 -6.64 -11.46
C ASN A 28 -7.92 -5.19 -11.71
N GLU A 29 -7.91 -4.39 -10.65
CA GLU A 29 -7.48 -3.00 -10.77
C GLU A 29 -5.99 -2.88 -10.54
N ASN A 30 -5.40 -1.93 -11.21
CA ASN A 30 -3.97 -1.69 -11.11
C ASN A 30 -3.70 -0.78 -9.93
N ALA A 31 -2.44 -0.50 -9.71
CA ALA A 31 -2.03 0.37 -8.62
C ALA A 31 -2.47 1.81 -8.84
N ASP A 32 -2.85 2.15 -10.08
CA ASP A 32 -3.31 3.49 -10.40
C ASP A 32 -4.57 3.82 -9.62
N ARG A 33 -5.46 2.85 -9.51
CA ARG A 33 -6.69 3.05 -8.84
C ARG A 33 -6.43 3.14 -7.35
N ILE A 34 -5.58 2.26 -6.87
CA ILE A 34 -5.23 2.20 -5.48
C ILE A 34 -4.53 3.48 -5.02
N LEU A 35 -3.51 3.89 -5.76
CA LEU A 35 -2.77 5.10 -5.43
C LEU A 35 -3.63 6.33 -5.54
N GLY A 36 -4.38 6.40 -6.63
CA GLY A 36 -5.21 7.56 -6.86
C GLY A 36 -6.30 7.72 -5.82
N ALA A 37 -6.95 6.62 -5.47
CA ALA A 37 -8.02 6.67 -4.48
C ALA A 37 -7.49 7.08 -3.11
N ALA A 38 -6.41 6.45 -2.69
CA ALA A 38 -5.82 6.73 -1.38
C ALA A 38 -5.30 8.15 -1.31
N LEU A 39 -4.55 8.54 -2.34
CA LEU A 39 -3.95 9.86 -2.41
C LEU A 39 -5.05 10.92 -2.45
N GLU A 40 -6.15 10.58 -3.11
CA GLU A 40 -7.31 11.45 -3.20
C GLU A 40 -7.86 11.77 -1.83
N LYS A 41 -7.95 10.74 -0.99
CA LYS A 41 -8.50 10.89 0.35
C LYS A 41 -7.63 11.81 1.19
N TYR A 42 -6.30 11.70 1.00
CA TYR A 42 -5.35 12.55 1.72
C TYR A 42 -5.29 13.96 1.12
N GLY A 43 -5.95 14.17 -0.01
CA GLY A 43 -6.01 15.49 -0.62
C GLY A 43 -4.77 15.84 -1.45
N LEU A 44 -4.08 14.83 -1.95
CA LEU A 44 -2.88 15.07 -2.75
C LEU A 44 -3.05 14.48 -4.15
N GLU A 45 -4.30 14.29 -4.56
CA GLU A 45 -4.64 13.65 -5.85
C GLU A 45 -4.05 14.41 -7.04
N HIS A 46 -3.92 15.73 -6.90
CA HIS A 46 -3.47 16.57 -8.01
C HIS A 46 -1.95 16.50 -8.19
N SER A 47 -1.26 15.97 -7.19
CA SER A 47 0.18 15.80 -7.28
C SER A 47 0.52 14.43 -7.88
N LYS A 48 0.51 13.39 -7.02
CA LYS A 48 0.74 11.98 -7.42
C LYS A 48 2.14 11.67 -7.98
N ASP A 49 2.69 12.58 -8.75
CA ASP A 49 4.00 12.36 -9.38
C ASP A 49 5.12 12.37 -8.35
N ASP A 50 4.77 12.63 -7.11
CA ASP A 50 5.73 12.64 -6.03
C ASP A 50 5.63 11.33 -5.21
N PHE A 51 4.60 10.52 -5.47
CA PHE A 51 4.37 9.33 -4.65
C PHE A 51 4.15 8.07 -5.49
N ILE A 52 4.47 6.92 -4.89
CA ILE A 52 4.21 5.60 -5.49
C ILE A 52 3.76 4.64 -4.38
N LEU A 53 3.48 3.40 -4.73
CA LEU A 53 3.04 2.43 -3.74
C LEU A 53 4.17 1.49 -3.36
N VAL A 54 4.17 1.03 -2.14
CA VAL A 54 5.17 0.11 -1.65
C VAL A 54 4.53 -0.99 -0.80
N GLU A 55 5.19 -2.13 -0.73
CA GLU A 55 4.71 -3.23 0.11
C GLU A 55 5.43 -3.30 1.44
N VAL A 56 4.66 -3.26 2.50
CA VAL A 56 5.19 -3.35 3.84
C VAL A 56 4.73 -4.64 4.47
N SER A 57 5.66 -5.44 4.94
CA SER A 57 5.31 -6.69 5.57
C SER A 57 4.82 -6.47 6.97
N ASN A 58 3.77 -7.17 7.31
CA ASN A 58 3.21 -7.15 8.64
C ASN A 58 4.21 -7.71 9.63
N ASP A 59 4.89 -8.76 9.22
CA ASP A 59 5.89 -9.40 10.05
C ASP A 59 7.28 -8.98 9.61
N ASP A 60 7.56 -7.74 9.82
CA ASP A 60 8.82 -7.10 9.44
C ASP A 60 10.03 -7.69 10.18
N ASP A 61 9.91 -7.82 11.50
CA ASP A 61 11.02 -8.24 12.35
C ASP A 61 11.53 -9.63 11.98
N ARG A 62 10.63 -10.51 11.63
CA ARG A 62 11.01 -11.88 11.32
C ARG A 62 11.59 -12.00 9.90
N LYS A 63 11.36 -10.98 9.08
CA LYS A 63 11.84 -11.00 7.70
C LYS A 63 13.11 -10.17 7.52
N SER A 64 13.00 -8.88 7.80
CA SER A 64 14.11 -7.97 7.58
C SER A 64 14.86 -7.69 8.88
N MET A 65 14.23 -8.04 10.01
CA MET A 65 14.77 -7.75 11.36
C MET A 65 14.72 -6.25 11.63
N SER A 66 14.13 -5.54 10.71
CA SER A 66 13.96 -4.13 10.84
C SER A 66 12.48 -3.84 11.01
N ASP A 67 12.13 -3.36 12.19
CA ASP A 67 10.74 -3.04 12.51
C ASP A 67 10.21 -1.97 11.56
N LEU A 68 8.89 -1.85 11.50
CA LEU A 68 8.27 -0.91 10.61
C LEU A 68 8.15 0.43 11.29
N ARG A 69 9.27 1.07 11.42
CA ARG A 69 9.34 2.35 12.07
C ARG A 69 8.58 3.40 11.25
N GLU A 70 8.46 3.14 9.97
CA GLU A 70 7.68 3.97 9.09
C GLU A 70 6.92 3.12 8.06
N ILE A 71 7.55 2.83 6.93
CA ILE A 71 6.95 2.05 5.87
C ILE A 71 7.95 1.07 5.25
N ASP A 72 8.84 1.61 4.39
CA ASP A 72 9.82 0.80 3.64
C ASP A 72 9.10 -0.13 2.64
N GLY A 73 9.87 -0.94 1.94
CA GLY A 73 9.27 -1.86 1.00
C GLY A 73 9.87 -1.77 -0.38
N ARG A 74 9.16 -2.30 -1.37
CA ARG A 74 9.61 -2.27 -2.74
C ARG A 74 8.72 -1.33 -3.56
N PRO A 75 9.32 -0.54 -4.45
CA PRO A 75 8.59 0.43 -5.27
C PRO A 75 7.67 -0.21 -6.31
N ILE A 76 6.38 0.09 -6.19
CA ILE A 76 5.36 -0.42 -7.08
C ILE A 76 4.63 0.74 -7.79
N PRO A 77 4.94 0.98 -9.06
CA PRO A 77 4.30 2.03 -9.85
C PRO A 77 2.80 1.76 -10.09
N PRO A 78 2.03 2.84 -10.36
CA PRO A 78 0.57 2.76 -10.59
C PRO A 78 0.18 1.81 -11.73
N THR A 79 1.04 1.69 -12.70
CA THR A 79 0.75 0.87 -13.87
C THR A 79 0.99 -0.62 -13.62
N GLU A 80 1.35 -0.98 -12.40
CA GLU A 80 1.57 -2.37 -12.05
C GLU A 80 0.31 -2.96 -11.37
N CYS A 81 0.16 -4.29 -11.42
CA CYS A 81 -0.98 -4.97 -10.80
C CYS A 81 -0.49 -5.85 -9.64
N PRO A 82 -0.23 -5.26 -8.46
CA PRO A 82 0.34 -5.99 -7.32
C PRO A 82 -0.63 -6.95 -6.60
N LEU A 83 -1.93 -6.73 -6.79
CA LEU A 83 -2.94 -7.55 -6.08
C LEU A 83 -2.89 -9.01 -6.48
N PHE A 84 -2.66 -9.26 -7.76
CA PHE A 84 -2.55 -10.63 -8.26
C PHE A 84 -1.43 -11.38 -7.55
N GLU A 85 -0.34 -10.68 -7.28
CA GLU A 85 0.76 -11.28 -6.55
C GLU A 85 0.42 -11.45 -5.07
N MET A 86 -0.25 -10.45 -4.49
CA MET A 86 -0.59 -10.45 -3.06
C MET A 86 -1.52 -11.60 -2.68
N THR A 87 -2.51 -11.86 -3.51
CA THR A 87 -3.48 -12.91 -3.24
C THR A 87 -2.84 -14.30 -3.24
N ALA A 88 -1.80 -14.46 -4.03
CA ALA A 88 -1.08 -15.73 -4.08
C ALA A 88 -0.02 -15.81 -2.98
N ARG A 89 0.23 -14.68 -2.32
CA ARG A 89 1.22 -14.61 -1.24
C ARG A 89 0.54 -14.57 0.12
N SER A 90 -0.76 -14.78 0.14
CA SER A 90 -1.52 -14.74 1.38
C SER A 90 -1.07 -15.87 2.33
N GLY A 91 -0.99 -15.55 3.61
CA GLY A 91 -0.57 -16.53 4.58
C GLY A 91 -0.37 -15.91 5.94
N ASN A 92 0.77 -15.27 6.13
CA ASN A 92 1.07 -14.60 7.38
C ASN A 92 0.63 -13.15 7.26
N GLY A 93 0.77 -12.42 8.35
CA GLY A 93 0.39 -11.03 8.33
C GLY A 93 -1.04 -10.83 8.77
N GLU A 94 -1.22 -10.14 9.89
CA GLU A 94 -2.54 -9.88 10.42
C GLU A 94 -3.16 -8.65 9.75
N ASN A 95 -2.31 -7.71 9.32
CA ASN A 95 -2.80 -6.49 8.68
C ASN A 95 -3.44 -6.80 7.33
N GLY A 96 -2.71 -7.49 6.46
CA GLY A 96 -3.28 -7.88 5.19
C GLY A 96 -2.76 -9.22 4.73
N PHE A 97 -1.92 -9.18 3.73
CA PHE A 97 -1.28 -10.37 3.23
C PHE A 97 0.08 -10.46 3.89
N ASP A 98 1.05 -11.10 3.24
CA ASP A 98 2.42 -11.12 3.74
C ASP A 98 2.87 -9.67 3.90
N SER A 99 2.54 -8.89 2.91
CA SER A 99 2.81 -7.49 2.91
C SER A 99 1.54 -6.74 2.54
N PHE A 100 1.43 -5.52 3.01
CA PHE A 100 0.32 -4.69 2.67
C PHE A 100 0.79 -3.56 1.79
N LEU A 101 -0.11 -2.78 1.29
CA LEU A 101 0.24 -1.76 0.33
C LEU A 101 0.16 -0.37 0.96
N ALA A 102 1.25 0.37 0.87
CA ALA A 102 1.35 1.68 1.47
C ALA A 102 1.86 2.70 0.45
N ILE A 103 1.86 3.97 0.83
CA ILE A 103 2.31 5.04 -0.06
C ILE A 103 3.63 5.65 0.41
N LYS A 104 4.60 5.72 -0.48
CA LYS A 104 5.89 6.35 -0.21
C LYS A 104 6.20 7.33 -1.29
N ARG A 105 7.17 8.17 -1.04
CA ARG A 105 7.54 9.16 -2.01
C ARG A 105 8.59 8.59 -2.95
N LYS A 106 8.35 8.73 -4.24
CA LYS A 106 9.31 8.25 -5.22
C LYS A 106 10.52 9.17 -5.23
N PRO A 107 11.72 8.62 -5.53
CA PRO A 107 12.94 9.40 -5.57
C PRO A 107 12.93 10.41 -6.71
N HIS A 108 13.61 11.51 -6.51
CA HIS A 108 13.67 12.57 -7.50
C HIS A 108 15.11 12.88 -7.82
#